data_7ZL8
#
_entry.id   7ZL8
#
_cell.length_a   53.844
_cell.length_b   69.087
_cell.length_c   225.127
_cell.angle_alpha   90.000
_cell.angle_beta   89.720
_cell.angle_gamma   90.000
#
_symmetry.space_group_name_H-M   'P 1 21 1'
#
loop_
_entity.id
_entity.type
_entity.pdbx_description
1 polymer 'Nucleoside diphosphate kinase A'
2 non-polymer 'SUCCINYL-COENZYME A'
3 water water
#
_entity_poly.entity_id   1
_entity_poly.type   'polypeptide(L)'
_entity_poly.pdbx_seq_one_letter_code
;GAMAMANSERTFIAIKPDGVQRGLVGEIIKRFEQKGFRLVGLKFLQASEDLLKEHYTDLKDRPFFTGLVKYMHSGPVVAM
VWEGLNVVKTGRVMLGETNPADSKPGTIRGDFCIQVGRNIIHGSDSVKSAEKEISLWFQPEELVEYKSCAQNWIYE
;
_entity_poly.pdbx_strand_id   A,B,C,D,E,F,G,H,I,J,K,L
#
loop_
_chem_comp.id
_chem_comp.type
_chem_comp.name
_chem_comp.formula
SCA non-polymer 'SUCCINYL-COENZYME A' 'C25 H40 N7 O19 P3 S'
#
# COMPACT_ATOMS: atom_id res chain seq x y z
N MET A 5 -25.86 41.58 -2.57
CA MET A 5 -25.11 40.32 -2.63
C MET A 5 -25.64 39.32 -3.67
N ALA A 6 -24.82 39.16 -4.73
CA ALA A 6 -25.23 38.35 -5.87
C ALA A 6 -25.59 36.93 -5.46
N ASN A 7 -24.90 36.38 -4.46
CA ASN A 7 -25.13 35.00 -4.04
C ASN A 7 -26.44 34.82 -3.26
N SER A 8 -27.07 35.90 -2.83
CA SER A 8 -28.27 35.84 -2.02
C SER A 8 -29.53 35.95 -2.86
N GLU A 9 -29.41 36.12 -4.17
CA GLU A 9 -30.57 36.22 -5.05
C GLU A 9 -31.55 35.09 -4.79
N ARG A 10 -32.84 35.39 -4.93
CA ARG A 10 -33.92 34.44 -4.67
C ARG A 10 -34.82 34.30 -5.88
N THR A 11 -35.38 33.11 -6.08
CA THR A 11 -36.38 32.92 -7.11
C THR A 11 -37.53 32.12 -6.53
N PHE A 12 -38.71 32.35 -7.09
CA PHE A 12 -39.90 31.62 -6.70
C PHE A 12 -40.09 30.46 -7.68
N ILE A 13 -40.22 29.26 -7.15
CA ILE A 13 -40.50 28.07 -7.94
C ILE A 13 -41.75 27.45 -7.37
N ALA A 14 -42.68 27.10 -8.25
CA ALA A 14 -43.91 26.48 -7.82
C ALA A 14 -44.11 25.21 -8.64
N ILE A 15 -44.31 24.10 -7.94
CA ILE A 15 -44.65 22.81 -8.56
C ILE A 15 -46.17 22.80 -8.74
N LYS A 16 -46.62 22.79 -9.99
CA LYS A 16 -48.02 22.97 -10.30
C LYS A 16 -48.80 21.70 -9.95
N PRO A 17 -50.14 21.76 -9.97
CA PRO A 17 -50.93 20.60 -9.51
C PRO A 17 -50.65 19.33 -10.28
N ASP A 18 -50.29 19.41 -11.57
CA ASP A 18 -49.94 18.16 -12.27
C ASP A 18 -48.60 17.62 -11.81
N GLY A 19 -47.68 18.49 -11.40
CA GLY A 19 -46.41 18.00 -10.87
C GLY A 19 -46.59 17.28 -9.56
N VAL A 20 -47.50 17.77 -8.72
CA VAL A 20 -47.78 17.10 -7.45
C VAL A 20 -48.50 15.79 -7.71
N GLN A 21 -49.44 15.79 -8.65
CA GLN A 21 -50.24 14.60 -8.89
C GLN A 21 -49.44 13.46 -9.52
N ARG A 22 -48.45 13.78 -10.36
CA ARG A 22 -47.68 12.76 -11.07
C ARG A 22 -46.46 12.30 -10.30
N GLY A 23 -46.29 12.76 -9.07
CA GLY A 23 -45.24 12.25 -8.22
C GLY A 23 -43.85 12.81 -8.47
N LEU A 24 -43.76 14.08 -8.83
CA LEU A 24 -42.50 14.71 -9.21
C LEU A 24 -41.96 15.66 -8.14
N VAL A 25 -42.58 15.73 -6.95
CA VAL A 25 -42.17 16.74 -5.97
C VAL A 25 -40.72 16.51 -5.54
N GLY A 26 -40.40 15.28 -5.12
CA GLY A 26 -39.06 15.01 -4.66
C GLY A 26 -38.02 15.17 -5.75
N GLU A 27 -38.32 14.64 -6.95
CA GLU A 27 -37.37 14.73 -8.05
C GLU A 27 -37.03 16.19 -8.36
N ILE A 28 -38.03 17.07 -8.35
CA ILE A 28 -37.81 18.47 -8.70
C ILE A 28 -36.96 19.16 -7.64
N ILE A 29 -37.29 18.94 -6.37
CA ILE A 29 -36.50 19.50 -5.27
C ILE A 29 -35.06 18.95 -5.32
N LYS A 30 -34.93 17.63 -5.56
CA LYS A 30 -33.61 17.00 -5.67
C LYS A 30 -32.73 17.71 -6.70
N ARG A 31 -33.30 18.16 -7.81
CA ARG A 31 -32.48 18.77 -8.83
C ARG A 31 -31.92 20.12 -8.37
N PHE A 32 -32.72 20.89 -7.63
CA PHE A 32 -32.27 22.17 -7.10
C PHE A 32 -31.25 21.99 -5.98
N GLU A 33 -31.41 20.95 -5.17
CA GLU A 33 -30.43 20.66 -4.13
C GLU A 33 -29.09 20.25 -4.75
N GLN A 34 -29.12 19.30 -5.68
CA GLN A 34 -27.88 18.80 -6.24
C GLN A 34 -27.20 19.83 -7.13
N LYS A 35 -27.94 20.81 -7.64
CA LYS A 35 -27.33 21.92 -8.34
C LYS A 35 -26.54 22.82 -7.40
N GLY A 36 -26.92 22.86 -6.12
CA GLY A 36 -26.22 23.66 -5.14
C GLY A 36 -26.99 24.87 -4.64
N PHE A 37 -28.26 25.00 -5.02
CA PHE A 37 -29.10 26.09 -4.55
C PHE A 37 -29.62 25.78 -3.16
N ARG A 38 -29.96 26.81 -2.41
CA ARG A 38 -30.31 26.63 -1.00
C ARG A 38 -31.79 26.94 -0.79
N LEU A 39 -32.52 25.98 -0.20
CA LEU A 39 -33.94 26.14 0.08
C LEU A 39 -34.17 27.20 1.15
N VAL A 40 -35.10 28.11 0.89
CA VAL A 40 -35.40 29.23 1.77
C VAL A 40 -36.83 29.17 2.26
N GLY A 41 -37.74 28.71 1.42
CA GLY A 41 -39.14 28.63 1.77
C GLY A 41 -39.78 27.45 1.08
N LEU A 42 -40.76 26.86 1.77
CA LEU A 42 -41.41 25.64 1.30
C LEU A 42 -42.80 25.59 1.93
N LYS A 43 -43.84 25.53 1.10
CA LYS A 43 -45.18 25.27 1.64
C LYS A 43 -45.98 24.49 0.61
N PHE A 44 -47.12 24.00 1.08
CA PHE A 44 -48.03 23.15 0.33
C PHE A 44 -49.43 23.70 0.60
N LEU A 45 -50.12 24.11 -0.45
CA LEU A 45 -51.41 24.78 -0.27
C LEU A 45 -52.17 24.68 -1.58
N GLN A 46 -53.47 24.82 -1.49
CA GLN A 46 -54.31 24.98 -2.67
C GLN A 46 -54.50 26.46 -2.87
N ALA A 47 -53.80 27.00 -3.87
CA ALA A 47 -53.82 28.43 -4.13
C ALA A 47 -55.23 28.92 -4.48
N SER A 48 -55.58 30.09 -3.94
CA SER A 48 -56.86 30.72 -4.18
C SER A 48 -56.86 31.42 -5.53
N GLU A 49 -58.06 31.66 -6.06
CA GLU A 49 -58.16 32.29 -7.37
C GLU A 49 -57.69 33.74 -7.32
N ASP A 50 -57.91 34.42 -6.20
CA ASP A 50 -57.38 35.77 -6.06
C ASP A 50 -55.86 35.78 -6.06
N LEU A 51 -55.24 34.81 -5.37
CA LEU A 51 -53.78 34.72 -5.42
C LEU A 51 -53.31 34.48 -6.85
N LEU A 52 -53.97 33.57 -7.56
CA LEU A 52 -53.54 33.20 -8.91
C LEU A 52 -53.81 34.30 -9.92
N LYS A 53 -54.90 35.05 -9.76
CA LYS A 53 -55.12 36.17 -10.66
C LYS A 53 -54.07 37.26 -10.46
N GLU A 54 -53.57 37.39 -9.24
CA GLU A 54 -52.48 38.33 -9.00
C GLU A 54 -51.14 37.76 -9.48
N HIS A 55 -50.92 36.45 -9.28
CA HIS A 55 -49.68 35.83 -9.75
C HIS A 55 -49.52 35.99 -11.25
N TYR A 56 -50.55 35.66 -12.02
CA TYR A 56 -50.54 35.74 -13.49
C TYR A 56 -51.20 37.01 -14.00
N THR A 57 -51.02 38.14 -13.32
CA THR A 57 -51.75 39.35 -13.68
C THR A 57 -51.33 39.90 -15.04
N ASP A 58 -50.09 39.61 -15.48
CA ASP A 58 -49.64 40.05 -16.79
C ASP A 58 -50.34 39.31 -17.91
N LEU A 59 -50.96 38.17 -17.61
CA LEU A 59 -51.67 37.38 -18.60
C LEU A 59 -53.16 37.64 -18.56
N LYS A 60 -53.58 38.70 -17.84
CA LYS A 60 -55.00 38.95 -17.60
C LYS A 60 -55.80 39.01 -18.89
N ASP A 61 -55.21 39.52 -19.98
CA ASP A 61 -55.93 39.71 -21.24
C ASP A 61 -55.67 38.59 -22.24
N ARG A 62 -55.13 37.47 -21.80
CA ARG A 62 -54.86 36.38 -22.72
C ARG A 62 -56.02 35.40 -22.74
N PRO A 63 -56.26 34.73 -23.88
CA PRO A 63 -57.42 33.84 -23.98
C PRO A 63 -57.35 32.61 -23.09
N PHE A 64 -56.17 32.25 -22.58
CA PHE A 64 -56.06 31.08 -21.70
C PHE A 64 -56.14 31.43 -20.22
N PHE A 65 -56.27 32.71 -19.89
CA PHE A 65 -56.02 33.17 -18.52
C PHE A 65 -57.01 32.58 -17.53
N THR A 66 -58.32 32.65 -17.84
CA THR A 66 -59.31 32.11 -16.90
C THR A 66 -59.10 30.61 -16.67
N GLY A 67 -58.78 29.87 -17.73
CA GLY A 67 -58.48 28.46 -17.59
C GLY A 67 -57.24 28.20 -16.77
N LEU A 68 -56.21 29.05 -16.94
CA LEU A 68 -55.00 28.92 -16.13
C LEU A 68 -55.29 29.15 -14.66
N VAL A 69 -56.00 30.23 -14.33
CA VAL A 69 -56.34 30.51 -12.94
C VAL A 69 -57.18 29.38 -12.36
N LYS A 70 -58.13 28.87 -13.16
CA LYS A 70 -59.00 27.81 -12.69
C LYS A 70 -58.24 26.50 -12.54
N TYR A 71 -57.44 26.13 -13.53
CA TYR A 71 -56.68 24.90 -13.40
C TYR A 71 -55.71 24.96 -12.22
N MET A 72 -55.05 26.10 -12.03
CA MET A 72 -54.05 26.22 -10.98
C MET A 72 -54.67 26.21 -9.58
N HIS A 73 -56.00 26.33 -9.51
CA HIS A 73 -56.75 26.23 -8.27
C HIS A 73 -57.30 24.83 -8.04
N SER A 74 -57.16 23.94 -9.03
CA SER A 74 -57.87 22.66 -9.00
C SER A 74 -57.16 21.62 -8.16
N GLY A 75 -55.92 21.89 -7.75
CA GLY A 75 -55.18 20.98 -6.91
C GLY A 75 -54.18 21.75 -6.07
N PRO A 76 -53.57 21.09 -5.11
CA PRO A 76 -52.55 21.76 -4.31
C PRO A 76 -51.25 21.93 -5.09
N VAL A 77 -50.47 22.92 -4.67
CA VAL A 77 -49.17 23.18 -5.28
C VAL A 77 -48.11 23.24 -4.20
N VAL A 78 -46.86 23.10 -4.61
CA VAL A 78 -45.72 23.21 -3.73
C VAL A 78 -45.02 24.50 -4.07
N ALA A 79 -45.04 25.44 -3.13
CA ALA A 79 -44.42 26.74 -3.32
C ALA A 79 -43.08 26.75 -2.61
N MET A 80 -42.05 27.18 -3.34
CA MET A 80 -40.67 27.13 -2.87
C MET A 80 -39.97 28.45 -3.16
N VAL A 81 -39.02 28.80 -2.30
CA VAL A 81 -38.09 29.88 -2.59
C VAL A 81 -36.67 29.30 -2.52
N TRP A 82 -35.91 29.51 -3.58
CA TRP A 82 -34.55 29.03 -3.67
C TRP A 82 -33.62 30.22 -3.79
N GLU A 83 -32.42 30.07 -3.24
CA GLU A 83 -31.47 31.16 -3.13
C GLU A 83 -30.14 30.72 -3.68
N GLY A 84 -29.50 31.61 -4.46
CA GLY A 84 -28.21 31.31 -5.05
C GLY A 84 -27.84 32.34 -6.08
N LEU A 85 -26.58 32.26 -6.51
CA LEU A 85 -26.04 33.13 -7.55
C LEU A 85 -26.81 32.93 -8.85
N ASN A 86 -27.44 34.00 -9.33
CA ASN A 86 -28.23 33.97 -10.57
C ASN A 86 -29.25 32.83 -10.55
N VAL A 87 -29.92 32.66 -9.41
CA VAL A 87 -30.83 31.53 -9.27
C VAL A 87 -32.07 31.72 -10.17
N VAL A 88 -32.46 32.97 -10.45
CA VAL A 88 -33.60 33.22 -11.32
C VAL A 88 -33.33 32.69 -12.74
N LYS A 89 -32.28 33.21 -13.38
CA LYS A 89 -32.00 32.81 -14.76
C LYS A 89 -31.61 31.34 -14.84
N THR A 90 -30.75 30.90 -13.94
CA THR A 90 -30.33 29.50 -13.92
C THR A 90 -31.51 28.59 -13.60
N GLY A 91 -32.34 28.98 -12.64
CA GLY A 91 -33.56 28.23 -12.37
C GLY A 91 -34.42 28.04 -13.62
N ARG A 92 -34.54 29.08 -14.43
CA ARG A 92 -35.37 28.95 -15.62
C ARG A 92 -34.72 27.99 -16.62
N VAL A 93 -33.39 28.04 -16.74
CA VAL A 93 -32.69 27.07 -17.58
C VAL A 93 -32.96 25.66 -17.08
N MET A 94 -32.90 25.44 -15.77
CA MET A 94 -33.16 24.11 -15.24
C MET A 94 -34.60 23.68 -15.54
N LEU A 95 -35.54 24.62 -15.53
CA LEU A 95 -36.93 24.27 -15.78
C LEU A 95 -37.13 23.83 -17.22
N GLY A 96 -36.40 24.42 -18.14
CA GLY A 96 -36.67 24.22 -19.54
C GLY A 96 -37.58 25.30 -20.07
N GLU A 97 -37.69 25.33 -21.39
CA GLU A 97 -38.59 26.26 -22.07
C GLU A 97 -40.00 26.15 -21.50
N THR A 98 -40.69 27.29 -21.43
CA THR A 98 -42.03 27.30 -20.83
C THR A 98 -42.96 26.35 -21.55
N ASN A 99 -42.90 26.33 -22.87
CA ASN A 99 -43.60 25.39 -23.72
C ASN A 99 -42.87 24.06 -23.68
N PRO A 100 -43.48 23.03 -23.10
CA PRO A 100 -42.79 21.73 -22.99
C PRO A 100 -42.36 21.17 -24.32
N ALA A 101 -42.99 21.59 -25.42
CA ALA A 101 -42.64 21.05 -26.72
C ALA A 101 -41.22 21.45 -27.14
N ASP A 102 -40.71 22.57 -26.63
CA ASP A 102 -39.37 23.06 -26.93
C ASP A 102 -38.40 22.81 -25.79
N SER A 103 -38.83 22.13 -24.73
CA SER A 103 -37.93 21.91 -23.61
C SER A 103 -36.91 20.85 -23.99
N LYS A 104 -35.68 21.06 -23.58
CA LYS A 104 -34.65 20.11 -23.94
C LYS A 104 -34.62 18.95 -22.94
N PRO A 105 -34.29 17.74 -23.40
CA PRO A 105 -34.02 16.66 -22.45
C PRO A 105 -32.90 17.07 -21.51
N GLY A 106 -33.06 16.70 -20.24
CA GLY A 106 -32.21 17.16 -19.17
C GLY A 106 -32.87 18.18 -18.29
N THR A 107 -33.77 18.99 -18.84
CA THR A 107 -34.55 19.93 -18.05
C THR A 107 -35.75 19.22 -17.43
N ILE A 108 -36.32 19.86 -16.41
CA ILE A 108 -37.47 19.28 -15.71
C ILE A 108 -38.62 19.07 -16.68
N ARG A 109 -38.93 20.09 -17.49
CA ARG A 109 -40.05 19.96 -18.42
C ARG A 109 -39.72 19.03 -19.58
N GLY A 110 -38.49 19.07 -20.08
CA GLY A 110 -38.10 18.14 -21.15
C GLY A 110 -38.14 16.69 -20.72
N ASP A 111 -37.78 16.39 -19.47
CA ASP A 111 -37.82 15.02 -18.99
C ASP A 111 -39.21 14.57 -18.59
N PHE A 112 -40.10 15.46 -18.14
CA PHE A 112 -41.25 15.01 -17.37
C PHE A 112 -42.64 15.41 -17.86
N CYS A 113 -42.77 16.15 -18.97
CA CYS A 113 -44.12 16.53 -19.38
C CYS A 113 -44.14 16.94 -20.84
N ILE A 114 -45.36 17.12 -21.36
CA ILE A 114 -45.60 17.13 -22.79
C ILE A 114 -46.30 18.40 -23.28
N GLN A 115 -47.34 18.85 -22.58
CA GLN A 115 -48.25 19.84 -23.17
C GLN A 115 -48.33 21.11 -22.33
N VAL A 116 -48.57 22.24 -23.01
CA VAL A 116 -48.40 23.57 -22.42
C VAL A 116 -49.31 23.77 -21.20
N GLY A 117 -50.56 23.31 -21.27
CA GLY A 117 -51.43 23.52 -20.12
C GLY A 117 -51.09 22.67 -18.92
N ARG A 118 -50.22 21.66 -19.09
CA ARG A 118 -49.77 20.78 -18.02
C ARG A 118 -48.24 20.75 -18.05
N ASN A 119 -47.61 21.88 -17.72
CA ASN A 119 -46.15 21.98 -17.75
C ASN A 119 -45.55 21.95 -16.35
N ILE A 120 -46.25 21.30 -15.40
CA ILE A 120 -45.83 20.82 -14.09
C ILE A 120 -45.17 21.83 -13.16
N ILE A 121 -44.62 22.91 -13.70
CA ILE A 121 -43.80 23.78 -12.87
C ILE A 121 -43.81 25.21 -13.41
N HIS A 122 -43.58 26.15 -12.50
CA HIS A 122 -43.40 27.55 -12.83
C HIS A 122 -42.17 28.07 -12.10
N GLY A 123 -41.42 28.95 -12.77
CA GLY A 123 -40.36 29.69 -12.11
C GLY A 123 -40.39 31.15 -12.52
N SER A 124 -39.98 32.03 -11.61
CA SER A 124 -39.95 33.46 -11.90
C SER A 124 -39.04 33.76 -13.08
N ASP A 125 -39.46 34.69 -13.94
CA ASP A 125 -38.71 35.01 -15.15
C ASP A 125 -37.75 36.18 -14.98
N SER A 126 -37.70 36.79 -13.80
CA SER A 126 -36.80 37.91 -13.57
C SER A 126 -36.66 38.12 -12.07
N VAL A 127 -35.62 38.86 -11.69
CA VAL A 127 -35.41 39.18 -10.28
C VAL A 127 -36.60 39.98 -9.74
N LYS A 128 -37.09 40.92 -10.56
CA LYS A 128 -38.20 41.77 -10.12
C LYS A 128 -39.46 40.94 -9.92
N SER A 129 -39.72 40.00 -10.83
CA SER A 129 -40.88 39.11 -10.69
C SER A 129 -40.72 38.20 -9.49
N ALA A 130 -39.52 37.65 -9.29
CA ALA A 130 -39.27 36.77 -8.15
C ALA A 130 -39.60 37.47 -6.84
N GLU A 131 -39.05 38.67 -6.62
CA GLU A 131 -39.37 39.42 -5.41
C GLU A 131 -40.87 39.61 -5.22
N LYS A 132 -41.61 39.87 -6.30
CA LYS A 132 -43.06 39.99 -6.19
C LYS A 132 -43.72 38.65 -5.87
N GLU A 133 -43.30 37.58 -6.55
CA GLU A 133 -43.96 36.29 -6.34
C GLU A 133 -43.65 35.71 -4.97
N ILE A 134 -42.44 35.97 -4.47
CA ILE A 134 -42.11 35.57 -3.10
C ILE A 134 -43.03 36.28 -2.11
N SER A 135 -43.11 37.61 -2.17
CA SER A 135 -43.97 38.36 -1.27
C SER A 135 -45.44 37.99 -1.42
N LEU A 136 -45.82 37.46 -2.58
CA LEU A 136 -47.21 37.11 -2.83
C LEU A 136 -47.58 35.78 -2.20
N TRP A 137 -46.64 34.83 -2.18
CA TRP A 137 -46.92 33.47 -1.72
C TRP A 137 -46.41 33.21 -0.31
N PHE A 138 -45.43 33.97 0.15
CA PHE A 138 -44.79 33.72 1.45
C PHE A 138 -44.78 34.98 2.28
N GLN A 139 -44.97 34.83 3.52
CA GLN A 139 -44.77 35.90 4.48
CA GLN A 139 -44.77 35.92 4.46
C GLN A 139 -43.31 35.95 4.91
N PRO A 140 -42.81 37.14 5.24
CA PRO A 140 -41.37 37.27 5.55
C PRO A 140 -40.86 36.25 6.55
N GLU A 141 -41.63 35.98 7.62
CA GLU A 141 -41.20 35.04 8.64
C GLU A 141 -41.25 33.58 8.19
N GLU A 142 -41.77 33.29 6.99
CA GLU A 142 -41.78 31.95 6.43
C GLU A 142 -40.54 31.64 5.60
N LEU A 143 -39.66 32.62 5.40
CA LEU A 143 -38.44 32.45 4.62
C LEU A 143 -37.26 32.30 5.58
N VAL A 144 -36.59 31.15 5.52
CA VAL A 144 -35.60 30.81 6.52
C VAL A 144 -34.22 30.99 5.91
N GLU A 145 -33.33 31.66 6.65
CA GLU A 145 -31.96 31.87 6.22
C GLU A 145 -31.02 31.02 7.07
N TYR A 146 -30.33 30.08 6.44
CA TYR A 146 -29.30 29.31 7.13
C TYR A 146 -28.10 29.22 6.20
N LYS A 147 -26.95 28.83 6.76
CA LYS A 147 -25.70 28.66 6.01
C LYS A 147 -25.51 27.19 5.65
N SER A 148 -25.46 26.89 4.36
CA SER A 148 -25.14 25.53 3.93
C SER A 148 -23.69 25.16 4.27
N CYS A 149 -23.53 23.96 4.82
CA CYS A 149 -22.20 23.47 5.16
C CYS A 149 -21.26 23.40 3.96
N ALA A 150 -21.79 23.40 2.74
CA ALA A 150 -20.98 23.38 1.54
C ALA A 150 -20.85 24.76 0.90
N GLN A 151 -21.12 25.83 1.67
CA GLN A 151 -21.13 27.16 1.07
C GLN A 151 -19.78 27.54 0.47
N ASN A 152 -18.67 27.13 1.12
CA ASN A 152 -17.34 27.49 0.63
C ASN A 152 -16.89 26.62 -0.53
N TRP A 153 -17.61 25.55 -0.85
CA TRP A 153 -17.33 24.68 -1.98
C TRP A 153 -18.26 24.93 -3.16
N ILE A 154 -19.31 25.72 -2.94
CA ILE A 154 -20.20 26.17 -3.98
C ILE A 154 -19.79 27.55 -4.51
N TYR A 155 -19.36 28.44 -3.62
CA TYR A 155 -19.00 29.81 -3.96
C TYR A 155 -17.60 30.11 -3.47
N GLU A 156 -16.86 30.89 -4.25
CA GLU A 156 -15.49 31.28 -3.87
C GLU A 156 -15.53 32.60 -3.09
N MET B 3 -58.97 17.21 -23.93
CA MET B 3 -58.15 16.10 -24.42
C MET B 3 -58.52 15.78 -25.87
N ALA B 4 -57.53 15.46 -26.71
CA ALA B 4 -57.73 15.36 -28.15
C ALA B 4 -57.12 14.08 -28.72
N MET B 5 -57.51 13.76 -29.95
CA MET B 5 -56.97 12.58 -30.62
C MET B 5 -55.61 12.84 -31.27
N ALA B 6 -55.19 14.10 -31.41
CA ALA B 6 -53.77 14.36 -31.63
C ALA B 6 -52.93 13.71 -30.54
N ASN B 7 -53.48 13.57 -29.33
CA ASN B 7 -52.80 12.87 -28.25
C ASN B 7 -52.75 11.36 -28.45
N SER B 8 -53.23 10.84 -29.58
CA SER B 8 -53.20 9.42 -29.87
C SER B 8 -52.11 9.05 -30.86
N GLU B 9 -51.36 10.03 -31.36
CA GLU B 9 -50.24 9.76 -32.26
C GLU B 9 -49.37 8.65 -31.69
N ARG B 10 -48.79 7.86 -32.59
N ARG B 10 -48.79 7.85 -32.59
CA ARG B 10 -47.97 6.73 -32.20
CA ARG B 10 -47.98 6.71 -32.19
C ARG B 10 -46.64 6.77 -32.95
C ARG B 10 -46.65 6.75 -32.95
N THR B 11 -45.59 6.32 -32.26
CA THR B 11 -44.27 6.21 -32.85
C THR B 11 -43.76 4.80 -32.54
N PHE B 12 -42.84 4.31 -33.37
CA PHE B 12 -42.16 3.03 -33.16
C PHE B 12 -40.75 3.29 -32.62
N ILE B 13 -40.44 2.68 -31.47
CA ILE B 13 -39.10 2.75 -30.89
C ILE B 13 -38.58 1.32 -30.76
N ALA B 14 -37.34 1.10 -31.22
CA ALA B 14 -36.69 -0.20 -31.15
C ALA B 14 -35.37 -0.05 -30.42
N ILE B 15 -35.16 -0.86 -29.39
CA ILE B 15 -33.88 -0.89 -28.69
C ILE B 15 -33.00 -1.91 -29.41
N LYS B 16 -31.88 -1.46 -29.96
CA LYS B 16 -31.02 -2.26 -30.82
C LYS B 16 -30.25 -3.30 -30.00
N PRO B 17 -29.64 -4.30 -30.65
CA PRO B 17 -28.94 -5.33 -29.88
C PRO B 17 -27.94 -4.79 -28.87
N ASP B 18 -27.19 -3.73 -29.22
CA ASP B 18 -26.29 -3.14 -28.23
C ASP B 18 -27.07 -2.58 -27.05
N GLY B 19 -28.26 -2.01 -27.28
CA GLY B 19 -29.08 -1.53 -26.18
C GLY B 19 -29.49 -2.64 -25.23
N VAL B 20 -29.91 -3.79 -25.77
CA VAL B 20 -30.25 -4.95 -24.95
C VAL B 20 -29.01 -5.49 -24.24
N GLN B 21 -27.91 -5.70 -24.98
CA GLN B 21 -26.72 -6.31 -24.39
C GLN B 21 -26.18 -5.47 -23.23
N ARG B 22 -26.14 -4.15 -23.40
CA ARG B 22 -25.58 -3.27 -22.37
C ARG B 22 -26.59 -2.93 -21.26
N GLY B 23 -27.76 -3.60 -21.25
CA GLY B 23 -28.67 -3.48 -20.13
C GLY B 23 -29.32 -2.12 -19.99
N LEU B 24 -29.80 -1.55 -21.09
CA LEU B 24 -30.40 -0.23 -21.08
C LEU B 24 -31.91 -0.28 -21.26
N VAL B 25 -32.50 -1.48 -21.31
CA VAL B 25 -33.92 -1.59 -21.66
C VAL B 25 -34.77 -0.87 -20.64
N GLY B 26 -34.55 -1.16 -19.36
CA GLY B 26 -35.33 -0.51 -18.32
C GLY B 26 -35.13 1.00 -18.30
N GLU B 27 -33.87 1.44 -18.42
CA GLU B 27 -33.58 2.86 -18.34
C GLU B 27 -34.25 3.61 -19.48
N ILE B 28 -34.28 3.01 -20.67
CA ILE B 28 -34.92 3.67 -21.81
C ILE B 28 -36.43 3.73 -21.61
N ILE B 29 -37.04 2.59 -21.24
CA ILE B 29 -38.50 2.58 -21.04
C ILE B 29 -38.89 3.61 -19.97
N LYS B 30 -38.08 3.72 -18.90
CA LYS B 30 -38.37 4.67 -17.84
C LYS B 30 -38.50 6.10 -18.38
N ARG B 31 -37.62 6.49 -19.31
CA ARG B 31 -37.62 7.88 -19.76
C ARG B 31 -38.89 8.20 -20.51
N PHE B 32 -39.41 7.25 -21.27
CA PHE B 32 -40.70 7.47 -21.94
C PHE B 32 -41.85 7.46 -20.94
N GLU B 33 -41.79 6.61 -19.92
CA GLU B 33 -42.83 6.61 -18.89
C GLU B 33 -42.86 7.95 -18.14
N GLN B 34 -41.71 8.37 -17.62
CA GLN B 34 -41.65 9.60 -16.83
C GLN B 34 -41.90 10.84 -17.67
N LYS B 35 -41.84 10.73 -19.00
CA LYS B 35 -42.18 11.85 -19.86
C LYS B 35 -43.70 12.04 -19.95
N GLY B 36 -44.46 10.98 -19.67
CA GLY B 36 -45.90 11.02 -19.80
C GLY B 36 -46.44 10.29 -21.01
N PHE B 37 -45.57 9.63 -21.79
CA PHE B 37 -46.02 8.86 -22.94
C PHE B 37 -46.57 7.53 -22.46
N ARG B 38 -47.52 6.99 -23.22
CA ARG B 38 -48.19 5.76 -22.87
C ARG B 38 -47.63 4.64 -23.73
N LEU B 39 -47.37 3.50 -23.09
CA LEU B 39 -46.90 2.29 -23.78
C LEU B 39 -48.08 1.59 -24.44
N VAL B 40 -47.94 1.26 -25.72
CA VAL B 40 -49.00 0.63 -26.49
C VAL B 40 -48.61 -0.77 -26.97
N GLY B 41 -47.35 -0.98 -27.34
CA GLY B 41 -46.90 -2.30 -27.76
C GLY B 41 -45.48 -2.55 -27.27
N LEU B 42 -45.18 -3.81 -26.98
CA LEU B 42 -43.86 -4.16 -26.45
C LEU B 42 -43.62 -5.63 -26.76
N LYS B 43 -42.52 -5.92 -27.47
CA LYS B 43 -42.15 -7.29 -27.77
C LYS B 43 -40.64 -7.40 -27.91
N PHE B 44 -40.17 -8.63 -27.86
CA PHE B 44 -38.76 -8.99 -27.77
C PHE B 44 -38.54 -10.10 -28.78
N LEU B 45 -37.66 -9.86 -29.73
CA LEU B 45 -37.47 -10.83 -30.81
C LEU B 45 -36.11 -10.61 -31.44
N GLN B 46 -35.69 -11.58 -32.23
CA GLN B 46 -34.57 -11.43 -33.14
C GLN B 46 -35.15 -11.21 -34.53
N ALA B 47 -35.06 -9.98 -35.03
CA ALA B 47 -35.69 -9.65 -36.30
C ALA B 47 -35.05 -10.42 -37.45
N SER B 48 -35.89 -10.89 -38.37
CA SER B 48 -35.38 -11.51 -39.59
C SER B 48 -34.81 -10.46 -40.53
N GLU B 49 -33.98 -10.91 -41.47
CA GLU B 49 -33.39 -9.99 -42.44
C GLU B 49 -34.46 -9.38 -43.36
N ASP B 50 -35.48 -10.15 -43.73
CA ASP B 50 -36.60 -9.59 -44.50
C ASP B 50 -37.23 -8.42 -43.76
N LEU B 51 -37.47 -8.58 -42.46
CA LEU B 51 -38.02 -7.46 -41.67
C LEU B 51 -37.08 -6.27 -41.70
N LEU B 52 -35.79 -6.50 -41.43
CA LEU B 52 -34.83 -5.40 -41.30
C LEU B 52 -34.65 -4.66 -42.62
N LYS B 53 -34.49 -5.40 -43.73
CA LYS B 53 -34.40 -4.80 -45.07
C LYS B 53 -35.66 -4.02 -45.44
N GLU B 54 -36.83 -4.53 -45.09
CA GLU B 54 -38.05 -3.76 -45.33
C GLU B 54 -38.12 -2.55 -44.40
N HIS B 55 -37.64 -2.69 -43.16
CA HIS B 55 -37.61 -1.56 -42.23
C HIS B 55 -36.72 -0.44 -42.74
N TYR B 56 -35.51 -0.79 -43.18
CA TYR B 56 -34.56 0.19 -43.74
C TYR B 56 -34.60 0.17 -45.26
N THR B 57 -35.82 0.13 -45.82
CA THR B 57 -35.96 0.06 -47.27
C THR B 57 -35.38 1.30 -47.96
N ASP B 58 -35.45 2.46 -47.30
CA ASP B 58 -34.96 3.71 -47.87
C ASP B 58 -33.44 3.79 -47.92
N LEU B 59 -32.74 2.83 -47.32
CA LEU B 59 -31.29 2.81 -47.26
C LEU B 59 -30.69 1.66 -48.07
N LYS B 60 -31.48 1.09 -48.99
CA LYS B 60 -31.05 -0.08 -49.76
C LYS B 60 -29.76 0.17 -50.55
N ASP B 61 -29.50 1.42 -50.94
CA ASP B 61 -28.34 1.74 -51.77
C ASP B 61 -27.22 2.43 -50.98
N ARG B 62 -27.26 2.34 -49.66
CA ARG B 62 -26.23 2.94 -48.82
C ARG B 62 -25.12 1.93 -48.53
N PRO B 63 -23.87 2.38 -48.51
CA PRO B 63 -22.74 1.43 -48.35
C PRO B 63 -22.74 0.69 -47.03
N PHE B 64 -23.41 1.20 -46.00
CA PHE B 64 -23.50 0.53 -44.71
C PHE B 64 -24.73 -0.35 -44.58
N PHE B 65 -25.53 -0.50 -45.64
CA PHE B 65 -26.81 -1.19 -45.53
C PHE B 65 -26.63 -2.66 -45.17
N THR B 66 -25.73 -3.36 -45.88
CA THR B 66 -25.55 -4.79 -45.60
C THR B 66 -25.06 -5.01 -44.16
N GLY B 67 -24.15 -4.16 -43.68
CA GLY B 67 -23.66 -4.30 -42.32
C GLY B 67 -24.65 -3.83 -41.27
N LEU B 68 -25.57 -2.93 -41.64
CA LEU B 68 -26.65 -2.55 -40.72
C LEU B 68 -27.66 -3.68 -40.58
N VAL B 69 -28.03 -4.32 -41.70
CA VAL B 69 -29.05 -5.37 -41.69
C VAL B 69 -28.54 -6.61 -40.95
N LYS B 70 -27.29 -7.00 -41.21
CA LYS B 70 -26.73 -8.16 -40.53
C LYS B 70 -26.57 -7.90 -39.03
N TYR B 71 -26.16 -6.69 -38.65
CA TYR B 71 -25.93 -6.43 -37.23
C TYR B 71 -27.24 -6.38 -36.45
N MET B 72 -28.26 -5.73 -37.01
CA MET B 72 -29.56 -5.71 -36.37
C MET B 72 -30.15 -7.11 -36.22
N HIS B 73 -29.69 -8.05 -37.05
CA HIS B 73 -30.09 -9.45 -36.98
C HIS B 73 -29.22 -10.25 -36.00
N SER B 74 -28.10 -9.67 -35.54
CA SER B 74 -27.12 -10.45 -34.79
C SER B 74 -27.51 -10.67 -33.34
N GLY B 75 -28.59 -10.03 -32.88
CA GLY B 75 -29.10 -10.22 -31.53
C GLY B 75 -30.53 -9.73 -31.40
N PRO B 76 -31.14 -9.99 -30.25
CA PRO B 76 -32.55 -9.61 -30.06
C PRO B 76 -32.72 -8.11 -29.92
N VAL B 77 -33.91 -7.64 -30.31
CA VAL B 77 -34.29 -6.24 -30.12
C VAL B 77 -35.58 -6.17 -29.31
N VAL B 78 -35.73 -5.06 -28.57
CA VAL B 78 -37.00 -4.70 -27.94
C VAL B 78 -37.71 -3.73 -28.87
N ALA B 79 -38.88 -4.14 -29.36
CA ALA B 79 -39.73 -3.30 -30.18
C ALA B 79 -40.86 -2.71 -29.34
N MET B 80 -41.05 -1.41 -29.42
CA MET B 80 -42.05 -0.72 -28.61
C MET B 80 -42.88 0.21 -29.49
N VAL B 81 -44.15 0.38 -29.09
CA VAL B 81 -45.00 1.44 -29.62
C VAL B 81 -45.39 2.31 -28.45
N TRP B 82 -45.20 3.62 -28.60
CA TRP B 82 -45.56 4.62 -27.59
C TRP B 82 -46.59 5.58 -28.18
N GLU B 83 -47.39 6.16 -27.30
CA GLU B 83 -48.50 6.98 -27.76
C GLU B 83 -48.58 8.28 -26.96
N GLY B 84 -48.73 9.38 -27.67
CA GLY B 84 -48.84 10.67 -27.05
C GLY B 84 -48.78 11.77 -28.09
N LEU B 85 -49.10 12.98 -27.63
CA LEU B 85 -49.06 14.17 -28.47
C LEU B 85 -47.64 14.42 -28.99
N ASN B 86 -47.50 14.46 -30.31
CA ASN B 86 -46.19 14.70 -30.94
C ASN B 86 -45.14 13.71 -30.49
N VAL B 87 -45.58 12.47 -30.20
CA VAL B 87 -44.63 11.48 -29.70
C VAL B 87 -43.55 11.16 -30.74
N VAL B 88 -43.88 11.16 -32.03
CA VAL B 88 -42.87 10.93 -33.05
C VAL B 88 -41.77 11.99 -32.98
N LYS B 89 -42.13 13.27 -33.09
CA LYS B 89 -41.13 14.33 -33.06
C LYS B 89 -40.42 14.37 -31.71
N THR B 90 -41.19 14.45 -30.62
CA THR B 90 -40.62 14.47 -29.29
C THR B 90 -39.80 13.22 -28.99
N GLY B 91 -40.20 12.07 -29.54
CA GLY B 91 -39.42 10.85 -29.30
C GLY B 91 -38.05 10.92 -29.92
N ARG B 92 -37.92 11.59 -31.06
CA ARG B 92 -36.62 11.76 -31.69
C ARG B 92 -35.76 12.70 -30.87
N VAL B 93 -36.37 13.73 -30.28
CA VAL B 93 -35.65 14.66 -29.40
C VAL B 93 -35.09 13.91 -28.18
N MET B 94 -35.93 13.10 -27.54
CA MET B 94 -35.47 12.33 -26.38
C MET B 94 -34.33 11.39 -26.77
N LEU B 95 -34.43 10.76 -27.94
CA LEU B 95 -33.39 9.84 -28.39
C LEU B 95 -32.06 10.56 -28.64
N GLY B 96 -32.10 11.83 -29.02
CA GLY B 96 -30.91 12.51 -29.48
C GLY B 96 -30.62 12.28 -30.95
N GLU B 97 -29.58 12.99 -31.41
CA GLU B 97 -29.20 12.89 -32.82
C GLU B 97 -28.89 11.44 -33.19
N THR B 98 -29.22 11.10 -34.44
CA THR B 98 -28.99 9.74 -34.92
C THR B 98 -27.52 9.36 -34.81
N ASN B 99 -26.65 10.31 -35.08
CA ASN B 99 -25.22 10.10 -34.94
C ASN B 99 -24.81 10.38 -33.50
N PRO B 100 -24.39 9.37 -32.72
CA PRO B 100 -24.11 9.60 -31.29
C PRO B 100 -23.16 10.75 -31.03
N ALA B 101 -22.25 11.04 -31.96
CA ALA B 101 -21.28 12.11 -31.75
C ALA B 101 -21.98 13.45 -31.52
N ASP B 102 -23.12 13.67 -32.16
CA ASP B 102 -23.84 14.94 -32.05
C ASP B 102 -24.93 14.92 -31.00
N SER B 103 -25.20 13.76 -30.37
CA SER B 103 -26.22 13.65 -29.34
C SER B 103 -25.78 14.43 -28.10
N LYS B 104 -26.67 15.32 -27.61
CA LYS B 104 -26.37 16.12 -26.43
C LYS B 104 -26.53 15.27 -25.18
N PRO B 105 -25.86 15.64 -24.07
CA PRO B 105 -26.14 14.97 -22.80
C PRO B 105 -27.57 15.27 -22.37
N GLY B 106 -28.19 14.30 -21.70
CA GLY B 106 -29.61 14.32 -21.39
C GLY B 106 -30.46 13.47 -22.30
N THR B 107 -30.00 13.23 -23.52
CA THR B 107 -30.67 12.31 -24.44
C THR B 107 -30.22 10.88 -24.19
N ILE B 108 -30.96 9.95 -24.79
CA ILE B 108 -30.65 8.54 -24.63
C ILE B 108 -29.29 8.20 -25.27
N ARG B 109 -29.06 8.72 -26.47
CA ARG B 109 -27.78 8.44 -27.13
C ARG B 109 -26.66 9.27 -26.54
N GLY B 110 -26.94 10.53 -26.16
CA GLY B 110 -25.91 11.37 -25.57
C GLY B 110 -25.39 10.83 -24.25
N ASP B 111 -26.22 10.09 -23.53
CA ASP B 111 -25.85 9.56 -22.23
C ASP B 111 -25.26 8.16 -22.30
N PHE B 112 -25.64 7.35 -23.29
CA PHE B 112 -25.33 5.92 -23.23
C PHE B 112 -24.55 5.31 -24.39
N CYS B 113 -24.22 6.05 -25.44
CA CYS B 113 -23.50 5.40 -26.54
C CYS B 113 -22.59 6.38 -27.27
N ILE B 114 -21.72 5.84 -28.11
CA ILE B 114 -20.57 6.60 -28.60
C ILE B 114 -20.46 6.68 -30.12
N GLN B 115 -20.80 5.60 -30.82
CA GLN B 115 -20.43 5.47 -32.23
C GLN B 115 -21.62 5.08 -33.10
N VAL B 116 -21.59 5.56 -34.36
CA VAL B 116 -22.76 5.53 -35.23
C VAL B 116 -23.22 4.09 -35.49
N GLY B 117 -22.28 3.17 -35.68
CA GLY B 117 -22.67 1.79 -35.88
C GLY B 117 -23.36 1.16 -34.68
N ARG B 118 -23.27 1.81 -33.49
CA ARG B 118 -23.76 1.27 -32.23
C ARG B 118 -24.54 2.35 -31.46
N ASN B 119 -25.68 2.77 -32.00
CA ASN B 119 -26.44 3.87 -31.44
C ASN B 119 -27.69 3.42 -30.68
N ILE B 120 -27.70 2.15 -30.27
CA ILE B 120 -28.56 1.51 -29.26
C ILE B 120 -30.07 1.60 -29.48
N ILE B 121 -30.54 2.55 -30.28
CA ILE B 121 -31.98 2.81 -30.37
C ILE B 121 -32.34 3.39 -31.74
N HIS B 122 -33.54 3.05 -32.21
CA HIS B 122 -34.15 3.69 -33.37
C HIS B 122 -35.52 4.26 -33.01
N GLY B 123 -35.86 5.39 -33.62
CA GLY B 123 -37.21 5.91 -33.53
C GLY B 123 -37.65 6.44 -34.87
N SER B 124 -38.94 6.27 -35.15
CA SER B 124 -39.50 6.72 -36.43
C SER B 124 -39.21 8.21 -36.63
N ASP B 125 -38.89 8.58 -37.88
CA ASP B 125 -38.58 9.98 -38.16
C ASP B 125 -39.79 10.80 -38.61
N SER B 126 -40.91 10.15 -38.90
CA SER B 126 -42.12 10.87 -39.31
C SER B 126 -43.32 10.05 -38.86
N VAL B 127 -44.50 10.67 -39.02
CA VAL B 127 -45.74 9.96 -38.73
C VAL B 127 -45.96 8.84 -39.75
N LYS B 128 -45.63 9.11 -41.01
CA LYS B 128 -45.79 8.08 -42.05
C LYS B 128 -44.85 6.90 -41.81
N SER B 129 -43.59 7.19 -41.45
CA SER B 129 -42.66 6.12 -41.09
C SER B 129 -43.20 5.29 -39.93
N ALA B 130 -43.73 5.98 -38.90
CA ALA B 130 -44.26 5.29 -37.73
C ALA B 130 -45.35 4.31 -38.12
N GLU B 131 -46.36 4.78 -38.86
CA GLU B 131 -47.46 3.92 -39.24
C GLU B 131 -46.98 2.72 -40.06
N LYS B 132 -46.01 2.93 -40.95
CA LYS B 132 -45.44 1.81 -41.71
C LYS B 132 -44.63 0.89 -40.80
N GLU B 133 -43.89 1.45 -39.84
CA GLU B 133 -43.04 0.62 -39.00
C GLU B 133 -43.85 -0.12 -37.93
N ILE B 134 -44.91 0.51 -37.43
CA ILE B 134 -45.77 -0.16 -36.46
C ILE B 134 -46.48 -1.35 -37.12
N SER B 135 -47.02 -1.13 -38.31
CA SER B 135 -47.64 -2.22 -39.04
C SER B 135 -46.64 -3.29 -39.48
N LEU B 136 -45.36 -2.95 -39.54
CA LEU B 136 -44.34 -3.90 -40.00
C LEU B 136 -43.89 -4.84 -38.88
N TRP B 137 -43.93 -4.35 -37.64
CA TRP B 137 -43.40 -5.06 -36.49
C TRP B 137 -44.48 -5.57 -35.54
N PHE B 138 -45.64 -4.94 -35.54
CA PHE B 138 -46.70 -5.28 -34.61
C PHE B 138 -47.96 -5.61 -35.40
N GLN B 139 -48.61 -6.70 -35.01
CA GLN B 139 -49.94 -6.99 -35.50
C GLN B 139 -50.96 -6.14 -34.75
N PRO B 140 -52.11 -5.83 -35.36
CA PRO B 140 -53.09 -4.98 -34.68
C PRO B 140 -53.49 -5.50 -33.32
N GLU B 141 -53.54 -6.83 -33.14
CA GLU B 141 -53.92 -7.43 -31.87
C GLU B 141 -52.83 -7.30 -30.80
N GLU B 142 -51.64 -6.85 -31.16
CA GLU B 142 -50.56 -6.70 -30.20
C GLU B 142 -50.37 -5.26 -29.73
N LEU B 143 -51.25 -4.35 -30.14
CA LEU B 143 -51.26 -2.99 -29.63
C LEU B 143 -52.45 -2.85 -28.71
N VAL B 144 -52.19 -2.56 -27.45
CA VAL B 144 -53.23 -2.47 -26.44
C VAL B 144 -53.48 -1.01 -26.11
N GLU B 145 -54.75 -0.64 -26.04
CA GLU B 145 -55.16 0.71 -25.65
C GLU B 145 -55.75 0.65 -24.25
N TYR B 146 -55.34 1.58 -23.40
CA TYR B 146 -55.91 1.76 -22.07
C TYR B 146 -55.80 3.24 -21.73
N LYS B 147 -56.55 3.67 -20.71
CA LYS B 147 -56.57 5.06 -20.26
C LYS B 147 -55.65 5.21 -19.06
N SER B 148 -54.64 6.06 -19.18
CA SER B 148 -53.77 6.34 -18.04
C SER B 148 -54.55 7.06 -16.95
N CYS B 149 -54.34 6.61 -15.70
CA CYS B 149 -54.93 7.28 -14.54
C CYS B 149 -54.49 8.74 -14.42
N ALA B 150 -53.43 9.13 -15.12
CA ALA B 150 -52.88 10.48 -15.05
C ALA B 150 -53.23 11.30 -16.29
N GLN B 151 -54.03 10.72 -17.20
CA GLN B 151 -54.36 11.40 -18.45
C GLN B 151 -54.70 12.87 -18.22
N ASN B 152 -55.54 13.16 -17.23
CA ASN B 152 -56.04 14.51 -17.07
C ASN B 152 -54.99 15.45 -16.51
N TRP B 153 -53.90 14.92 -15.97
CA TRP B 153 -52.79 15.75 -15.50
C TRP B 153 -51.65 15.85 -16.51
N ILE B 154 -51.66 15.03 -17.57
CA ILE B 154 -50.69 15.16 -18.66
C ILE B 154 -51.23 16.03 -19.78
N TYR B 155 -52.52 15.94 -20.08
CA TYR B 155 -53.15 16.68 -21.17
C TYR B 155 -54.32 17.50 -20.64
N GLU B 156 -54.55 18.65 -21.26
CA GLU B 156 -55.68 19.48 -20.85
C GLU B 156 -56.92 19.19 -21.69
N ALA C 4 -2.33 3.89 -31.94
CA ALA C 4 -2.64 4.84 -33.03
C ALA C 4 -4.11 4.67 -33.45
N MET C 5 -4.87 3.96 -32.63
CA MET C 5 -6.25 3.65 -32.94
C MET C 5 -7.16 4.72 -32.38
N ALA C 6 -8.18 5.08 -33.18
CA ALA C 6 -9.09 6.14 -32.79
C ALA C 6 -9.82 5.78 -31.50
N ASN C 7 -10.21 4.51 -31.35
CA ASN C 7 -10.99 4.08 -30.18
C ASN C 7 -10.16 4.04 -28.90
N SER C 8 -8.85 4.19 -29.00
CA SER C 8 -7.96 4.16 -27.85
C SER C 8 -7.46 5.55 -27.44
N GLU C 9 -8.03 6.61 -28.01
CA GLU C 9 -7.75 7.97 -27.54
C GLU C 9 -8.05 8.07 -26.05
N ARG C 10 -7.33 8.96 -25.37
CA ARG C 10 -7.41 9.09 -23.92
C ARG C 10 -7.60 10.56 -23.51
N THR C 11 -8.32 10.77 -22.42
CA THR C 11 -8.45 12.11 -21.88
C THR C 11 -8.16 12.09 -20.40
N PHE C 12 -7.84 13.28 -19.88
CA PHE C 12 -7.64 13.50 -18.45
C PHE C 12 -8.86 14.22 -17.88
N ILE C 13 -9.48 13.62 -16.88
CA ILE C 13 -10.60 14.22 -16.14
C ILE C 13 -10.20 14.30 -14.68
N ALA C 14 -10.30 15.49 -14.11
CA ALA C 14 -9.98 15.71 -12.70
C ALA C 14 -11.23 16.19 -11.96
N ILE C 15 -11.55 15.55 -10.86
CA ILE C 15 -12.66 16.01 -10.02
C ILE C 15 -12.03 16.93 -9.00
N LYS C 16 -12.43 18.20 -9.03
CA LYS C 16 -11.83 19.23 -8.23
C LYS C 16 -12.25 19.09 -6.76
N PRO C 17 -11.64 19.88 -5.86
CA PRO C 17 -11.95 19.67 -4.43
C PRO C 17 -13.40 19.93 -4.07
N ASP C 18 -14.10 20.82 -4.79
CA ASP C 18 -15.51 20.98 -4.49
C ASP C 18 -16.31 19.75 -4.88
N GLY C 19 -15.97 19.14 -6.03
CA GLY C 19 -16.61 17.90 -6.42
C GLY C 19 -16.45 16.80 -5.37
N VAL C 20 -15.23 16.59 -4.88
CA VAL C 20 -15.04 15.58 -3.83
C VAL C 20 -15.83 15.94 -2.59
N GLN C 21 -15.70 17.19 -2.14
CA GLN C 21 -16.31 17.62 -0.88
C GLN C 21 -17.84 17.52 -0.92
N ARG C 22 -18.44 17.74 -2.08
CA ARG C 22 -19.89 17.70 -2.21
C ARG C 22 -20.40 16.32 -2.60
N GLY C 23 -19.53 15.32 -2.65
CA GLY C 23 -19.97 13.94 -2.78
C GLY C 23 -20.39 13.55 -4.18
N LEU C 24 -19.77 14.14 -5.20
CA LEU C 24 -20.14 13.90 -6.58
C LEU C 24 -19.22 12.92 -7.30
N VAL C 25 -18.34 12.21 -6.58
CA VAL C 25 -17.33 11.40 -7.25
C VAL C 25 -17.97 10.25 -8.00
N GLY C 26 -18.82 9.49 -7.32
CA GLY C 26 -19.48 8.36 -7.97
C GLY C 26 -20.40 8.80 -9.09
N GLU C 27 -21.21 9.83 -8.83
CA GLU C 27 -22.11 10.31 -9.88
C GLU C 27 -21.35 10.65 -11.15
N ILE C 28 -20.16 11.25 -11.01
CA ILE C 28 -19.39 11.66 -12.18
C ILE C 28 -18.78 10.44 -12.89
N ILE C 29 -18.12 9.56 -12.13
CA ILE C 29 -17.59 8.34 -12.73
C ILE C 29 -18.71 7.54 -13.39
N LYS C 30 -19.86 7.43 -12.72
CA LYS C 30 -21.00 6.69 -13.29
C LYS C 30 -21.34 7.21 -14.68
N ARG C 31 -21.35 8.53 -14.86
CA ARG C 31 -21.70 9.11 -16.16
C ARG C 31 -20.77 8.64 -17.26
N PHE C 32 -19.49 8.47 -16.96
CA PHE C 32 -18.56 8.03 -17.99
C PHE C 32 -18.69 6.54 -18.28
N GLU C 33 -18.97 5.73 -17.25
CA GLU C 33 -19.21 4.32 -17.48
C GLU C 33 -20.45 4.09 -18.33
N GLN C 34 -21.57 4.71 -17.95
CA GLN C 34 -22.79 4.50 -18.71
C GLN C 34 -22.66 5.00 -20.15
N LYS C 35 -21.79 5.98 -20.40
CA LYS C 35 -21.56 6.43 -21.77
C LYS C 35 -20.80 5.39 -22.58
N GLY C 36 -20.01 4.55 -21.92
CA GLY C 36 -19.25 3.51 -22.58
C GLY C 36 -17.77 3.78 -22.68
N PHE C 37 -17.26 4.81 -22.02
CA PHE C 37 -15.82 5.02 -22.00
C PHE C 37 -15.18 4.12 -20.94
N ARG C 38 -13.89 3.89 -21.10
CA ARG C 38 -13.19 2.88 -20.31
C ARG C 38 -12.21 3.57 -19.37
N LEU C 39 -12.28 3.20 -18.10
CA LEU C 39 -11.38 3.72 -17.09
C LEU C 39 -9.99 3.13 -17.28
N VAL C 40 -9.00 4.02 -17.38
CA VAL C 40 -7.61 3.64 -17.55
C VAL C 40 -6.77 4.00 -16.33
N GLY C 41 -7.03 5.16 -15.74
CA GLY C 41 -6.27 5.61 -14.60
C GLY C 41 -7.17 6.28 -13.58
N LEU C 42 -6.87 6.02 -12.31
CA LEU C 42 -7.68 6.55 -11.22
C LEU C 42 -6.80 6.71 -9.99
N LYS C 43 -6.70 7.93 -9.46
CA LYS C 43 -6.04 8.09 -8.19
C LYS C 43 -6.56 9.33 -7.46
N PHE C 44 -6.19 9.42 -6.19
CA PHE C 44 -6.73 10.35 -5.22
C PHE C 44 -5.55 10.99 -4.52
N LEU C 45 -5.42 12.31 -4.61
CA LEU C 45 -4.27 12.99 -4.02
C LEU C 45 -4.65 14.43 -3.76
N GLN C 46 -3.81 15.11 -2.98
CA GLN C 46 -3.86 16.55 -2.81
C GLN C 46 -2.73 17.12 -3.66
N ALA C 47 -3.09 17.73 -4.78
CA ALA C 47 -2.09 18.17 -5.74
C ALA C 47 -1.25 19.31 -5.18
N SER C 48 0.05 19.26 -5.46
CA SER C 48 0.94 20.32 -5.03
C SER C 48 0.77 21.54 -5.93
N GLU C 49 1.22 22.70 -5.43
CA GLU C 49 1.12 23.91 -6.23
C GLU C 49 2.06 23.85 -7.44
N ASP C 50 3.18 23.14 -7.34
CA ASP C 50 4.06 23.01 -8.50
C ASP C 50 3.39 22.21 -9.61
N LEU C 51 2.72 21.11 -9.24
CA LEU C 51 1.95 20.35 -10.21
C LEU C 51 0.86 21.22 -10.85
N LEU C 52 0.10 21.93 -10.00
CA LEU C 52 -1.00 22.75 -10.50
C LEU C 52 -0.49 23.91 -11.35
N LYS C 53 0.62 24.53 -10.94
CA LYS C 53 1.21 25.59 -11.77
C LYS C 53 1.63 25.06 -13.13
N GLU C 54 2.10 23.81 -13.20
CA GLU C 54 2.42 23.20 -14.48
C GLU C 54 1.15 22.88 -15.26
N HIS C 55 0.15 22.29 -14.57
CA HIS C 55 -1.11 21.94 -15.21
C HIS C 55 -1.76 23.14 -15.87
N TYR C 56 -1.92 24.24 -15.13
CA TYR C 56 -2.51 25.48 -15.63
C TYR C 56 -1.48 26.43 -16.22
N THR C 57 -0.41 25.90 -16.81
CA THR C 57 0.67 26.78 -17.25
C THR C 57 0.18 27.76 -18.31
N ASP C 58 -0.81 27.39 -19.12
CA ASP C 58 -1.28 28.32 -20.13
C ASP C 58 -2.01 29.52 -19.54
N LEU C 59 -2.21 29.56 -18.22
CA LEU C 59 -2.98 30.62 -17.57
C LEU C 59 -2.12 31.45 -16.63
N LYS C 60 -0.79 31.29 -16.70
CA LYS C 60 0.13 32.04 -15.84
C LYS C 60 -0.26 33.51 -15.71
N ASP C 61 -0.64 34.15 -16.82
CA ASP C 61 -0.79 35.59 -16.87
C ASP C 61 -2.23 36.05 -16.72
N ARG C 62 -3.08 35.23 -16.12
CA ARG C 62 -4.47 35.57 -15.88
CA ARG C 62 -4.48 35.59 -15.88
C ARG C 62 -4.69 35.97 -14.42
N PRO C 63 -5.51 36.99 -14.14
CA PRO C 63 -5.65 37.45 -12.74
C PRO C 63 -6.12 36.37 -11.77
N PHE C 64 -6.75 35.31 -12.24
CA PHE C 64 -7.28 34.27 -11.36
C PHE C 64 -6.32 33.12 -11.15
N PHE C 65 -5.14 33.15 -11.80
CA PHE C 65 -4.23 32.00 -11.79
C PHE C 65 -3.77 31.66 -10.37
N THR C 66 -3.39 32.67 -9.60
CA THR C 66 -2.92 32.43 -8.23
C THR C 66 -4.02 31.78 -7.40
N GLY C 67 -5.21 32.35 -7.43
CA GLY C 67 -6.32 31.78 -6.68
C GLY C 67 -6.71 30.41 -7.15
N LEU C 68 -6.62 30.17 -8.47
CA LEU C 68 -6.92 28.86 -9.01
C LEU C 68 -5.94 27.81 -8.50
N VAL C 69 -4.64 28.06 -8.69
CA VAL C 69 -3.60 27.16 -8.19
C VAL C 69 -3.78 26.85 -6.71
N LYS C 70 -3.96 27.89 -5.89
CA LYS C 70 -4.07 27.67 -4.44
C LYS C 70 -5.40 27.02 -4.06
N TYR C 71 -6.48 27.29 -4.79
CA TYR C 71 -7.74 26.63 -4.48
C TYR C 71 -7.70 25.16 -4.82
N MET C 72 -7.15 24.81 -5.99
CA MET C 72 -6.96 23.41 -6.38
C MET C 72 -6.03 22.68 -5.44
N HIS C 73 -5.29 23.39 -4.60
CA HIS C 73 -4.46 22.77 -3.59
C HIS C 73 -5.20 22.55 -2.29
N SER C 74 -6.36 23.18 -2.09
CA SER C 74 -6.93 23.29 -0.75
C SER C 74 -7.57 21.99 -0.28
N GLY C 75 -7.79 21.03 -1.18
CA GLY C 75 -8.36 19.75 -0.81
C GLY C 75 -7.99 18.69 -1.82
N PRO C 76 -8.32 17.44 -1.55
CA PRO C 76 -7.96 16.36 -2.47
C PRO C 76 -8.80 16.42 -3.74
N VAL C 77 -8.21 15.91 -4.82
CA VAL C 77 -8.89 15.74 -6.09
C VAL C 77 -8.84 14.26 -6.45
N VAL C 78 -9.71 13.87 -7.38
CA VAL C 78 -9.68 12.57 -8.01
C VAL C 78 -9.16 12.77 -9.42
N ALA C 79 -8.04 12.12 -9.73
CA ALA C 79 -7.44 12.18 -11.05
C ALA C 79 -7.82 10.92 -11.83
N MET C 80 -8.17 11.10 -13.10
CA MET C 80 -8.69 10.01 -13.90
C MET C 80 -8.20 10.11 -15.34
N VAL C 81 -8.09 8.95 -15.99
CA VAL C 81 -7.86 8.86 -17.42
C VAL C 81 -8.92 7.93 -17.98
N TRP C 82 -9.63 8.40 -19.00
CA TRP C 82 -10.71 7.65 -19.63
C TRP C 82 -10.37 7.48 -21.10
N GLU C 83 -10.75 6.34 -21.66
CA GLU C 83 -10.36 6.00 -23.02
C GLU C 83 -11.57 5.64 -23.88
N GLY C 84 -11.59 6.19 -25.09
CA GLY C 84 -12.59 5.84 -26.07
C GLY C 84 -12.54 6.79 -27.24
N LEU C 85 -13.33 6.44 -28.27
CA LEU C 85 -13.45 7.26 -29.48
C LEU C 85 -13.89 8.69 -29.14
N ASN C 86 -13.06 9.66 -29.54
CA ASN C 86 -13.30 11.10 -29.35
C ASN C 86 -13.60 11.43 -27.89
N VAL C 87 -12.93 10.72 -26.98
CA VAL C 87 -13.19 10.89 -25.56
C VAL C 87 -12.83 12.30 -25.10
N VAL C 88 -11.83 12.94 -25.72
CA VAL C 88 -11.46 14.30 -25.32
C VAL C 88 -12.60 15.28 -25.65
N LYS C 89 -13.04 15.29 -26.91
CA LYS C 89 -14.14 16.16 -27.31
C LYS C 89 -15.44 15.80 -26.59
N THR C 90 -15.79 14.50 -26.60
CA THR C 90 -17.06 14.13 -25.99
C THR C 90 -17.02 14.29 -24.48
N GLY C 91 -15.83 14.12 -23.88
CA GLY C 91 -15.68 14.43 -22.45
C GLY C 91 -16.10 15.85 -22.15
N ARG C 92 -15.56 16.81 -22.89
CA ARG C 92 -15.93 18.20 -22.67
C ARG C 92 -17.42 18.42 -22.83
N VAL C 93 -18.02 17.86 -23.88
CA VAL C 93 -19.47 17.96 -24.04
C VAL C 93 -20.18 17.47 -22.79
N MET C 94 -19.82 16.27 -22.32
CA MET C 94 -20.43 15.72 -21.11
C MET C 94 -20.18 16.60 -19.90
N LEU C 95 -18.99 17.19 -19.81
CA LEU C 95 -18.70 18.06 -18.69
C LEU C 95 -19.59 19.28 -18.71
N GLY C 96 -19.88 19.80 -19.90
CA GLY C 96 -20.52 21.09 -20.03
C GLY C 96 -19.52 22.21 -20.19
N GLU C 97 -20.06 23.41 -20.40
CA GLU C 97 -19.21 24.57 -20.58
C GLU C 97 -18.39 24.84 -19.32
N THR C 98 -17.14 25.25 -19.54
CA THR C 98 -16.22 25.56 -18.45
C THR C 98 -16.85 26.52 -17.44
N ASN C 99 -17.55 27.53 -17.93
CA ASN C 99 -18.25 28.44 -17.04
C ASN C 99 -19.62 27.87 -16.73
N PRO C 100 -19.89 27.48 -15.48
CA PRO C 100 -21.15 26.78 -15.18
C PRO C 100 -22.39 27.55 -15.55
N ALA C 101 -22.31 28.88 -15.68
CA ALA C 101 -23.49 29.66 -16.05
C ALA C 101 -24.07 29.23 -17.40
N ASP C 102 -23.21 28.82 -18.33
CA ASP C 102 -23.63 28.41 -19.66
C ASP C 102 -23.76 26.90 -19.82
N SER C 103 -23.41 26.12 -18.79
CA SER C 103 -23.55 24.67 -18.87
C SER C 103 -25.02 24.29 -18.95
N LYS C 104 -25.36 23.35 -19.83
CA LYS C 104 -26.76 23.00 -19.99
C LYS C 104 -27.15 21.87 -19.03
N PRO C 105 -28.39 21.90 -18.52
CA PRO C 105 -28.89 20.76 -17.73
C PRO C 105 -28.67 19.46 -18.48
N GLY C 106 -28.29 18.42 -17.74
CA GLY C 106 -27.87 17.17 -18.32
C GLY C 106 -26.37 16.99 -18.36
N THR C 107 -25.59 18.08 -18.50
CA THR C 107 -24.14 17.98 -18.32
C THR C 107 -23.78 17.95 -16.85
N ILE C 108 -22.54 17.53 -16.58
CA ILE C 108 -22.06 17.41 -15.20
C ILE C 108 -22.06 18.76 -14.50
N ARG C 109 -21.51 19.80 -15.14
CA ARG C 109 -21.51 21.12 -14.50
C ARG C 109 -22.91 21.72 -14.48
N GLY C 110 -23.68 21.51 -15.55
CA GLY C 110 -25.02 22.07 -15.59
C GLY C 110 -25.95 21.48 -14.56
N ASP C 111 -25.67 20.27 -14.09
CA ASP C 111 -26.51 19.61 -13.11
C ASP C 111 -26.04 19.83 -11.68
N PHE C 112 -24.73 20.08 -11.46
CA PHE C 112 -24.17 20.02 -10.11
C PHE C 112 -23.42 21.24 -9.59
N CYS C 113 -23.24 22.31 -10.36
CA CYS C 113 -22.50 23.42 -9.80
C CYS C 113 -22.95 24.74 -10.43
N ILE C 114 -22.43 25.83 -9.87
CA ILE C 114 -23.01 27.14 -10.10
C ILE C 114 -21.97 28.18 -10.56
N GLN C 115 -20.80 28.21 -9.92
CA GLN C 115 -19.91 29.35 -10.06
C GLN C 115 -18.57 28.95 -10.67
N VAL C 116 -17.91 29.93 -11.29
CA VAL C 116 -16.71 29.67 -12.08
C VAL C 116 -15.56 29.18 -11.20
N GLY C 117 -15.35 29.83 -10.05
CA GLY C 117 -14.30 29.38 -9.16
C GLY C 117 -14.56 28.02 -8.53
N ARG C 118 -15.77 27.46 -8.72
CA ARG C 118 -16.21 26.23 -8.08
C ARG C 118 -16.92 25.36 -9.12
N ASN C 119 -16.19 24.93 -10.16
CA ASN C 119 -16.82 24.25 -11.28
C ASN C 119 -16.57 22.74 -11.26
N ILE C 120 -16.34 22.20 -10.06
CA ILE C 120 -16.30 20.77 -9.67
C ILE C 120 -15.42 19.85 -10.52
N ILE C 121 -15.09 20.20 -11.76
CA ILE C 121 -14.45 19.24 -12.65
C ILE C 121 -13.55 19.94 -13.67
N HIS C 122 -12.57 19.19 -14.17
CA HIS C 122 -11.76 19.63 -15.30
C HIS C 122 -11.61 18.48 -16.30
N GLY C 123 -11.62 18.81 -17.59
CA GLY C 123 -11.31 17.84 -18.62
C GLY C 123 -10.42 18.48 -19.68
N SER C 124 -9.53 17.66 -20.26
CA SER C 124 -8.59 18.15 -21.27
C SER C 124 -9.32 18.74 -22.48
N ASP C 125 -8.77 19.83 -23.03
CA ASP C 125 -9.41 20.50 -24.16
C ASP C 125 -8.91 20.00 -25.52
N SER C 126 -7.92 19.11 -25.56
CA SER C 126 -7.42 18.59 -26.83
C SER C 126 -6.62 17.31 -26.58
N VAL C 127 -6.52 16.49 -27.63
CA VAL C 127 -5.71 15.27 -27.53
C VAL C 127 -4.29 15.62 -27.07
N LYS C 128 -3.77 16.75 -27.55
CA LYS C 128 -2.43 17.20 -27.14
C LYS C 128 -2.38 17.62 -25.69
N SER C 129 -3.36 18.44 -25.24
CA SER C 129 -3.44 18.76 -23.82
C SER C 129 -3.60 17.51 -22.99
N ALA C 130 -4.33 16.52 -23.51
CA ALA C 130 -4.56 15.28 -22.76
C ALA C 130 -3.26 14.53 -22.49
N GLU C 131 -2.55 14.14 -23.55
CA GLU C 131 -1.28 13.42 -23.37
C GLU C 131 -0.36 14.17 -22.42
N LYS C 132 -0.31 15.49 -22.54
CA LYS C 132 0.46 16.30 -21.61
C LYS C 132 -0.08 16.20 -20.18
N GLU C 133 -1.40 16.29 -20.00
CA GLU C 133 -1.90 16.23 -18.64
C GLU C 133 -1.82 14.83 -18.05
N ILE C 134 -2.07 13.80 -18.87
CA ILE C 134 -1.92 12.43 -18.37
C ILE C 134 -0.51 12.20 -17.85
N SER C 135 0.49 12.59 -18.65
CA SER C 135 1.87 12.37 -18.23
C SER C 135 2.21 13.19 -17.00
N LEU C 136 1.58 14.34 -16.82
CA LEU C 136 1.83 15.20 -15.67
C LEU C 136 1.28 14.61 -14.38
N TRP C 137 0.10 13.99 -14.44
CA TRP C 137 -0.58 13.47 -13.26
C TRP C 137 -0.35 11.97 -13.04
N PHE C 138 -0.08 11.21 -14.09
CA PHE C 138 0.08 9.77 -13.97
C PHE C 138 1.46 9.35 -14.43
N GLN C 139 1.96 8.34 -13.82
CA GLN C 139 3.11 7.61 -14.33
C GLN C 139 2.64 6.50 -15.26
N PRO C 140 3.47 6.12 -16.25
CA PRO C 140 3.01 5.14 -17.25
C PRO C 140 2.57 3.82 -16.65
N GLU C 141 3.20 3.38 -15.57
CA GLU C 141 2.83 2.12 -14.92
C GLU C 141 1.52 2.21 -14.15
N GLU C 142 0.96 3.40 -13.98
CA GLU C 142 -0.30 3.59 -13.28
C GLU C 142 -1.50 3.53 -14.22
N LEU C 143 -1.28 3.37 -15.52
CA LEU C 143 -2.33 3.30 -16.52
C LEU C 143 -2.50 1.84 -16.94
N VAL C 144 -3.70 1.30 -16.71
CA VAL C 144 -3.98 -0.12 -16.97
C VAL C 144 -4.87 -0.22 -18.19
N GLU C 145 -4.50 -1.11 -19.10
CA GLU C 145 -5.32 -1.41 -20.27
C GLU C 145 -5.98 -2.78 -20.10
N TYR C 146 -7.26 -2.85 -20.44
CA TYR C 146 -8.00 -4.11 -20.50
C TYR C 146 -9.07 -3.96 -21.56
N LYS C 147 -9.64 -5.08 -21.97
CA LYS C 147 -10.70 -5.11 -22.98
C LYS C 147 -12.05 -5.20 -22.27
N SER C 148 -12.89 -4.18 -22.47
CA SER C 148 -14.24 -4.20 -21.91
C SER C 148 -15.07 -5.30 -22.58
N CYS C 149 -15.70 -6.15 -21.75
CA CYS C 149 -16.56 -7.23 -22.24
C CYS C 149 -17.62 -6.75 -23.23
N ALA C 150 -18.01 -5.48 -23.15
CA ALA C 150 -19.01 -4.90 -24.04
C ALA C 150 -18.37 -4.12 -25.19
N GLN C 151 -17.11 -4.39 -25.53
CA GLN C 151 -16.44 -3.59 -26.56
C GLN C 151 -17.11 -3.75 -27.92
N ASN C 152 -17.38 -4.99 -28.32
CA ASN C 152 -18.02 -5.24 -29.61
C ASN C 152 -19.42 -4.63 -29.70
N TRP C 153 -20.02 -4.26 -28.58
CA TRP C 153 -21.33 -3.59 -28.59
C TRP C 153 -21.23 -2.08 -28.42
N ILE C 154 -20.07 -1.56 -28.05
CA ILE C 154 -19.82 -0.12 -28.06
C ILE C 154 -19.25 0.35 -29.40
N TYR C 155 -18.41 -0.48 -30.04
CA TYR C 155 -17.68 -0.09 -31.25
C TYR C 155 -17.93 -1.10 -32.37
N GLU C 156 -17.95 -0.59 -33.62
CA GLU C 156 -18.20 -1.43 -34.78
C GLU C 156 -16.90 -2.04 -35.27
N MET D 5 -61.49 6.16 8.39
CA MET D 5 -61.05 5.42 7.21
C MET D 5 -59.57 4.99 7.31
N ALA D 6 -59.33 3.68 7.11
CA ALA D 6 -57.99 3.13 7.31
C ALA D 6 -56.98 3.69 6.31
N ASN D 7 -57.41 3.91 5.07
CA ASN D 7 -56.52 4.46 4.04
C ASN D 7 -56.22 5.93 4.26
N SER D 8 -56.83 6.56 5.27
CA SER D 8 -56.69 7.97 5.59
C SER D 8 -55.81 8.23 6.82
N GLU D 9 -55.17 7.19 7.35
CA GLU D 9 -54.21 7.37 8.41
C GLU D 9 -53.13 8.38 8.00
N ARG D 10 -52.65 9.15 8.98
CA ARG D 10 -51.64 10.16 8.74
CA ARG D 10 -51.64 10.16 8.74
C ARG D 10 -50.48 9.97 9.71
N THR D 11 -49.28 10.29 9.23
CA THR D 11 -48.08 10.28 10.07
C THR D 11 -47.32 11.59 9.87
N PHE D 12 -46.54 11.94 10.89
CA PHE D 12 -45.69 13.12 10.84
C PHE D 12 -44.27 12.68 10.51
N ILE D 13 -43.68 13.28 9.48
CA ILE D 13 -42.29 13.02 9.09
C ILE D 13 -41.55 14.35 9.11
N ALA D 14 -40.41 14.38 9.78
CA ALA D 14 -39.57 15.58 9.85
C ALA D 14 -38.19 15.24 9.35
N ILE D 15 -37.72 15.99 8.36
CA ILE D 15 -36.34 15.87 7.89
C ILE D 15 -35.52 16.81 8.75
N LYS D 16 -34.64 16.23 9.55
CA LYS D 16 -33.91 16.93 10.59
C LYS D 16 -32.88 17.88 9.97
N PRO D 17 -32.27 18.77 10.77
CA PRO D 17 -31.40 19.78 10.16
C PRO D 17 -30.24 19.17 9.39
N ASP D 18 -29.79 17.97 9.77
CA ASP D 18 -28.72 17.34 9.02
C ASP D 18 -29.20 16.80 7.67
N GLY D 19 -30.47 16.38 7.58
CA GLY D 19 -31.02 15.98 6.30
C GLY D 19 -31.17 17.14 5.34
N VAL D 20 -31.61 18.30 5.83
CA VAL D 20 -31.64 19.49 4.99
C VAL D 20 -30.23 19.87 4.53
N GLN D 21 -29.27 19.91 5.47
CA GLN D 21 -27.91 20.37 5.18
C GLN D 21 -27.20 19.49 4.16
N ARG D 22 -27.40 18.18 4.23
CA ARG D 22 -26.72 17.29 3.30
C ARG D 22 -27.54 17.05 2.04
N GLY D 23 -28.60 17.82 1.82
CA GLY D 23 -29.26 17.84 0.54
C GLY D 23 -30.08 16.61 0.24
N LEU D 24 -30.79 16.09 1.25
CA LEU D 24 -31.51 14.83 1.13
C LEU D 24 -33.01 15.03 1.05
N VAL D 25 -33.47 16.28 1.06
CA VAL D 25 -34.91 16.59 1.09
C VAL D 25 -35.62 15.93 -0.07
N GLY D 26 -35.15 16.17 -1.29
CA GLY D 26 -35.80 15.58 -2.45
C GLY D 26 -35.78 14.07 -2.44
N GLU D 27 -34.64 13.46 -2.07
CA GLU D 27 -34.55 12.00 -2.09
C GLU D 27 -35.55 11.39 -1.14
N ILE D 28 -35.74 12.03 0.01
CA ILE D 28 -36.65 11.51 1.01
C ILE D 28 -38.10 11.63 0.55
N ILE D 29 -38.50 12.81 0.06
CA ILE D 29 -39.86 12.98 -0.43
C ILE D 29 -40.15 12.02 -1.56
N LYS D 30 -39.18 11.82 -2.46
CA LYS D 30 -39.36 10.88 -3.56
C LYS D 30 -39.70 9.49 -3.04
N ARG D 31 -38.98 9.02 -2.03
CA ARG D 31 -39.26 7.67 -1.56
C ARG D 31 -40.70 7.52 -1.06
N PHE D 32 -41.26 8.57 -0.46
CA PHE D 32 -42.65 8.50 -0.03
C PHE D 32 -43.61 8.59 -1.20
N GLU D 33 -43.28 9.42 -2.21
CA GLU D 33 -44.17 9.54 -3.36
C GLU D 33 -44.25 8.24 -4.13
N GLN D 34 -43.09 7.63 -4.41
CA GLN D 34 -43.08 6.45 -5.26
C GLN D 34 -43.65 5.21 -4.55
N LYS D 35 -43.62 5.21 -3.22
CA LYS D 35 -44.28 4.15 -2.45
C LYS D 35 -45.79 4.21 -2.62
N GLY D 36 -46.33 5.40 -2.92
CA GLY D 36 -47.75 5.57 -3.10
C GLY D 36 -48.45 6.27 -1.96
N PHE D 37 -47.71 6.90 -1.05
CA PHE D 37 -48.29 7.70 0.01
C PHE D 37 -48.54 9.11 -0.50
N ARG D 38 -49.46 9.81 0.17
CA ARG D 38 -49.94 11.10 -0.32
C ARG D 38 -49.50 12.22 0.61
N LEU D 39 -48.93 13.27 0.04
CA LEU D 39 -48.50 14.41 0.82
C LEU D 39 -49.68 15.24 1.25
N VAL D 40 -49.75 15.58 2.54
CA VAL D 40 -50.87 16.32 3.11
C VAL D 40 -50.44 17.63 3.71
N GLY D 41 -49.20 17.70 4.21
CA GLY D 41 -48.65 18.92 4.74
C GLY D 41 -47.17 18.98 4.47
N LEU D 42 -46.70 20.20 4.21
CA LEU D 42 -45.30 20.36 3.83
C LEU D 42 -44.87 21.78 4.15
N LYS D 43 -43.82 21.94 4.95
CA LYS D 43 -43.38 23.26 5.41
C LYS D 43 -41.91 23.20 5.79
N PHE D 44 -41.25 24.35 5.65
CA PHE D 44 -39.83 24.56 5.96
C PHE D 44 -39.74 25.57 7.08
N LEU D 45 -39.11 25.19 8.19
CA LEU D 45 -39.03 26.12 9.31
C LEU D 45 -37.85 25.80 10.21
N GLN D 46 -37.50 26.78 11.03
CA GLN D 46 -36.58 26.60 12.13
C GLN D 46 -37.43 26.44 13.38
N ALA D 47 -37.50 25.21 13.89
CA ALA D 47 -38.39 24.92 14.99
C ALA D 47 -37.92 25.61 16.27
N SER D 48 -38.84 26.27 16.96
CA SER D 48 -38.44 26.90 18.21
C SER D 48 -38.09 25.82 19.24
N GLU D 49 -37.35 26.24 20.27
CA GLU D 49 -36.96 25.28 21.29
C GLU D 49 -38.15 24.83 22.13
N ASP D 50 -39.10 25.74 22.37
CA ASP D 50 -40.34 25.34 23.03
C ASP D 50 -41.07 24.26 22.24
N LEU D 51 -41.16 24.41 20.91
CA LEU D 51 -41.81 23.37 20.11
C LEU D 51 -41.04 22.06 20.24
N LEU D 52 -39.73 22.12 20.09
CA LEU D 52 -38.93 20.90 20.17
C LEU D 52 -39.02 20.27 21.54
N LYS D 53 -39.05 21.09 22.61
CA LYS D 53 -39.12 20.54 23.95
C LYS D 53 -40.44 19.81 24.19
N GLU D 54 -41.53 20.29 23.60
CA GLU D 54 -42.79 19.56 23.73
C GLU D 54 -42.80 18.33 22.83
N HIS D 55 -42.30 18.47 21.62
CA HIS D 55 -42.24 17.32 20.72
C HIS D 55 -41.54 16.15 21.36
N TYR D 56 -40.40 16.39 22.02
CA TYR D 56 -39.60 15.36 22.67
C TYR D 56 -39.85 15.29 24.16
N THR D 57 -41.05 15.66 24.61
CA THR D 57 -41.31 15.75 26.04
C THR D 57 -41.09 14.42 26.76
N ASP D 58 -41.39 13.29 26.12
CA ASP D 58 -41.14 12.00 26.73
C ASP D 58 -39.66 11.80 27.05
N LEU D 59 -38.77 12.55 26.42
CA LEU D 59 -37.33 12.32 26.53
C LEU D 59 -36.63 13.30 27.46
N LYS D 60 -37.38 14.18 28.14
CA LYS D 60 -36.78 15.29 28.87
C LYS D 60 -35.81 14.86 29.96
N ASP D 61 -35.95 13.63 30.48
CA ASP D 61 -35.04 13.12 31.50
C ASP D 61 -33.90 12.31 30.90
N ARG D 62 -33.79 12.27 29.59
CA ARG D 62 -32.68 11.48 29.08
C ARG D 62 -31.41 12.33 29.06
N PRO D 63 -30.24 11.71 29.21
CA PRO D 63 -29.00 12.51 29.25
C PRO D 63 -28.71 13.25 27.95
N PHE D 64 -29.23 12.79 26.82
CA PHE D 64 -28.98 13.41 25.52
C PHE D 64 -29.98 14.52 25.17
N PHE D 65 -30.98 14.76 26.01
CA PHE D 65 -32.11 15.62 25.63
C PHE D 65 -31.65 17.03 25.28
N THR D 66 -30.91 17.67 26.18
CA THR D 66 -30.44 19.04 25.93
C THR D 66 -29.74 19.16 24.57
N GLY D 67 -28.87 18.21 24.23
CA GLY D 67 -28.17 18.25 22.96
C GLY D 67 -29.04 17.86 21.78
N LEU D 68 -30.05 17.01 22.01
CA LEU D 68 -31.02 16.73 20.96
C LEU D 68 -31.76 17.99 20.54
N VAL D 69 -32.27 18.74 21.53
CA VAL D 69 -32.99 19.98 21.21
C VAL D 69 -32.07 20.96 20.49
N LYS D 70 -30.84 21.15 21.01
CA LYS D 70 -29.88 22.06 20.40
C LYS D 70 -29.61 21.69 18.94
N TYR D 71 -29.40 20.39 18.67
CA TYR D 71 -29.24 19.91 17.30
C TYR D 71 -30.51 20.14 16.48
N MET D 72 -31.68 19.79 17.03
CA MET D 72 -32.91 19.99 16.27
C MET D 72 -33.24 21.46 16.06
N HIS D 73 -32.63 22.36 16.82
CA HIS D 73 -32.83 23.81 16.68
C HIS D 73 -31.70 24.48 15.90
N SER D 74 -30.63 23.74 15.56
CA SER D 74 -29.43 24.36 15.01
C SER D 74 -29.60 24.80 13.56
N GLY D 75 -30.64 24.33 12.89
CA GLY D 75 -30.87 24.63 11.50
C GLY D 75 -32.31 24.32 11.17
N PRO D 76 -32.77 24.71 9.99
CA PRO D 76 -34.17 24.48 9.63
C PRO D 76 -34.46 23.01 9.34
N VAL D 77 -35.75 22.68 9.42
CA VAL D 77 -36.22 21.31 9.20
C VAL D 77 -37.35 21.36 8.18
N VAL D 78 -37.57 20.24 7.51
CA VAL D 78 -38.75 20.12 6.65
C VAL D 78 -39.75 19.24 7.39
N ALA D 79 -40.88 19.83 7.78
CA ALA D 79 -41.99 19.12 8.44
C ALA D 79 -43.02 18.73 7.40
N MET D 80 -43.56 17.51 7.54
CA MET D 80 -44.43 16.91 6.53
C MET D 80 -45.49 16.05 7.18
N VAL D 81 -46.65 15.96 6.51
CA VAL D 81 -47.70 15.03 6.87
C VAL D 81 -47.97 14.13 5.67
N TRP D 82 -48.10 12.83 5.92
CA TRP D 82 -48.29 11.88 4.84
C TRP D 82 -49.43 10.94 5.19
N GLU D 83 -50.25 10.61 4.19
CA GLU D 83 -51.47 9.86 4.40
C GLU D 83 -51.46 8.58 3.56
N GLY D 84 -51.92 7.49 4.18
CA GLY D 84 -52.07 6.22 3.48
C GLY D 84 -52.32 5.13 4.49
N LEU D 85 -52.65 3.95 3.96
CA LEU D 85 -52.89 2.78 4.80
C LEU D 85 -51.64 2.40 5.61
N ASN D 86 -51.77 2.40 6.94
CA ASN D 86 -50.69 2.03 7.84
C ASN D 86 -49.43 2.87 7.61
N VAL D 87 -49.63 4.15 7.29
CA VAL D 87 -48.50 5.02 6.96
C VAL D 87 -47.62 5.25 8.19
N VAL D 88 -48.17 5.13 9.41
CA VAL D 88 -47.33 5.32 10.59
C VAL D 88 -46.31 4.20 10.71
N LYS D 89 -46.77 2.95 10.64
CA LYS D 89 -45.88 1.80 10.78
C LYS D 89 -44.99 1.64 9.54
N THR D 90 -45.55 1.80 8.35
CA THR D 90 -44.77 1.59 7.14
C THR D 90 -43.76 2.72 6.92
N GLY D 91 -44.10 3.94 7.35
CA GLY D 91 -43.12 5.01 7.33
C GLY D 91 -41.89 4.69 8.15
N ARG D 92 -42.09 4.12 9.34
CA ARG D 92 -40.98 3.72 10.20
C ARG D 92 -40.13 2.67 9.52
N VAL D 93 -40.77 1.65 8.92
CA VAL D 93 -40.04 0.66 8.16
C VAL D 93 -39.16 1.32 7.09
N MET D 94 -39.73 2.31 6.38
CA MET D 94 -39.00 2.97 5.31
C MET D 94 -37.86 3.83 5.86
N LEU D 95 -38.07 4.44 7.03
CA LEU D 95 -37.04 5.26 7.66
C LEU D 95 -35.85 4.44 8.10
N GLY D 96 -36.10 3.21 8.59
CA GLY D 96 -35.09 2.37 9.19
C GLY D 96 -35.17 2.44 10.69
N GLU D 97 -34.34 1.63 11.33
CA GLU D 97 -34.24 1.71 12.77
C GLU D 97 -33.82 3.12 13.17
N THR D 98 -34.44 3.60 14.26
CA THR D 98 -34.06 4.92 14.78
C THR D 98 -32.54 5.02 14.96
N ASN D 99 -31.90 3.98 15.47
CA ASN D 99 -30.45 3.97 15.57
C ASN D 99 -29.86 3.64 14.20
N PRO D 100 -29.22 4.61 13.55
CA PRO D 100 -28.70 4.34 12.19
C PRO D 100 -27.76 3.13 12.11
N ALA D 101 -27.11 2.75 13.22
CA ALA D 101 -26.26 1.57 13.19
C ALA D 101 -27.03 0.31 12.81
N ASP D 102 -28.32 0.27 13.11
CA ASP D 102 -29.15 -0.92 12.93
C ASP D 102 -30.00 -0.86 11.69
N SER D 103 -30.01 0.28 11.00
CA SER D 103 -30.87 0.48 9.85
C SER D 103 -30.37 -0.36 8.67
N LYS D 104 -31.31 -0.95 7.92
CA LYS D 104 -30.84 -1.82 6.85
C LYS D 104 -30.62 -0.99 5.58
N PRO D 105 -29.71 -1.43 4.71
CA PRO D 105 -29.59 -0.76 3.41
C PRO D 105 -30.93 -0.85 2.68
N GLY D 106 -31.26 0.22 1.97
CA GLY D 106 -32.56 0.34 1.34
C GLY D 106 -33.53 1.21 2.09
N THR D 107 -33.32 1.41 3.39
CA THR D 107 -34.04 2.42 4.16
C THR D 107 -33.32 3.75 4.10
N ILE D 108 -34.04 4.79 4.53
CA ILE D 108 -33.54 6.16 4.45
C ILE D 108 -32.32 6.35 5.33
N ARG D 109 -32.40 5.91 6.59
CA ARG D 109 -31.24 6.05 7.46
C ARG D 109 -30.17 5.02 7.12
N GLY D 110 -30.57 3.85 6.62
CA GLY D 110 -29.60 2.86 6.19
C GLY D 110 -28.79 3.33 5.01
N ASP D 111 -29.39 4.08 4.11
CA ASP D 111 -28.68 4.58 2.94
C ASP D 111 -27.94 5.88 3.18
N PHE D 112 -28.34 6.71 4.16
CA PHE D 112 -27.86 8.08 4.18
C PHE D 112 -27.23 8.60 5.45
N CYS D 113 -27.14 7.84 6.54
CA CYS D 113 -26.58 8.42 7.76
C CYS D 113 -26.01 7.33 8.66
N ILE D 114 -25.30 7.75 9.71
CA ILE D 114 -24.35 6.88 10.38
C ILE D 114 -24.59 6.82 11.88
N GLN D 115 -24.90 7.96 12.51
CA GLN D 115 -24.77 8.10 13.96
C GLN D 115 -26.06 8.57 14.62
N VAL D 116 -26.29 8.13 15.85
CA VAL D 116 -27.59 8.35 16.50
C VAL D 116 -27.93 9.83 16.58
N GLY D 117 -26.94 10.67 16.91
CA GLY D 117 -27.20 12.09 17.09
C GLY D 117 -27.40 12.87 15.80
N ARG D 118 -27.28 12.23 14.65
CA ARG D 118 -27.46 12.83 13.32
C ARG D 118 -28.15 11.79 12.42
N ASN D 119 -29.43 11.52 12.71
CA ASN D 119 -30.15 10.44 12.03
C ASN D 119 -31.22 10.97 11.06
N ILE D 120 -31.00 12.19 10.54
CA ILE D 120 -31.59 12.87 9.38
C ILE D 120 -33.12 12.99 9.35
N ILE D 121 -33.86 12.21 10.14
CA ILE D 121 -35.30 12.14 9.96
C ILE D 121 -35.97 11.60 11.22
N HIS D 122 -37.24 11.96 11.39
CA HIS D 122 -38.12 11.43 12.43
C HIS D 122 -39.45 11.04 11.82
N GLY D 123 -40.02 9.94 12.29
CA GLY D 123 -41.39 9.61 11.98
C GLY D 123 -42.11 9.22 13.25
N SER D 124 -43.41 9.50 13.28
CA SER D 124 -44.20 9.18 14.45
C SER D 124 -44.15 7.67 14.72
N ASP D 125 -44.13 7.29 15.99
CA ASP D 125 -44.03 5.88 16.30
C ASP D 125 -45.39 5.20 16.46
N SER D 126 -46.46 5.97 16.55
CA SER D 126 -47.79 5.40 16.70
C SER D 126 -48.80 6.38 16.13
N VAL D 127 -50.03 5.88 15.95
CA VAL D 127 -51.11 6.76 15.51
C VAL D 127 -51.33 7.86 16.53
N LYS D 128 -51.36 7.51 17.82
CA LYS D 128 -51.56 8.52 18.86
C LYS D 128 -50.49 9.60 18.81
N SER D 129 -49.20 9.21 18.80
CA SER D 129 -48.12 10.17 18.64
C SER D 129 -48.29 10.99 17.37
N ALA D 130 -48.70 10.34 16.28
CA ALA D 130 -48.90 11.04 15.02
C ALA D 130 -49.92 12.16 15.18
N GLU D 131 -51.09 11.85 15.76
CA GLU D 131 -52.09 12.90 15.91
C GLU D 131 -51.57 14.03 16.80
N LYS D 132 -50.77 13.72 17.81
CA LYS D 132 -50.17 14.78 18.63
C LYS D 132 -49.16 15.61 17.84
N GLU D 133 -48.22 14.94 17.17
CA GLU D 133 -47.16 15.65 16.46
C GLU D 133 -47.73 16.52 15.35
N ILE D 134 -48.73 16.02 14.61
CA ILE D 134 -49.33 16.79 13.52
C ILE D 134 -49.95 18.08 14.07
N SER D 135 -50.75 17.97 15.13
CA SER D 135 -51.40 19.15 15.73
C SER D 135 -50.37 20.13 16.28
N LEU D 136 -49.24 19.62 16.76
CA LEU D 136 -48.18 20.44 17.32
C LEU D 136 -47.44 21.23 16.25
N TRP D 137 -47.19 20.62 15.09
CA TRP D 137 -46.41 21.25 14.04
C TRP D 137 -47.25 21.95 12.98
N PHE D 138 -48.50 21.56 12.80
CA PHE D 138 -49.34 22.09 11.73
C PHE D 138 -50.64 22.65 12.27
N GLN D 139 -50.98 23.86 11.84
CA GLN D 139 -52.30 24.43 12.05
C GLN D 139 -53.28 23.86 11.03
N PRO D 140 -54.58 23.86 11.36
CA PRO D 140 -55.58 23.32 10.43
C PRO D 140 -55.52 23.91 9.03
N GLU D 141 -55.14 25.18 8.93
CA GLU D 141 -55.03 25.88 7.67
C GLU D 141 -53.95 25.30 6.77
N GLU D 142 -52.97 24.59 7.34
CA GLU D 142 -51.80 24.14 6.62
C GLU D 142 -51.88 22.70 6.15
N LEU D 143 -53.02 22.04 6.30
CA LEU D 143 -53.20 20.68 5.82
C LEU D 143 -54.10 20.71 4.60
N VAL D 144 -53.80 19.86 3.63
CA VAL D 144 -54.53 19.80 2.37
C VAL D 144 -55.04 18.38 2.19
N GLU D 145 -56.22 18.25 1.61
CA GLU D 145 -56.74 16.94 1.25
C GLU D 145 -57.18 16.95 -0.21
N TYR D 146 -56.69 15.97 -0.97
CA TYR D 146 -57.01 15.83 -2.37
C TYR D 146 -56.96 14.36 -2.71
N LYS D 147 -57.65 14.00 -3.79
CA LYS D 147 -57.65 12.62 -4.28
C LYS D 147 -56.46 12.41 -5.21
N SER D 148 -55.65 11.39 -4.93
CA SER D 148 -54.55 11.06 -5.83
C SER D 148 -55.07 10.36 -7.08
N CYS D 149 -54.59 10.79 -8.26
CA CYS D 149 -55.10 10.24 -9.51
C CYS D 149 -54.86 8.74 -9.61
N ALA D 150 -53.96 8.18 -8.80
CA ALA D 150 -53.65 6.76 -8.82
C ALA D 150 -54.33 5.98 -7.69
N GLN D 151 -55.18 6.65 -6.90
CA GLN D 151 -55.78 6.00 -5.72
C GLN D 151 -56.33 4.61 -6.03
N ASN D 152 -57.09 4.48 -7.12
CA ASN D 152 -57.69 3.20 -7.41
C ASN D 152 -56.68 2.16 -7.89
N TRP D 153 -55.48 2.58 -8.31
CA TRP D 153 -54.42 1.63 -8.60
C TRP D 153 -53.54 1.35 -7.38
N ILE D 154 -53.67 2.12 -6.31
CA ILE D 154 -52.94 1.89 -5.08
C ILE D 154 -53.75 1.07 -4.08
N TYR D 155 -55.07 1.26 -4.08
CA TYR D 155 -55.97 0.69 -3.10
C TYR D 155 -57.12 0.01 -3.81
N GLU D 156 -57.35 -1.26 -3.50
CA GLU D 156 -58.49 -1.96 -4.04
C GLU D 156 -59.80 -1.37 -3.49
N ALA E 2 -21.66 -22.78 -23.72
CA ALA E 2 -22.73 -22.75 -22.74
C ALA E 2 -22.17 -22.99 -21.33
N MET E 3 -23.00 -22.77 -20.31
CA MET E 3 -22.64 -22.93 -18.92
C MET E 3 -23.36 -24.13 -18.30
N ALA E 4 -23.21 -24.29 -16.98
CA ALA E 4 -24.00 -25.27 -16.25
C ALA E 4 -25.49 -25.00 -16.45
N MET E 5 -26.27 -26.07 -16.48
CA MET E 5 -27.69 -25.94 -16.82
C MET E 5 -28.45 -25.15 -15.75
N ALA E 6 -27.94 -25.16 -14.50
CA ALA E 6 -28.54 -24.38 -13.42
C ALA E 6 -28.52 -22.89 -13.71
N ASN E 7 -27.56 -22.45 -14.53
CA ASN E 7 -27.45 -21.05 -14.91
C ASN E 7 -28.50 -20.64 -15.91
N SER E 8 -29.25 -21.60 -16.47
CA SER E 8 -30.27 -21.35 -17.47
C SER E 8 -31.69 -21.45 -16.94
N GLU E 9 -31.88 -21.49 -15.61
CA GLU E 9 -33.22 -21.51 -15.02
C GLU E 9 -33.99 -20.26 -15.46
N ARG E 10 -35.31 -20.40 -15.60
N ARG E 10 -35.31 -20.40 -15.58
CA ARG E 10 -36.16 -19.29 -16.00
CA ARG E 10 -36.15 -19.27 -15.99
C ARG E 10 -37.31 -19.13 -15.03
C ARG E 10 -37.33 -19.14 -15.05
N THR E 11 -37.80 -17.89 -14.92
CA THR E 11 -38.97 -17.57 -14.12
C THR E 11 -39.86 -16.69 -14.95
N PHE E 12 -41.15 -16.69 -14.62
CA PHE E 12 -42.11 -15.79 -15.25
C PHE E 12 -42.35 -14.60 -14.33
N ILE E 13 -42.20 -13.39 -14.88
CA ILE E 13 -42.50 -12.16 -14.16
C ILE E 13 -43.56 -11.43 -14.93
N ALA E 14 -44.63 -11.01 -14.24
CA ALA E 14 -45.70 -10.22 -14.82
C ALA E 14 -45.84 -8.91 -14.06
N ILE E 15 -45.70 -7.80 -14.76
CA ILE E 15 -46.01 -6.49 -14.21
C ILE E 15 -47.51 -6.26 -14.37
N LYS E 16 -48.21 -6.19 -13.25
CA LYS E 16 -49.68 -6.09 -13.19
C LYS E 16 -50.20 -4.74 -13.71
N PRO E 17 -51.52 -4.61 -13.93
CA PRO E 17 -52.02 -3.34 -14.46
C PRO E 17 -51.67 -2.13 -13.60
N ASP E 18 -51.57 -2.27 -12.27
CA ASP E 18 -51.18 -1.10 -11.47
C ASP E 18 -49.70 -0.79 -11.64
N GLY E 19 -48.87 -1.81 -11.87
CA GLY E 19 -47.49 -1.54 -12.25
C GLY E 19 -47.41 -0.72 -13.52
N VAL E 20 -48.21 -1.05 -14.53
CA VAL E 20 -48.16 -0.29 -15.78
C VAL E 20 -48.72 1.11 -15.58
N GLN E 21 -49.85 1.21 -14.88
CA GLN E 21 -50.52 2.50 -14.73
C GLN E 21 -49.66 3.50 -13.97
N ARG E 22 -48.88 3.02 -12.99
CA ARG E 22 -48.09 3.90 -12.15
C ARG E 22 -46.67 4.09 -12.68
N GLY E 23 -46.39 3.68 -13.91
CA GLY E 23 -45.14 4.06 -14.55
C GLY E 23 -43.91 3.35 -14.03
N LEU E 24 -44.05 2.08 -13.65
CA LEU E 24 -42.97 1.32 -13.04
C LEU E 24 -42.30 0.31 -13.96
N VAL E 25 -42.68 0.25 -15.25
CA VAL E 25 -42.20 -0.82 -16.11
C VAL E 25 -40.68 -0.73 -16.24
N GLY E 26 -40.17 0.45 -16.61
CA GLY E 26 -38.74 0.59 -16.82
C GLY E 26 -37.94 0.39 -15.54
N GLU E 27 -38.48 0.89 -14.42
CA GLU E 27 -37.78 0.71 -13.14
CA GLU E 27 -37.77 0.71 -13.15
C GLU E 27 -37.66 -0.77 -12.78
N ILE E 28 -38.72 -1.54 -13.01
CA ILE E 28 -38.69 -2.96 -12.65
C ILE E 28 -37.71 -3.71 -13.54
N ILE E 29 -37.82 -3.53 -14.85
CA ILE E 29 -36.90 -4.22 -15.76
C ILE E 29 -35.45 -3.87 -15.42
N LYS E 30 -35.18 -2.60 -15.10
CA LYS E 30 -33.82 -2.18 -14.80
C LYS E 30 -33.24 -2.94 -13.61
N ARG E 31 -34.06 -3.20 -12.60
CA ARG E 31 -33.57 -3.97 -11.48
C ARG E 31 -33.18 -5.40 -11.89
N PHE E 32 -33.92 -6.01 -12.81
CA PHE E 32 -33.53 -7.36 -13.26
C PHE E 32 -32.28 -7.31 -14.11
N GLU E 33 -32.13 -6.28 -14.94
CA GLU E 33 -30.94 -6.17 -15.76
C GLU E 33 -29.71 -5.95 -14.91
N GLN E 34 -29.75 -4.95 -14.01
CA GLN E 34 -28.58 -4.61 -13.21
C GLN E 34 -28.17 -5.75 -12.27
N LYS E 35 -29.08 -6.67 -11.98
CA LYS E 35 -28.74 -7.77 -11.09
C LYS E 35 -27.93 -8.83 -11.82
N GLY E 36 -28.00 -8.82 -13.15
CA GLY E 36 -27.27 -9.80 -13.94
C GLY E 36 -28.14 -10.76 -14.71
N PHE E 37 -29.44 -10.78 -14.47
CA PHE E 37 -30.30 -11.76 -15.14
C PHE E 37 -30.49 -11.39 -16.60
N ARG E 38 -30.85 -12.38 -17.41
CA ARG E 38 -30.97 -12.19 -18.86
C ARG E 38 -32.43 -12.23 -19.30
N LEU E 39 -32.83 -11.25 -20.11
CA LEU E 39 -34.20 -11.16 -20.61
C LEU E 39 -34.36 -12.12 -21.78
N VAL E 40 -35.38 -12.98 -21.69
CA VAL E 40 -35.60 -14.06 -22.64
C VAL E 40 -36.96 -13.92 -23.32
N GLY E 41 -37.89 -13.23 -22.70
CA GLY E 41 -39.20 -13.03 -23.29
C GLY E 41 -39.83 -11.79 -22.74
N LEU E 42 -40.59 -11.11 -23.59
CA LEU E 42 -41.17 -9.82 -23.23
C LEU E 42 -42.35 -9.56 -24.15
N LYS E 43 -43.51 -9.28 -23.57
CA LYS E 43 -44.67 -8.95 -24.37
C LYS E 43 -45.63 -8.12 -23.53
N PHE E 44 -46.45 -7.35 -24.23
CA PHE E 44 -47.42 -6.45 -23.65
C PHE E 44 -48.80 -6.89 -24.11
N LEU E 45 -49.73 -7.09 -23.18
CA LEU E 45 -51.02 -7.63 -23.58
C LEU E 45 -52.04 -7.42 -22.48
N GLN E 46 -53.30 -7.49 -22.88
CA GLN E 46 -54.39 -7.61 -21.93
C GLN E 46 -54.74 -9.09 -21.87
N ALA E 47 -54.42 -9.70 -20.73
CA ALA E 47 -54.68 -11.11 -20.56
C ALA E 47 -56.18 -11.38 -20.42
N SER E 48 -56.66 -12.41 -21.11
CA SER E 48 -58.06 -12.81 -20.96
C SER E 48 -58.30 -13.41 -19.58
N GLU E 49 -59.56 -13.37 -19.15
CA GLU E 49 -59.89 -13.97 -17.86
C GLU E 49 -59.61 -15.47 -17.85
N ASP E 50 -59.79 -16.15 -18.99
CA ASP E 50 -59.50 -17.58 -19.05
C ASP E 50 -58.02 -17.85 -18.81
N LEU E 51 -57.15 -17.07 -19.46
CA LEU E 51 -55.72 -17.18 -19.20
C LEU E 51 -55.44 -16.97 -17.73
N LEU E 52 -56.07 -15.95 -17.14
CA LEU E 52 -55.79 -15.64 -15.75
C LEU E 52 -56.32 -16.70 -14.82
N LYS E 53 -57.46 -17.32 -15.15
CA LYS E 53 -58.00 -18.39 -14.32
C LYS E 53 -57.11 -19.61 -14.36
N GLU E 54 -56.51 -19.90 -15.53
CA GLU E 54 -55.54 -20.99 -15.59
C GLU E 54 -54.27 -20.65 -14.82
N HIS E 55 -53.75 -19.43 -15.01
CA HIS E 55 -52.59 -19.00 -14.24
C HIS E 55 -52.77 -19.22 -12.74
N TYR E 56 -53.87 -18.71 -12.17
CA TYR E 56 -54.16 -18.80 -10.73
C TYR E 56 -55.03 -20.01 -10.38
N THR E 57 -54.97 -21.11 -11.15
CA THR E 57 -55.93 -22.21 -10.98
C THR E 57 -55.92 -22.79 -9.58
N ASP E 58 -54.76 -22.81 -8.91
CA ASP E 58 -54.69 -23.34 -7.54
C ASP E 58 -55.50 -22.51 -6.55
N LEU E 59 -55.82 -21.26 -6.91
CA LEU E 59 -56.55 -20.36 -6.03
C LEU E 59 -58.02 -20.22 -6.41
N LYS E 60 -58.55 -21.13 -7.24
CA LYS E 60 -59.82 -20.90 -7.92
C LYS E 60 -60.99 -20.83 -6.95
N ASP E 61 -60.84 -21.35 -5.73
CA ASP E 61 -61.96 -21.34 -4.79
C ASP E 61 -61.81 -20.28 -3.71
N ARG E 62 -60.73 -19.55 -3.70
CA ARG E 62 -60.46 -18.55 -2.66
CA ARG E 62 -60.49 -18.57 -2.64
C ARG E 62 -61.32 -17.32 -2.87
N PRO E 63 -61.70 -16.61 -1.79
CA PRO E 63 -62.63 -15.47 -1.95
C PRO E 63 -62.09 -14.33 -2.78
N PHE E 64 -60.77 -14.19 -2.93
CA PHE E 64 -60.23 -13.11 -3.74
C PHE E 64 -60.06 -13.49 -5.20
N PHE E 65 -60.31 -14.75 -5.58
CA PHE E 65 -59.91 -15.24 -6.89
C PHE E 65 -60.70 -14.57 -8.01
N THR E 66 -62.02 -14.46 -7.84
CA THR E 66 -62.85 -13.91 -8.91
C THR E 66 -62.49 -12.46 -9.20
N GLY E 67 -62.26 -11.68 -8.15
CA GLY E 67 -61.85 -10.29 -8.34
C GLY E 67 -60.40 -10.16 -8.78
N LEU E 68 -59.53 -11.05 -8.31
CA LEU E 68 -58.16 -11.04 -8.83
C LEU E 68 -58.16 -11.29 -10.34
N VAL E 69 -58.99 -12.25 -10.80
CA VAL E 69 -59.08 -12.54 -12.24
C VAL E 69 -59.66 -11.34 -12.99
N LYS E 70 -60.76 -10.77 -12.49
CA LYS E 70 -61.31 -9.58 -13.14
C LYS E 70 -60.31 -8.43 -13.12
N TYR E 71 -59.62 -8.22 -12.00
CA TYR E 71 -58.69 -7.09 -11.92
C TYR E 71 -57.54 -7.25 -12.90
N MET E 72 -56.90 -8.42 -12.91
CA MET E 72 -55.76 -8.60 -13.80
C MET E 72 -56.13 -8.48 -15.26
N HIS E 73 -57.39 -8.71 -15.59
CA HIS E 73 -57.91 -8.50 -16.94
C HIS E 73 -58.19 -7.04 -17.25
N SER E 74 -58.31 -6.19 -16.22
CA SER E 74 -58.90 -4.87 -16.42
C SER E 74 -57.97 -3.92 -17.19
N GLY E 75 -56.70 -4.27 -17.33
CA GLY E 75 -55.75 -3.44 -18.03
C GLY E 75 -54.57 -4.26 -18.49
N PRO E 76 -53.69 -3.65 -19.28
CA PRO E 76 -52.57 -4.41 -19.84
C PRO E 76 -51.51 -4.72 -18.80
N VAL E 77 -50.83 -5.85 -19.05
CA VAL E 77 -49.73 -6.32 -18.20
C VAL E 77 -48.47 -6.51 -19.06
N VAL E 78 -47.32 -6.34 -18.43
CA VAL E 78 -46.04 -6.70 -19.05
C VAL E 78 -45.69 -8.10 -18.56
N ALA E 79 -45.68 -9.04 -19.49
CA ALA E 79 -45.26 -10.41 -19.22
C ALA E 79 -43.81 -10.62 -19.67
N MET E 80 -42.96 -11.10 -18.75
CA MET E 80 -41.53 -11.25 -19.01
C MET E 80 -41.06 -12.64 -18.60
N VAL E 81 -40.00 -13.11 -19.25
CA VAL E 81 -39.27 -14.30 -18.81
C VAL E 81 -37.82 -13.87 -18.58
N TRP E 82 -37.29 -14.17 -17.39
CA TRP E 82 -35.91 -13.86 -17.04
C TRP E 82 -35.14 -15.15 -16.76
N GLU E 83 -33.86 -15.14 -17.10
CA GLU E 83 -33.08 -16.36 -17.00
C GLU E 83 -31.81 -16.12 -16.19
N GLY E 84 -31.54 -17.05 -15.28
CA GLY E 84 -30.29 -17.02 -14.54
C GLY E 84 -30.30 -18.04 -13.43
N LEU E 85 -29.13 -18.23 -12.86
CA LEU E 85 -28.97 -19.04 -11.65
C LEU E 85 -29.97 -18.64 -10.58
N ASN E 86 -30.72 -19.62 -10.08
CA ASN E 86 -31.69 -19.42 -8.98
C ASN E 86 -32.59 -18.21 -9.22
N VAL E 87 -32.92 -17.93 -10.48
CA VAL E 87 -33.66 -16.70 -10.79
C VAL E 87 -35.08 -16.77 -10.22
N VAL E 88 -35.66 -17.96 -10.11
CA VAL E 88 -36.99 -18.08 -9.52
C VAL E 88 -36.98 -17.59 -8.08
N LYS E 89 -36.11 -18.17 -7.24
CA LYS E 89 -36.08 -17.81 -5.82
C LYS E 89 -35.56 -16.40 -5.61
N THR E 90 -34.42 -16.06 -6.21
CA THR E 90 -33.87 -14.71 -6.08
C THR E 90 -34.82 -13.66 -6.63
N GLY E 91 -35.47 -13.95 -7.77
CA GLY E 91 -36.49 -13.05 -8.28
C GLY E 91 -37.58 -12.78 -7.26
N ARG E 92 -37.95 -13.80 -6.49
CA ARG E 92 -38.99 -13.59 -5.49
C ARG E 92 -38.48 -12.72 -4.36
N VAL E 93 -37.22 -12.91 -3.96
CA VAL E 93 -36.56 -12.02 -3.00
C VAL E 93 -36.54 -10.59 -3.51
N MET E 94 -36.21 -10.42 -4.80
CA MET E 94 -36.17 -9.06 -5.37
C MET E 94 -37.54 -8.41 -5.35
N LEU E 95 -38.58 -9.17 -5.68
CA LEU E 95 -39.94 -8.64 -5.68
C LEU E 95 -40.39 -8.26 -4.28
N GLY E 96 -39.89 -8.95 -3.26
CA GLY E 96 -40.37 -8.79 -1.90
C GLY E 96 -41.58 -9.67 -1.63
N GLU E 97 -42.00 -9.66 -0.36
CA GLU E 97 -43.11 -10.52 0.06
C GLU E 97 -44.34 -10.25 -0.80
N THR E 98 -45.12 -11.30 -1.04
CA THR E 98 -46.34 -11.17 -1.83
C THR E 98 -47.27 -10.10 -1.24
N ASN E 99 -47.43 -10.11 0.07
CA ASN E 99 -48.17 -9.05 0.75
C ASN E 99 -47.30 -7.81 0.85
N PRO E 100 -47.66 -6.70 0.21
CA PRO E 100 -46.79 -5.51 0.27
C PRO E 100 -46.50 -5.02 1.66
N ALA E 101 -47.37 -5.27 2.65
CA ALA E 101 -47.14 -4.75 3.99
C ALA E 101 -45.94 -5.39 4.65
N ASP E 102 -45.53 -6.57 4.21
CA ASP E 102 -44.38 -7.27 4.78
C ASP E 102 -43.14 -7.14 3.92
N SER E 103 -43.20 -6.38 2.83
CA SER E 103 -42.11 -6.31 1.88
C SER E 103 -41.13 -5.25 2.34
N LYS E 104 -39.81 -5.62 2.40
CA LYS E 104 -38.79 -4.74 2.96
C LYS E 104 -38.42 -3.66 1.95
N PRO E 105 -38.00 -2.49 2.42
CA PRO E 105 -37.48 -1.46 1.51
C PRO E 105 -36.27 -1.98 0.75
N GLY E 106 -36.19 -1.63 -0.54
CA GLY E 106 -35.18 -2.12 -1.45
C GLY E 106 -35.71 -3.18 -2.40
N THR E 107 -36.78 -3.86 -2.00
CA THR E 107 -37.51 -4.73 -2.91
C THR E 107 -38.47 -3.92 -3.78
N ILE E 108 -38.95 -4.56 -4.84
CA ILE E 108 -39.86 -3.88 -5.75
C ILE E 108 -41.15 -3.49 -5.05
N ARG E 109 -41.74 -4.41 -4.29
CA ARG E 109 -43.00 -4.10 -3.60
C ARG E 109 -42.76 -3.22 -2.38
N GLY E 110 -41.62 -3.43 -1.71
CA GLY E 110 -41.28 -2.59 -0.58
C GLY E 110 -41.10 -1.13 -0.95
N ASP E 111 -40.52 -0.86 -2.11
CA ASP E 111 -40.28 0.52 -2.49
C ASP E 111 -41.49 1.18 -3.12
N PHE E 112 -42.36 0.40 -3.76
CA PHE E 112 -43.33 0.97 -4.69
C PHE E 112 -44.81 0.70 -4.44
N CYS E 113 -45.20 -0.12 -3.45
CA CYS E 113 -46.63 -0.29 -3.26
C CYS E 113 -46.99 -0.62 -1.81
N ILE E 114 -48.29 -0.74 -1.58
CA ILE E 114 -48.84 -0.65 -0.23
C ILE E 114 -49.76 -1.81 0.13
N GLN E 115 -50.63 -2.25 -0.78
CA GLN E 115 -51.76 -3.09 -0.38
C GLN E 115 -51.92 -4.32 -1.25
N VAL E 116 -52.51 -5.35 -0.63
CA VAL E 116 -52.48 -6.73 -1.13
C VAL E 116 -53.02 -6.83 -2.56
N GLY E 117 -54.17 -6.22 -2.83
CA GLY E 117 -54.77 -6.36 -4.15
C GLY E 117 -54.17 -5.47 -5.22
N ARG E 118 -53.23 -4.58 -4.84
CA ARG E 118 -52.51 -3.73 -5.79
C ARG E 118 -51.00 -3.83 -5.48
N ASN E 119 -50.43 -5.00 -5.77
CA ASN E 119 -49.06 -5.34 -5.42
C ASN E 119 -48.16 -5.39 -6.66
N ILE E 120 -48.58 -4.66 -7.69
CA ILE E 120 -47.88 -4.28 -8.92
C ILE E 120 -47.18 -5.35 -9.75
N ILE E 121 -47.02 -6.58 -9.24
CA ILE E 121 -46.12 -7.52 -9.86
C ILE E 121 -46.41 -8.94 -9.37
N HIS E 122 -46.11 -9.93 -10.22
CA HIS E 122 -46.11 -11.35 -9.84
C HIS E 122 -44.83 -12.03 -10.34
N GLY E 123 -44.28 -12.89 -9.50
CA GLY E 123 -43.19 -13.78 -9.92
C GLY E 123 -43.49 -15.21 -9.54
N SER E 124 -43.04 -16.13 -10.38
CA SER E 124 -43.26 -17.54 -10.10
C SER E 124 -42.69 -17.90 -8.73
N ASP E 125 -43.38 -18.79 -8.01
CA ASP E 125 -42.94 -19.19 -6.69
C ASP E 125 -42.04 -20.43 -6.68
N SER E 126 -41.95 -21.17 -7.79
CA SER E 126 -41.15 -22.38 -7.84
C SER E 126 -40.72 -22.63 -9.28
N VAL E 127 -39.67 -23.45 -9.45
CA VAL E 127 -39.26 -23.85 -10.79
C VAL E 127 -40.44 -24.46 -11.54
N LYS E 128 -41.16 -25.38 -10.90
CA LYS E 128 -42.28 -26.04 -11.55
C LYS E 128 -43.35 -25.03 -11.96
N SER E 129 -43.75 -24.15 -11.03
CA SER E 129 -44.69 -23.08 -11.37
C SER E 129 -44.20 -22.27 -12.56
N ALA E 130 -42.90 -21.95 -12.57
CA ALA E 130 -42.35 -21.08 -13.61
C ALA E 130 -42.45 -21.72 -14.99
N GLU E 131 -42.15 -23.02 -15.08
CA GLU E 131 -42.31 -23.69 -16.36
C GLU E 131 -43.77 -23.65 -16.82
N LYS E 132 -44.71 -23.85 -15.89
CA LYS E 132 -46.13 -23.84 -16.23
C LYS E 132 -46.57 -22.45 -16.71
N GLU E 133 -46.11 -21.39 -16.02
CA GLU E 133 -46.58 -20.05 -16.37
C GLU E 133 -45.93 -19.56 -17.65
N ILE E 134 -44.62 -19.82 -17.82
CA ILE E 134 -43.94 -19.49 -19.08
C ILE E 134 -44.65 -20.12 -20.27
N SER E 135 -44.94 -21.42 -20.19
CA SER E 135 -45.63 -22.08 -21.29
C SER E 135 -47.04 -21.53 -21.49
N LEU E 136 -47.73 -21.22 -20.41
CA LEU E 136 -49.05 -20.61 -20.49
C LEU E 136 -49.02 -19.27 -21.22
N TRP E 137 -48.09 -18.39 -20.86
CA TRP E 137 -48.08 -17.03 -21.37
C TRP E 137 -47.29 -16.85 -22.67
N PHE E 138 -46.28 -17.68 -22.92
CA PHE E 138 -45.43 -17.53 -24.09
C PHE E 138 -45.42 -18.82 -24.92
N GLN E 139 -45.34 -18.66 -26.21
CA GLN E 139 -44.99 -19.74 -27.11
C GLN E 139 -43.48 -19.89 -27.16
N PRO E 140 -42.96 -21.09 -27.48
CA PRO E 140 -41.49 -21.27 -27.45
C PRO E 140 -40.76 -20.38 -28.43
N GLU E 141 -41.37 -20.05 -29.57
CA GLU E 141 -40.72 -19.20 -30.55
C GLU E 141 -40.62 -17.75 -30.10
N GLU E 142 -41.30 -17.39 -29.03
CA GLU E 142 -41.21 -16.05 -28.45
C GLU E 142 -40.07 -15.92 -27.44
N LEU E 143 -39.43 -17.02 -27.08
CA LEU E 143 -38.32 -17.02 -26.14
C LEU E 143 -37.00 -16.98 -26.91
N VAL E 144 -36.17 -15.97 -26.62
CA VAL E 144 -34.98 -15.69 -27.43
C VAL E 144 -33.75 -16.08 -26.64
N GLU E 145 -32.82 -16.77 -27.29
CA GLU E 145 -31.58 -17.20 -26.67
C GLU E 145 -30.45 -16.35 -27.22
N TYR E 146 -29.69 -15.73 -26.33
CA TYR E 146 -28.44 -15.05 -26.71
C TYR E 146 -27.46 -15.11 -25.55
N LYS E 147 -26.22 -14.77 -25.85
CA LYS E 147 -25.14 -14.76 -24.87
C LYS E 147 -24.94 -13.34 -24.36
N SER E 148 -25.11 -13.14 -23.07
CA SER E 148 -24.80 -11.87 -22.44
C SER E 148 -23.31 -11.56 -22.51
N CYS E 149 -22.98 -10.33 -22.96
CA CYS E 149 -21.58 -9.96 -23.15
C CYS E 149 -20.79 -10.01 -21.86
N ALA E 150 -21.45 -9.86 -20.71
CA ALA E 150 -20.79 -9.93 -19.41
C ALA E 150 -20.97 -11.28 -18.73
N GLN E 151 -21.25 -12.35 -19.50
CA GLN E 151 -21.54 -13.63 -18.89
C GLN E 151 -20.36 -14.17 -18.09
N ASN E 152 -19.14 -14.01 -18.62
CA ASN E 152 -17.93 -14.45 -17.92
C ASN E 152 -17.63 -13.64 -16.67
N TRP E 153 -18.23 -12.45 -16.53
CA TRP E 153 -18.08 -11.67 -15.32
C TRP E 153 -19.26 -11.81 -14.37
N ILE E 154 -20.30 -12.52 -14.79
CA ILE E 154 -21.44 -12.80 -13.94
C ILE E 154 -21.38 -14.21 -13.39
N TYR E 155 -20.91 -15.16 -14.19
CA TYR E 155 -20.88 -16.55 -13.76
C TYR E 155 -19.45 -17.06 -13.75
N GLU E 156 -19.15 -17.87 -12.74
CA GLU E 156 -17.84 -18.46 -12.59
C GLU E 156 -17.69 -19.63 -13.56
N MET F 5 -9.60 8.53 16.72
CA MET F 5 -10.92 8.44 17.35
C MET F 5 -11.73 7.29 16.77
N ALA F 6 -12.92 7.04 17.35
CA ALA F 6 -13.83 6.04 16.80
C ALA F 6 -14.31 6.44 15.40
N ASN F 7 -14.63 7.73 15.20
CA ASN F 7 -15.09 8.23 13.92
C ASN F 7 -14.01 8.21 12.85
N SER F 8 -12.76 7.86 13.19
CA SER F 8 -11.66 7.79 12.23
C SER F 8 -11.32 6.37 11.82
N GLU F 9 -12.12 5.38 12.22
CA GLU F 9 -11.92 4.03 11.75
C GLU F 9 -11.90 3.99 10.22
N ARG F 10 -11.14 3.03 9.67
N ARG F 10 -11.14 3.04 9.67
CA ARG F 10 -10.98 2.88 8.23
CA ARG F 10 -11.00 2.88 8.23
C ARG F 10 -11.17 1.42 7.83
C ARG F 10 -11.18 1.42 7.84
N THR F 11 -11.69 1.23 6.62
CA THR F 11 -11.80 -0.09 6.04
C THR F 11 -11.27 -0.05 4.62
N PHE F 12 -10.91 -1.24 4.12
CA PHE F 12 -10.46 -1.42 2.76
C PHE F 12 -11.57 -2.02 1.91
N ILE F 13 -11.97 -1.32 0.87
CA ILE F 13 -12.99 -1.78 -0.07
C ILE F 13 -12.34 -1.92 -1.44
N ALA F 14 -12.46 -3.08 -2.05
CA ALA F 14 -11.92 -3.31 -3.38
C ALA F 14 -13.04 -3.73 -4.32
N ILE F 15 -13.18 -3.02 -5.44
CA ILE F 15 -14.12 -3.39 -6.49
C ILE F 15 -13.43 -4.39 -7.40
N LYS F 16 -13.90 -5.63 -7.39
CA LYS F 16 -13.26 -6.71 -8.09
C LYS F 16 -13.33 -6.49 -9.61
N PRO F 17 -12.68 -7.36 -10.40
CA PRO F 17 -12.65 -7.12 -11.85
C PRO F 17 -14.02 -7.18 -12.50
N ASP F 18 -14.96 -7.95 -11.96
CA ASP F 18 -16.28 -8.02 -12.58
C ASP F 18 -17.05 -6.73 -12.37
N GLY F 19 -16.85 -6.08 -11.21
CA GLY F 19 -17.53 -4.81 -10.96
C GLY F 19 -16.97 -3.69 -11.83
N VAL F 20 -15.65 -3.69 -12.07
CA VAL F 20 -15.08 -2.76 -13.01
C VAL F 20 -15.66 -2.97 -14.41
N GLN F 21 -15.69 -4.24 -14.85
CA GLN F 21 -16.17 -4.58 -16.18
C GLN F 21 -17.64 -4.23 -16.38
N ARG F 22 -18.47 -4.51 -15.38
CA ARG F 22 -19.90 -4.31 -15.55
C ARG F 22 -20.34 -2.88 -15.27
N GLY F 23 -19.38 -1.95 -15.16
CA GLY F 23 -19.71 -0.54 -15.09
C GLY F 23 -20.28 -0.10 -13.76
N LEU F 24 -19.80 -0.69 -12.67
CA LEU F 24 -20.36 -0.50 -11.35
C LEU F 24 -19.54 0.42 -10.46
N VAL F 25 -18.45 1.01 -10.97
CA VAL F 25 -17.55 1.73 -10.06
C VAL F 25 -18.23 2.96 -9.48
N GLY F 26 -18.88 3.75 -10.33
CA GLY F 26 -19.53 4.95 -9.84
C GLY F 26 -20.65 4.66 -8.85
N GLU F 27 -21.57 3.76 -9.23
CA GLU F 27 -22.65 3.40 -8.32
C GLU F 27 -22.11 3.01 -6.95
N ILE F 28 -21.06 2.18 -6.92
CA ILE F 28 -20.54 1.70 -5.65
C ILE F 28 -20.00 2.86 -4.82
N ILE F 29 -19.13 3.68 -5.42
CA ILE F 29 -18.57 4.84 -4.74
C ILE F 29 -19.67 5.79 -4.25
N LYS F 30 -20.75 5.91 -5.02
CA LYS F 30 -21.87 6.78 -4.63
C LYS F 30 -22.49 6.32 -3.31
N ARG F 31 -22.67 5.01 -3.16
CA ARG F 31 -23.31 4.51 -1.96
C ARG F 31 -22.51 4.84 -0.70
N PHE F 32 -21.18 4.77 -0.77
CA PHE F 32 -20.37 5.17 0.37
C PHE F 32 -20.41 6.68 0.59
N GLU F 33 -20.45 7.47 -0.49
CA GLU F 33 -20.50 8.93 -0.32
C GLU F 33 -21.82 9.36 0.31
N GLN F 34 -22.94 8.89 -0.24
CA GLN F 34 -24.23 9.34 0.28
C GLN F 34 -24.49 8.80 1.70
N LYS F 35 -23.82 7.70 2.07
CA LYS F 35 -23.93 7.18 3.43
C LYS F 35 -23.28 8.12 4.43
N GLY F 36 -22.33 8.94 3.97
CA GLY F 36 -21.61 9.85 4.81
C GLY F 36 -20.18 9.42 5.10
N PHE F 37 -19.72 8.31 4.55
CA PHE F 37 -18.32 7.93 4.77
C PHE F 37 -17.40 8.76 3.89
N ARG F 38 -16.15 8.90 4.33
CA ARG F 38 -15.18 9.78 3.68
C ARG F 38 -14.13 8.96 2.94
N LEU F 39 -13.89 9.32 1.69
CA LEU F 39 -12.89 8.63 0.87
C LEU F 39 -11.48 9.09 1.26
N VAL F 40 -10.61 8.13 1.57
CA VAL F 40 -9.26 8.39 2.03
C VAL F 40 -8.23 7.90 1.02
N GLY F 41 -8.53 6.84 0.31
CA GLY F 41 -7.65 6.37 -0.74
C GLY F 41 -8.44 5.77 -1.88
N LEU F 42 -7.89 5.93 -3.08
CA LEU F 42 -8.55 5.48 -4.31
C LEU F 42 -7.48 5.19 -5.35
N LYS F 43 -7.43 3.96 -5.85
CA LYS F 43 -6.52 3.66 -6.94
C LYS F 43 -7.12 2.59 -7.86
N PHE F 44 -6.53 2.51 -9.06
CA PHE F 44 -6.91 1.58 -10.12
C PHE F 44 -5.63 0.84 -10.51
N LEU F 45 -5.62 -0.47 -10.33
CA LEU F 45 -4.42 -1.25 -10.59
C LEU F 45 -4.82 -2.66 -10.96
N GLN F 46 -3.89 -3.35 -11.61
CA GLN F 46 -3.99 -4.79 -11.76
C GLN F 46 -3.13 -5.41 -10.66
N ALA F 47 -3.79 -5.95 -9.65
CA ALA F 47 -3.10 -6.56 -8.53
C ALA F 47 -2.23 -7.71 -9.00
N SER F 48 -1.00 -7.75 -8.53
CA SER F 48 -0.14 -8.90 -8.78
C SER F 48 -0.66 -10.12 -8.02
N GLU F 49 -0.25 -11.31 -8.47
CA GLU F 49 -0.69 -12.51 -7.77
C GLU F 49 -0.09 -12.57 -6.37
N ASP F 50 1.15 -12.09 -6.20
CA ASP F 50 1.78 -12.09 -4.89
C ASP F 50 0.99 -11.24 -3.91
N LEU F 51 0.52 -10.06 -4.35
CA LEU F 51 -0.32 -9.22 -3.50
C LEU F 51 -1.60 -9.95 -3.14
N LEU F 52 -2.22 -10.61 -4.13
CA LEU F 52 -3.50 -11.27 -3.91
C LEU F 52 -3.34 -12.49 -3.00
N LYS F 53 -2.21 -13.20 -3.09
CA LYS F 53 -2.02 -14.36 -2.22
C LYS F 53 -1.80 -13.94 -0.78
N GLU F 54 -1.15 -12.80 -0.55
CA GLU F 54 -1.07 -12.26 0.79
C GLU F 54 -2.42 -11.68 1.24
N HIS F 55 -3.15 -11.05 0.32
CA HIS F 55 -4.48 -10.53 0.67
C HIS F 55 -5.42 -11.64 1.12
N TYR F 56 -5.35 -12.80 0.47
CA TYR F 56 -6.25 -13.92 0.80
C TYR F 56 -5.54 -15.01 1.58
N THR F 57 -4.50 -14.65 2.35
CA THR F 57 -3.62 -15.64 2.95
C THR F 57 -4.36 -16.59 3.90
N ASP F 58 -5.45 -16.15 4.50
CA ASP F 58 -6.25 -17.02 5.36
C ASP F 58 -6.99 -18.11 4.60
N LEU F 59 -6.99 -18.07 3.28
CA LEU F 59 -7.72 -19.02 2.45
C LEU F 59 -6.80 -19.97 1.69
N LYS F 60 -5.52 -20.07 2.08
CA LYS F 60 -4.54 -20.84 1.32
C LYS F 60 -5.01 -22.26 1.03
N ASP F 61 -5.76 -22.87 1.95
CA ASP F 61 -6.15 -24.27 1.85
C ASP F 61 -7.60 -24.44 1.42
N ARG F 62 -8.20 -23.40 0.87
CA ARG F 62 -9.56 -23.55 0.36
C ARG F 62 -9.53 -23.99 -1.10
N PRO F 63 -10.43 -24.89 -1.50
CA PRO F 63 -10.40 -25.42 -2.87
C PRO F 63 -10.60 -24.36 -3.96
N PHE F 64 -11.09 -23.18 -3.60
CA PHE F 64 -11.28 -22.10 -4.56
C PHE F 64 -10.16 -21.08 -4.57
N PHE F 65 -9.11 -21.27 -3.76
CA PHE F 65 -8.12 -20.22 -3.55
C PHE F 65 -7.33 -19.90 -4.81
N THR F 66 -6.83 -20.93 -5.48
CA THR F 66 -6.03 -20.72 -6.69
C THR F 66 -6.85 -20.02 -7.77
N GLY F 67 -8.09 -20.47 -7.98
CA GLY F 67 -8.95 -19.79 -8.95
C GLY F 67 -9.33 -18.39 -8.52
N LEU F 68 -9.45 -18.15 -7.21
CA LEU F 68 -9.77 -16.83 -6.70
C LEU F 68 -8.65 -15.85 -6.98
N VAL F 69 -7.42 -16.22 -6.61
CA VAL F 69 -6.26 -15.41 -6.95
C VAL F 69 -6.19 -15.18 -8.46
N LYS F 70 -6.31 -16.24 -9.25
CA LYS F 70 -6.18 -16.12 -10.70
C LYS F 70 -7.28 -15.22 -11.27
N TYR F 71 -8.50 -15.36 -10.76
CA TYR F 71 -9.56 -14.48 -11.24
C TYR F 71 -9.32 -13.04 -10.80
N MET F 72 -8.87 -12.82 -9.55
CA MET F 72 -8.62 -11.45 -9.08
C MET F 72 -7.44 -10.82 -9.79
N HIS F 73 -6.64 -11.61 -10.47
CA HIS F 73 -5.50 -11.10 -11.22
C HIS F 73 -5.86 -10.83 -12.68
N SER F 74 -7.00 -11.36 -13.13
CA SER F 74 -7.33 -11.40 -14.56
C SER F 74 -7.63 -10.03 -15.12
N GLY F 75 -7.85 -9.04 -14.27
CA GLY F 75 -8.26 -7.72 -14.70
C GLY F 75 -8.03 -6.73 -13.59
N PRO F 76 -8.16 -5.45 -13.90
CA PRO F 76 -7.88 -4.44 -12.88
C PRO F 76 -8.98 -4.39 -11.84
N VAL F 77 -8.62 -3.85 -10.67
CA VAL F 77 -9.56 -3.59 -9.60
C VAL F 77 -9.47 -2.12 -9.24
N VAL F 78 -10.50 -1.64 -8.56
CA VAL F 78 -10.46 -0.34 -7.89
C VAL F 78 -10.28 -0.63 -6.41
N ALA F 79 -9.23 -0.03 -5.83
CA ALA F 79 -8.88 -0.21 -4.43
C ALA F 79 -9.21 1.07 -3.67
N MET F 80 -9.85 0.92 -2.51
CA MET F 80 -10.41 2.07 -1.82
C MET F 80 -10.20 1.96 -0.32
N VAL F 81 -10.03 3.11 0.32
CA VAL F 81 -10.03 3.22 1.76
C VAL F 81 -11.10 4.22 2.14
N TRP F 82 -11.98 3.82 3.06
CA TRP F 82 -13.07 4.68 3.52
C TRP F 82 -12.99 4.83 5.03
N GLU F 83 -13.33 6.02 5.51
CA GLU F 83 -13.20 6.34 6.93
C GLU F 83 -14.54 6.78 7.52
N GLY F 84 -14.78 6.37 8.76
CA GLY F 84 -15.98 6.74 9.48
C GLY F 84 -16.21 5.79 10.64
N LEU F 85 -17.03 6.28 11.58
CA LEU F 85 -17.50 5.47 12.69
C LEU F 85 -18.05 4.14 12.21
N ASN F 86 -17.42 3.04 12.64
CA ASN F 86 -17.88 1.68 12.36
C ASN F 86 -17.95 1.38 10.86
N VAL F 87 -17.05 2.02 10.08
CA VAL F 87 -17.04 1.83 8.63
C VAL F 87 -16.75 0.37 8.27
N VAL F 88 -15.99 -0.35 9.09
CA VAL F 88 -15.71 -1.75 8.77
C VAL F 88 -17.00 -2.56 8.81
N LYS F 89 -17.66 -2.58 9.97
CA LYS F 89 -18.91 -3.34 10.16
C LYS F 89 -20.02 -2.82 9.26
N THR F 90 -20.24 -1.50 9.24
CA THR F 90 -21.29 -0.95 8.39
C THR F 90 -20.95 -1.14 6.90
N GLY F 91 -19.65 -1.08 6.56
CA GLY F 91 -19.25 -1.36 5.19
C GLY F 91 -19.70 -2.74 4.73
N ARG F 92 -19.51 -3.74 5.58
CA ARG F 92 -19.93 -5.09 5.22
C ARG F 92 -21.46 -5.18 5.09
N VAL F 93 -22.19 -4.49 5.96
CA VAL F 93 -23.65 -4.48 5.83
C VAL F 93 -24.04 -3.90 4.48
N MET F 94 -23.43 -2.76 4.11
CA MET F 94 -23.73 -2.14 2.83
C MET F 94 -23.44 -3.10 1.69
N LEU F 95 -22.34 -3.87 1.80
CA LEU F 95 -21.95 -4.78 0.74
C LEU F 95 -22.93 -5.92 0.59
N GLY F 96 -23.54 -6.36 1.69
CA GLY F 96 -24.37 -7.55 1.67
C GLY F 96 -23.57 -8.79 2.02
N GLU F 97 -24.28 -9.90 2.19
CA GLU F 97 -23.62 -11.14 2.55
C GLU F 97 -22.60 -11.52 1.48
N THR F 98 -21.48 -12.07 1.93
CA THR F 98 -20.39 -12.40 1.02
C THR F 98 -20.87 -13.26 -0.13
N ASN F 99 -21.73 -14.23 0.14
CA ASN F 99 -22.37 -15.00 -0.91
C ASN F 99 -23.57 -14.23 -1.44
N PRO F 100 -23.55 -13.78 -2.71
CA PRO F 100 -24.67 -12.97 -3.22
C PRO F 100 -26.02 -13.66 -3.13
N ALA F 101 -26.07 -15.00 -3.15
CA ALA F 101 -27.35 -15.69 -2.97
C ALA F 101 -28.10 -15.19 -1.74
N ASP F 102 -27.38 -14.85 -0.67
CA ASP F 102 -27.94 -14.45 0.62
C ASP F 102 -28.03 -12.95 0.80
N SER F 103 -27.44 -12.17 -0.11
CA SER F 103 -27.46 -10.73 0.02
C SER F 103 -28.88 -10.20 -0.22
N LYS F 104 -29.31 -9.25 0.62
CA LYS F 104 -30.67 -8.73 0.53
C LYS F 104 -30.74 -7.59 -0.50
N PRO F 105 -31.88 -7.43 -1.17
CA PRO F 105 -32.09 -6.25 -2.03
C PRO F 105 -31.80 -4.96 -1.27
N GLY F 106 -31.15 -4.03 -1.95
CA GLY F 106 -30.67 -2.82 -1.32
C GLY F 106 -29.19 -2.81 -1.01
N THR F 107 -28.58 -3.97 -0.81
CA THR F 107 -27.13 -4.04 -0.71
C THR F 107 -26.50 -4.04 -2.10
N ILE F 108 -25.19 -3.82 -2.13
CA ILE F 108 -24.49 -3.80 -3.41
C ILE F 108 -24.60 -5.16 -4.09
N ARG F 109 -24.31 -6.24 -3.35
CA ARG F 109 -24.37 -7.56 -3.94
C ARG F 109 -25.80 -8.02 -4.16
N GLY F 110 -26.71 -7.63 -3.27
CA GLY F 110 -28.11 -7.98 -3.49
C GLY F 110 -28.68 -7.35 -4.73
N ASP F 111 -28.27 -6.12 -5.02
CA ASP F 111 -28.75 -5.44 -6.20
C ASP F 111 -28.02 -5.85 -7.49
N PHE F 112 -26.73 -6.23 -7.41
CA PHE F 112 -25.94 -6.22 -8.63
C PHE F 112 -25.27 -7.52 -9.05
N CYS F 113 -25.29 -8.57 -8.24
CA CYS F 113 -24.61 -9.79 -8.69
C CYS F 113 -25.32 -11.03 -8.16
N ILE F 114 -24.80 -12.18 -8.62
CA ILE F 114 -25.53 -13.44 -8.51
C ILE F 114 -24.72 -14.54 -7.85
N GLN F 115 -23.43 -14.64 -8.18
CA GLN F 115 -22.69 -15.87 -7.90
C GLN F 115 -21.43 -15.61 -7.10
N VAL F 116 -21.15 -16.50 -6.14
CA VAL F 116 -20.07 -16.28 -5.17
C VAL F 116 -18.74 -16.02 -5.86
N GLY F 117 -18.43 -16.76 -6.93
CA GLY F 117 -17.18 -16.49 -7.62
C GLY F 117 -17.10 -15.13 -8.29
N ARG F 118 -18.24 -14.44 -8.45
CA ARG F 118 -18.31 -13.14 -9.13
C ARG F 118 -19.17 -12.21 -8.26
N ASN F 119 -18.63 -11.78 -7.10
CA ASN F 119 -19.39 -10.98 -6.15
C ASN F 119 -18.92 -9.52 -6.11
N ILE F 120 -18.35 -9.05 -7.22
CA ILE F 120 -18.03 -7.68 -7.60
C ILE F 120 -17.23 -6.86 -6.58
N ILE F 121 -17.22 -7.23 -5.30
CA ILE F 121 -16.63 -6.34 -4.30
C ILE F 121 -16.08 -7.17 -3.14
N HIS F 122 -15.11 -6.57 -2.42
CA HIS F 122 -14.58 -7.11 -1.16
C HIS F 122 -14.48 -6.00 -0.12
N GLY F 123 -14.77 -6.35 1.13
CA GLY F 123 -14.56 -5.44 2.24
C GLY F 123 -14.01 -6.16 3.45
N SER F 124 -13.12 -5.48 4.17
CA SER F 124 -12.49 -6.09 5.33
C SER F 124 -13.54 -6.54 6.33
N ASP F 125 -13.28 -7.68 6.99
CA ASP F 125 -14.22 -8.27 7.94
C ASP F 125 -13.95 -7.85 9.39
N SER F 126 -12.92 -7.04 9.63
CA SER F 126 -12.63 -6.61 10.99
C SER F 126 -11.70 -5.41 10.92
N VAL F 127 -11.61 -4.69 12.04
CA VAL F 127 -10.62 -3.60 12.15
C VAL F 127 -9.20 -4.13 11.96
N LYS F 128 -8.91 -5.32 12.50
CA LYS F 128 -7.60 -5.94 12.32
C LYS F 128 -7.30 -6.17 10.84
N SER F 129 -8.19 -6.88 10.15
CA SER F 129 -8.03 -7.16 8.72
C SER F 129 -7.92 -5.87 7.92
N ALA F 130 -8.71 -4.86 8.28
CA ALA F 130 -8.69 -3.60 7.52
C ALA F 130 -7.31 -2.96 7.55
N GLU F 131 -6.77 -2.73 8.77
CA GLU F 131 -5.44 -2.17 8.91
C GLU F 131 -4.39 -2.97 8.14
N LYS F 132 -4.49 -4.30 8.19
CA LYS F 132 -3.56 -5.15 7.43
C LYS F 132 -3.74 -4.97 5.91
N GLU F 133 -4.98 -4.89 5.44
CA GLU F 133 -5.23 -4.76 4.00
C GLU F 133 -4.90 -3.37 3.48
N ILE F 134 -5.15 -2.34 4.28
CA ILE F 134 -4.79 -0.97 3.89
C ILE F 134 -3.28 -0.85 3.72
N SER F 135 -2.51 -1.38 4.70
CA SER F 135 -1.06 -1.33 4.63
C SER F 135 -0.54 -2.12 3.44
N LEU F 136 -1.23 -3.19 3.08
CA LEU F 136 -0.82 -4.03 1.96
C LEU F 136 -1.08 -3.36 0.62
N TRP F 137 -2.18 -2.63 0.49
CA TRP F 137 -2.58 -2.10 -0.80
C TRP F 137 -2.19 -0.64 -1.00
N PHE F 138 -1.94 0.09 0.07
CA PHE F 138 -1.71 1.52 0.02
C PHE F 138 -0.45 1.87 0.81
N GLN F 139 0.27 2.80 0.29
CA GLN F 139 1.38 3.38 0.99
C GLN F 139 0.92 4.63 1.71
N PRO F 140 1.68 5.08 2.72
CA PRO F 140 1.25 6.30 3.43
C PRO F 140 1.10 7.50 2.50
N GLU F 141 1.90 7.60 1.45
CA GLU F 141 1.77 8.72 0.53
C GLU F 141 0.45 8.70 -0.23
N GLU F 142 -0.28 7.60 -0.23
CA GLU F 142 -1.51 7.48 -1.01
C GLU F 142 -2.76 7.70 -0.18
N LEU F 143 -2.62 7.96 1.11
CA LEU F 143 -3.74 8.11 2.02
C LEU F 143 -3.90 9.59 2.31
N VAL F 144 -5.04 10.15 1.92
CA VAL F 144 -5.32 11.57 2.08
C VAL F 144 -6.29 11.75 3.23
N GLU F 145 -5.98 12.67 4.12
CA GLU F 145 -6.83 13.02 5.26
C GLU F 145 -7.31 14.46 5.10
N TYR F 146 -8.62 14.62 4.93
CA TYR F 146 -9.22 15.94 4.86
C TYR F 146 -10.48 15.93 5.70
N LYS F 147 -11.00 17.13 5.99
CA LYS F 147 -12.14 17.30 6.87
C LYS F 147 -13.37 17.56 5.99
N SER F 148 -14.32 16.63 6.01
CA SER F 148 -15.52 16.78 5.17
C SER F 148 -16.34 17.98 5.63
N CYS F 149 -16.91 18.71 4.65
CA CYS F 149 -17.67 19.91 5.00
C CYS F 149 -18.95 19.56 5.76
N ALA F 150 -19.39 18.31 5.72
CA ALA F 150 -20.60 17.89 6.42
C ALA F 150 -20.30 17.12 7.69
N GLN F 151 -19.02 17.08 8.12
CA GLN F 151 -18.64 16.33 9.31
C GLN F 151 -19.57 16.61 10.49
N ASN F 152 -19.73 17.87 10.87
CA ASN F 152 -20.57 18.19 12.03
C ASN F 152 -22.05 17.91 11.81
N TRP F 153 -22.46 17.63 10.57
CA TRP F 153 -23.82 17.17 10.31
C TRP F 153 -23.92 15.65 10.15
N ILE F 154 -22.78 14.95 10.05
CA ILE F 154 -22.79 13.50 10.06
C ILE F 154 -22.49 13.02 11.47
N TYR F 155 -21.67 13.76 12.20
CA TYR F 155 -21.17 13.33 13.50
C TYR F 155 -21.50 14.34 14.57
N GLU F 156 -21.66 13.85 15.79
CA GLU F 156 -21.94 14.70 16.93
C GLU F 156 -20.72 15.45 17.43
N MET G 5 35.83 26.08 18.59
CA MET G 5 36.68 25.48 17.56
C MET G 5 35.79 25.01 16.45
N ALA G 6 36.42 24.72 15.34
CA ALA G 6 35.74 24.05 14.22
C ALA G 6 35.39 22.60 14.58
N ASN G 7 36.15 22.04 15.52
CA ASN G 7 35.96 20.68 15.94
C ASN G 7 34.65 20.46 16.68
N SER G 8 33.92 21.53 17.01
CA SER G 8 32.66 21.44 17.77
C SER G 8 31.44 21.61 16.89
N GLU G 9 31.64 21.67 15.57
CA GLU G 9 30.54 21.67 14.62
C GLU G 9 29.61 20.48 14.86
N ARG G 10 28.32 20.70 14.71
CA ARG G 10 27.31 19.67 14.89
C ARG G 10 26.50 19.50 13.61
N THR G 11 25.95 18.31 13.42
CA THR G 11 24.95 18.09 12.39
C THR G 11 23.80 17.26 12.95
N PHE G 12 22.65 17.34 12.26
CA PHE G 12 21.50 16.53 12.56
C PHE G 12 21.38 15.38 11.57
N ILE G 13 21.34 14.16 12.10
CA ILE G 13 21.15 12.93 11.32
C ILE G 13 19.89 12.26 11.81
N ALA G 14 18.97 11.96 10.89
CA ALA G 14 17.75 11.23 11.20
C ALA G 14 17.70 9.92 10.41
N ILE G 15 17.54 8.82 11.12
CA ILE G 15 17.31 7.52 10.53
C ILE G 15 15.81 7.43 10.28
N LYS G 16 15.42 7.32 9.00
CA LYS G 16 14.02 7.45 8.63
C LYS G 16 13.27 6.17 9.00
N PRO G 17 11.93 6.12 8.82
CA PRO G 17 11.21 4.91 9.24
C PRO G 17 11.64 3.66 8.52
N ASP G 18 11.99 3.73 7.24
CA ASP G 18 12.42 2.50 6.55
C ASP G 18 13.71 1.98 7.15
N GLY G 19 14.59 2.88 7.60
CA GLY G 19 15.85 2.43 8.19
C GLY G 19 15.65 1.75 9.52
N VAL G 20 14.73 2.27 10.35
CA VAL G 20 14.39 1.59 11.59
C VAL G 20 13.77 0.24 11.28
N GLN G 21 12.76 0.23 10.41
CA GLN G 21 12.08 -1.00 10.06
C GLN G 21 13.05 -2.06 9.56
N ARG G 22 14.03 -1.67 8.77
CA ARG G 22 14.94 -2.61 8.14
C ARG G 22 16.18 -2.94 8.99
N GLY G 23 16.17 -2.61 10.28
CA GLY G 23 17.23 -3.04 11.20
C GLY G 23 18.58 -2.39 11.02
N LEU G 24 18.62 -1.14 10.55
CA LEU G 24 19.86 -0.47 10.17
C LEU G 24 20.37 0.52 11.21
N VAL G 25 19.78 0.57 12.41
CA VAL G 25 20.10 1.67 13.32
C VAL G 25 21.51 1.52 13.87
N GLY G 26 21.85 0.33 14.36
CA GLY G 26 23.18 0.11 14.89
C GLY G 26 24.26 0.24 13.84
N GLU G 27 24.01 -0.27 12.62
CA GLU G 27 25.01 -0.19 11.57
C GLU G 27 25.33 1.27 11.24
N ILE G 28 24.28 2.09 11.13
CA ILE G 28 24.43 3.49 10.78
C ILE G 28 25.20 4.23 11.87
N ILE G 29 24.80 4.03 13.13
CA ILE G 29 25.46 4.66 14.26
C ILE G 29 26.93 4.22 14.35
N LYS G 30 27.20 2.95 14.06
CA LYS G 30 28.56 2.43 14.11
C LYS G 30 29.47 3.14 13.11
N ARG G 31 28.92 3.52 11.96
CA ARG G 31 29.77 4.19 10.98
C ARG G 31 30.20 5.56 11.46
N PHE G 32 29.33 6.26 12.20
CA PHE G 32 29.74 7.55 12.74
C PHE G 32 30.73 7.37 13.88
N GLU G 33 30.53 6.37 14.73
CA GLU G 33 31.47 6.15 15.82
C GLU G 33 32.86 5.80 15.28
N GLN G 34 32.93 4.89 14.30
CA GLN G 34 34.24 4.48 13.83
C GLN G 34 34.93 5.56 13.02
N LYS G 35 34.19 6.51 12.44
CA LYS G 35 34.77 7.70 11.80
C LYS G 35 35.44 8.63 12.79
N GLY G 36 35.02 8.58 14.06
CA GLY G 36 35.56 9.45 15.08
C GLY G 36 34.64 10.59 15.49
N PHE G 37 33.42 10.62 14.99
CA PHE G 37 32.49 11.68 15.39
C PHE G 37 31.87 11.34 16.75
N ARG G 38 31.41 12.37 17.44
CA ARG G 38 30.93 12.24 18.82
C ARG G 38 29.42 12.43 18.86
N LEU G 39 28.73 11.46 19.45
CA LEU G 39 27.29 11.55 19.65
C LEU G 39 26.96 12.59 20.70
N VAL G 40 26.04 13.49 20.38
CA VAL G 40 25.65 14.60 21.25
C VAL G 40 24.20 14.45 21.71
N GLY G 41 23.35 13.94 20.83
CA GLY G 41 21.94 13.77 21.13
C GLY G 41 21.44 12.57 20.36
N LEU G 42 20.51 11.86 20.98
CA LEU G 42 19.96 10.62 20.42
C LEU G 42 18.60 10.42 21.05
N LYS G 43 17.56 10.39 20.21
CA LYS G 43 16.21 10.09 20.71
C LYS G 43 15.46 9.30 19.64
N PHE G 44 14.38 8.65 20.10
CA PHE G 44 13.51 7.81 19.29
C PHE G 44 12.08 8.34 19.39
N LEU G 45 11.48 8.68 18.26
CA LEU G 45 10.17 9.34 18.32
C LEU G 45 9.47 9.16 16.98
N GLN G 46 8.17 9.37 17.02
CA GLN G 46 7.35 9.49 15.83
C GLN G 46 7.05 10.97 15.64
N ALA G 47 7.72 11.59 14.67
CA ALA G 47 7.63 13.03 14.47
C ALA G 47 6.22 13.47 14.09
N SER G 48 5.78 14.58 14.67
CA SER G 48 4.50 15.13 14.28
C SER G 48 4.60 15.66 12.86
N GLU G 49 3.44 15.77 12.22
CA GLU G 49 3.42 16.33 10.88
C GLU G 49 3.81 17.80 10.88
N ASP G 50 3.35 18.58 11.87
CA ASP G 50 3.80 19.96 12.02
C ASP G 50 5.32 20.04 12.09
N LEU G 51 5.93 19.25 12.97
CA LEU G 51 7.39 19.23 13.05
C LEU G 51 8.00 18.93 11.68
N LEU G 52 7.42 17.98 10.93
CA LEU G 52 7.99 17.57 9.66
C LEU G 52 7.75 18.61 8.57
N LYS G 53 6.60 19.29 8.62
CA LYS G 53 6.33 20.38 7.66
C LYS G 53 7.31 21.53 7.83
N GLU G 54 7.71 21.84 9.06
CA GLU G 54 8.75 22.84 9.27
C GLU G 54 10.14 22.31 8.88
N HIS G 55 10.44 21.04 9.16
CA HIS G 55 11.74 20.47 8.77
C HIS G 55 11.95 20.56 7.26
N TYR G 56 10.91 20.27 6.48
CA TYR G 56 11.01 20.28 5.03
C TYR G 56 10.37 21.52 4.40
N THR G 57 10.32 22.64 5.16
CA THR G 57 9.50 23.79 4.75
C THR G 57 9.95 24.37 3.41
N ASP G 58 11.25 24.41 3.13
CA ASP G 58 11.75 24.89 1.84
C ASP G 58 11.21 24.08 0.66
N LEU G 59 10.74 22.86 0.88
CA LEU G 59 10.22 22.01 -0.18
C LEU G 59 8.68 21.97 -0.20
N LYS G 60 8.02 22.94 0.45
CA LYS G 60 6.59 22.80 0.72
C LYS G 60 5.73 22.75 -0.55
N ASP G 61 6.24 23.25 -1.67
CA ASP G 61 5.49 23.28 -2.92
C ASP G 61 5.85 22.14 -3.88
N ARG G 62 6.90 21.38 -3.58
CA ARG G 62 7.31 20.25 -4.40
C ARG G 62 6.23 19.16 -4.38
N PRO G 63 6.01 18.51 -5.52
CA PRO G 63 4.97 17.47 -5.59
C PRO G 63 5.18 16.30 -4.63
N PHE G 64 6.40 16.03 -4.17
CA PHE G 64 6.65 14.97 -3.21
C PHE G 64 6.54 15.42 -1.76
N PHE G 65 6.36 16.72 -1.50
CA PHE G 65 6.40 17.21 -0.12
C PHE G 65 5.31 16.57 0.74
N THR G 66 4.06 16.62 0.27
CA THR G 66 2.94 16.07 1.03
C THR G 66 3.17 14.62 1.41
N GLY G 67 3.50 13.77 0.44
CA GLY G 67 3.75 12.37 0.73
C GLY G 67 4.96 12.15 1.61
N LEU G 68 5.97 13.04 1.51
CA LEU G 68 7.17 12.92 2.34
C LEU G 68 6.84 13.22 3.80
N VAL G 69 5.98 14.21 4.04
CA VAL G 69 5.55 14.48 5.41
C VAL G 69 4.76 13.30 5.96
N LYS G 70 3.85 12.73 5.17
CA LYS G 70 3.01 11.63 5.64
C LYS G 70 3.83 10.38 5.91
N TYR G 71 4.83 10.11 5.04
CA TYR G 71 5.67 8.93 5.21
C TYR G 71 6.58 9.08 6.42
N MET G 72 7.26 10.22 6.53
CA MET G 72 8.12 10.47 7.68
C MET G 72 7.33 10.48 8.99
N HIS G 73 6.00 10.58 8.91
CA HIS G 73 5.14 10.54 10.09
C HIS G 73 4.59 9.15 10.37
N SER G 74 4.65 8.24 9.37
CA SER G 74 3.98 6.96 9.43
C SER G 74 4.64 5.98 10.38
N GLY G 75 5.78 6.35 10.96
CA GLY G 75 6.52 5.48 11.82
C GLY G 75 7.64 6.23 12.50
N PRO G 76 8.26 5.59 13.48
CA PRO G 76 9.27 6.28 14.30
C PRO G 76 10.58 6.46 13.57
N VAL G 77 11.33 7.46 14.02
CA VAL G 77 12.65 7.76 13.49
C VAL G 77 13.63 7.78 14.65
N VAL G 78 14.91 7.66 14.32
CA VAL G 78 16.01 7.86 15.25
C VAL G 78 16.63 9.21 14.94
N ALA G 79 16.50 10.14 15.88
CA ALA G 79 16.99 11.51 15.72
C ALA G 79 18.32 11.63 16.45
N MET G 80 19.30 12.26 15.80
CA MET G 80 20.66 12.24 16.29
C MET G 80 21.37 13.55 16.03
N VAL G 81 22.23 13.92 16.97
CA VAL G 81 23.18 15.00 16.76
C VAL G 81 24.58 14.40 16.89
N TRP G 82 25.44 14.69 15.92
CA TRP G 82 26.84 14.27 15.94
C TRP G 82 27.69 15.53 15.88
N GLU G 83 28.87 15.47 16.51
CA GLU G 83 29.77 16.61 16.59
C GLU G 83 31.15 16.26 16.03
N GLY G 84 31.79 17.22 15.39
CA GLY G 84 33.15 17.04 14.92
C GLY G 84 33.46 18.00 13.80
N LEU G 85 34.75 18.06 13.46
CA LEU G 85 35.24 18.86 12.34
C LEU G 85 34.50 18.52 11.05
N ASN G 86 33.88 19.54 10.44
CA ASN G 86 33.23 19.39 9.14
C ASN G 86 32.23 18.26 9.13
N VAL G 87 31.61 18.01 10.28
CA VAL G 87 30.69 16.89 10.43
C VAL G 87 29.48 17.04 9.52
N VAL G 88 29.08 18.28 9.19
CA VAL G 88 27.97 18.45 8.26
C VAL G 88 28.35 17.89 6.88
N LYS G 89 29.37 18.49 6.25
CA LYS G 89 29.75 18.07 4.90
C LYS G 89 30.20 16.61 4.87
N THR G 90 31.07 16.21 5.80
CA THR G 90 31.54 14.83 5.85
C THR G 90 30.40 13.87 6.17
N GLY G 91 29.47 14.28 7.04
CA GLY G 91 28.30 13.45 7.27
C GLY G 91 27.55 13.16 5.98
N ARG G 92 27.36 14.18 5.15
CA ARG G 92 26.69 14.01 3.87
C ARG G 92 27.50 13.12 2.92
N VAL G 93 28.83 13.20 2.98
CA VAL G 93 29.63 12.29 2.16
C VAL G 93 29.40 10.85 2.60
N MET G 94 29.34 10.60 3.91
CA MET G 94 29.12 9.25 4.41
C MET G 94 27.73 8.74 4.08
N LEU G 95 26.72 9.62 4.17
CA LEU G 95 25.39 9.24 3.73
C LEU G 95 25.41 8.80 2.28
N GLY G 96 26.21 9.47 1.46
CA GLY G 96 26.12 9.31 0.03
C GLY G 96 25.04 10.19 -0.54
N GLU G 97 24.92 10.16 -1.86
CA GLU G 97 24.03 11.08 -2.53
C GLU G 97 22.58 10.93 -2.04
N THR G 98 21.85 12.04 -2.06
CA THR G 98 20.47 12.04 -1.59
C THR G 98 19.63 11.05 -2.38
N ASN G 99 19.83 11.00 -3.68
CA ASN G 99 19.16 10.03 -4.50
C ASN G 99 19.95 8.72 -4.45
N PRO G 100 19.41 7.66 -3.84
CA PRO G 100 20.19 6.41 -3.73
C PRO G 100 20.67 5.87 -5.07
N ALA G 101 19.99 6.21 -6.17
CA ALA G 101 20.44 5.73 -7.46
C ALA G 101 21.88 6.14 -7.75
N ASP G 102 22.32 7.27 -7.19
CA ASP G 102 23.64 7.83 -7.44
C ASP G 102 24.61 7.60 -6.29
N SER G 103 24.16 6.96 -5.21
CA SER G 103 25.01 6.78 -4.05
C SER G 103 26.04 5.69 -4.32
N LYS G 104 27.28 5.97 -3.98
CA LYS G 104 28.38 5.06 -4.26
C LYS G 104 28.46 3.95 -3.20
N PRO G 105 28.92 2.75 -3.58
CA PRO G 105 29.26 1.74 -2.58
C PRO G 105 30.26 2.29 -1.57
N GLY G 106 30.11 1.85 -0.32
CA GLY G 106 30.83 2.44 0.78
C GLY G 106 30.01 3.43 1.59
N THR G 107 29.09 4.14 0.93
CA THR G 107 28.23 5.06 1.68
C THR G 107 27.02 4.33 2.24
N ILE G 108 26.35 5.00 3.19
CA ILE G 108 25.22 4.38 3.86
C ILE G 108 24.11 4.08 2.86
N ARG G 109 23.77 5.04 2.01
CA ARG G 109 22.69 4.81 1.06
C ARG G 109 23.15 3.93 -0.08
N GLY G 110 24.43 4.02 -0.45
CA GLY G 110 24.90 3.13 -1.49
C GLY G 110 24.92 1.69 -1.06
N ASP G 111 25.16 1.44 0.22
CA ASP G 111 25.20 0.06 0.70
C ASP G 111 23.84 -0.52 1.04
N PHE G 112 22.84 0.32 1.35
CA PHE G 112 21.67 -0.19 2.05
C PHE G 112 20.29 0.13 1.46
N CYS G 113 20.16 1.03 0.49
CA CYS G 113 18.84 1.38 0.01
C CYS G 113 18.90 1.64 -1.49
N ILE G 114 17.72 1.87 -2.09
CA ILE G 114 17.57 1.76 -3.54
C ILE G 114 16.88 2.97 -4.17
N GLN G 115 15.82 3.48 -3.55
CA GLN G 115 14.90 4.38 -4.21
C GLN G 115 14.67 5.63 -3.38
N VAL G 116 14.44 6.75 -4.08
CA VAL G 116 14.50 8.08 -3.45
C VAL G 116 13.42 8.25 -2.39
N GLY G 117 12.24 7.66 -2.59
CA GLY G 117 11.25 7.79 -1.54
C GLY G 117 11.53 6.98 -0.28
N ARG G 118 12.58 6.14 -0.32
CA ARG G 118 12.95 5.29 0.81
C ARG G 118 14.49 5.29 0.90
N ASN G 119 15.08 6.44 1.24
CA ASN G 119 16.52 6.63 1.33
C ASN G 119 17.03 6.59 2.77
N ILE G 120 16.31 5.87 3.64
CA ILE G 120 16.65 5.44 4.99
C ILE G 120 17.24 6.49 5.93
N ILE G 121 17.64 7.65 5.43
CA ILE G 121 18.38 8.56 6.28
C ILE G 121 18.26 9.98 5.73
N HIS G 122 18.31 10.95 6.64
CA HIS G 122 18.49 12.35 6.30
C HIS G 122 19.68 12.90 7.08
N GLY G 123 20.39 13.83 6.46
CA GLY G 123 21.43 14.59 7.14
C GLY G 123 21.43 16.03 6.68
N SER G 124 21.82 16.91 7.60
CA SER G 124 21.75 18.35 7.32
C SER G 124 22.69 18.73 6.18
N ASP G 125 22.24 19.65 5.33
CA ASP G 125 23.01 19.98 4.13
C ASP G 125 23.92 21.19 4.29
N SER G 126 23.84 21.90 5.42
CA SER G 126 24.72 23.03 5.72
C SER G 126 24.79 23.21 7.22
N VAL G 127 25.77 24.02 7.66
CA VAL G 127 25.84 24.40 9.07
C VAL G 127 24.60 25.19 9.50
N LYS G 128 24.09 26.06 8.64
CA LYS G 128 22.90 26.84 8.97
C LYS G 128 21.69 25.93 9.18
N SER G 129 21.40 25.07 8.20
CA SER G 129 20.31 24.10 8.32
C SER G 129 20.48 23.19 9.52
N ALA G 130 21.72 22.73 9.78
CA ALA G 130 21.99 21.88 10.94
C ALA G 130 21.49 22.53 12.22
N GLU G 131 21.86 23.80 12.45
CA GLU G 131 21.46 24.49 13.68
C GLU G 131 19.94 24.63 13.75
N LYS G 132 19.28 24.83 12.62
CA LYS G 132 17.81 24.93 12.64
C LYS G 132 17.16 23.57 12.93
N GLU G 133 17.66 22.50 12.33
CA GLU G 133 17.06 21.18 12.53
C GLU G 133 17.35 20.65 13.93
N ILE G 134 18.55 20.88 14.45
CA ILE G 134 18.85 20.51 15.82
C ILE G 134 17.89 21.21 16.79
N SER G 135 17.77 22.53 16.64
CA SER G 135 16.85 23.30 17.49
C SER G 135 15.42 22.79 17.38
N LEU G 136 15.05 22.29 16.20
CA LEU G 136 13.68 21.86 15.94
C LEU G 136 13.38 20.48 16.51
N TRP G 137 14.31 19.54 16.37
CA TRP G 137 14.14 18.19 16.89
C TRP G 137 14.59 18.00 18.33
N PHE G 138 15.44 18.87 18.86
CA PHE G 138 16.01 18.68 20.19
C PHE G 138 15.84 19.95 21.02
N GLN G 139 15.66 19.74 22.32
CA GLN G 139 15.78 20.76 23.36
C GLN G 139 17.22 20.84 23.84
N PRO G 140 17.65 22.01 24.32
CA PRO G 140 19.02 22.12 24.83
C PRO G 140 19.40 21.09 25.87
N GLU G 141 18.48 20.71 26.75
CA GLU G 141 18.81 19.73 27.79
C GLU G 141 19.15 18.36 27.23
N GLU G 142 18.64 18.02 26.03
CA GLU G 142 18.88 16.69 25.45
C GLU G 142 20.20 16.60 24.69
N LEU G 143 21.00 17.66 24.64
CA LEU G 143 22.30 17.60 23.97
C LEU G 143 23.36 17.50 25.06
N VAL G 144 24.09 16.39 25.07
CA VAL G 144 25.07 16.09 26.10
C VAL G 144 26.46 16.35 25.54
N GLU G 145 27.28 17.05 26.31
CA GLU G 145 28.68 17.31 25.96
C GLU G 145 29.59 16.50 26.86
N TYR G 146 30.51 15.76 26.26
CA TYR G 146 31.55 15.07 27.00
C TYR G 146 32.78 15.05 26.10
N LYS G 147 33.90 14.62 26.67
CA LYS G 147 35.16 14.60 25.94
C LYS G 147 35.51 13.17 25.59
N SER G 148 35.51 12.85 24.29
CA SER G 148 35.91 11.51 23.88
C SER G 148 37.32 11.20 24.36
N CYS G 149 37.51 9.98 24.87
CA CYS G 149 38.82 9.61 25.36
C CYS G 149 39.87 9.65 24.25
N ALA G 150 39.46 9.50 22.99
CA ALA G 150 40.36 9.48 21.86
C ALA G 150 40.54 10.86 21.21
N GLN G 151 40.10 11.92 21.89
CA GLN G 151 40.12 13.27 21.31
C GLN G 151 41.50 13.66 20.78
N ASN G 152 42.53 13.49 21.60
CA ASN G 152 43.88 13.87 21.18
C ASN G 152 44.46 12.94 20.13
N TRP G 153 43.85 11.78 19.92
CA TRP G 153 44.22 10.90 18.82
C TRP G 153 43.37 11.13 17.57
N ILE G 154 42.21 11.79 17.70
CA ILE G 154 41.41 12.11 16.52
C ILE G 154 41.76 13.49 15.98
N TYR G 155 42.06 14.45 16.87
CA TYR G 155 42.38 15.82 16.51
C TYR G 155 43.69 16.25 17.14
N GLU G 156 44.45 17.05 16.39
CA GLU G 156 45.74 17.52 16.89
C GLU G 156 45.58 18.83 17.65
N MET H 5 6.70 -4.32 -14.35
CA MET H 5 7.03 -3.16 -13.55
C MET H 5 8.53 -2.90 -13.55
N ALA H 6 8.91 -1.63 -13.38
CA ALA H 6 10.33 -1.28 -13.25
C ALA H 6 10.99 -1.99 -12.07
N ASN H 7 10.27 -2.08 -10.93
CA ASN H 7 10.78 -2.72 -9.73
C ASN H 7 10.97 -4.22 -9.86
N SER H 8 10.57 -4.82 -10.98
CA SER H 8 10.71 -6.24 -11.23
C SER H 8 11.83 -6.56 -12.20
N GLU H 9 12.67 -5.58 -12.54
CA GLU H 9 13.87 -5.85 -13.30
C GLU H 9 14.73 -6.91 -12.59
N ARG H 10 15.39 -7.73 -13.40
CA ARG H 10 16.21 -8.84 -12.93
CA ARG H 10 16.21 -8.83 -12.93
C ARG H 10 17.58 -8.77 -13.57
N THR H 11 18.61 -9.14 -12.81
CA THR H 11 19.96 -9.27 -13.36
C THR H 11 20.51 -10.64 -13.00
N PHE H 12 21.51 -11.08 -13.76
CA PHE H 12 22.23 -12.32 -13.48
C PHE H 12 23.61 -12.02 -12.86
N ILE H 13 23.89 -12.64 -11.73
CA ILE H 13 25.16 -12.48 -11.04
C ILE H 13 25.72 -13.88 -10.87
N ALA H 14 26.94 -14.10 -11.36
CA ALA H 14 27.67 -15.36 -11.20
C ALA H 14 28.93 -15.11 -10.38
N ILE H 15 29.06 -15.79 -9.25
CA ILE H 15 30.31 -15.77 -8.48
C ILE H 15 31.26 -16.77 -9.11
N LYS H 16 32.45 -16.30 -9.52
CA LYS H 16 33.35 -17.09 -10.36
C LYS H 16 34.09 -18.15 -9.55
N PRO H 17 34.82 -19.08 -10.19
CA PRO H 17 35.53 -20.08 -9.37
C PRO H 17 36.48 -19.44 -8.37
N ASP H 18 37.16 -18.35 -8.72
CA ASP H 18 38.06 -17.75 -7.75
C ASP H 18 37.29 -17.21 -6.56
N GLY H 19 36.05 -16.73 -6.76
CA GLY H 19 35.28 -16.22 -5.64
C GLY H 19 34.83 -17.32 -4.70
N VAL H 20 34.37 -18.45 -5.25
CA VAL H 20 34.05 -19.61 -4.41
C VAL H 20 35.30 -20.08 -3.67
N GLN H 21 36.38 -20.33 -4.42
CA GLN H 21 37.64 -20.80 -3.84
C GLN H 21 38.09 -19.92 -2.68
N ARG H 22 37.97 -18.61 -2.79
CA ARG H 22 38.47 -17.72 -1.75
C ARG H 22 37.43 -17.38 -0.68
N GLY H 23 36.31 -18.07 -0.68
CA GLY H 23 35.34 -17.96 0.41
C GLY H 23 34.54 -16.67 0.45
N LEU H 24 34.15 -16.14 -0.71
CA LEU H 24 33.44 -14.87 -0.78
C LEU H 24 31.94 -15.01 -1.07
N VAL H 25 31.40 -16.23 -1.08
CA VAL H 25 30.00 -16.43 -1.51
C VAL H 25 29.06 -15.67 -0.59
N GLY H 26 29.14 -15.93 0.72
CA GLY H 26 28.20 -15.34 1.64
C GLY H 26 28.37 -13.84 1.73
N GLU H 27 29.63 -13.37 1.68
CA GLU H 27 29.89 -11.93 1.70
CA GLU H 27 29.89 -11.93 1.70
C GLU H 27 29.24 -11.25 0.50
N ILE H 28 29.36 -11.84 -0.69
CA ILE H 28 28.77 -11.25 -1.89
C ILE H 28 27.25 -11.20 -1.79
N ILE H 29 26.63 -12.34 -1.48
CA ILE H 29 25.18 -12.42 -1.35
C ILE H 29 24.68 -11.44 -0.30
N LYS H 30 25.46 -11.27 0.79
CA LYS H 30 25.05 -10.36 1.85
C LYS H 30 24.99 -8.94 1.32
N ARG H 31 25.91 -8.56 0.44
CA ARG H 31 25.88 -7.19 -0.05
C ARG H 31 24.59 -6.94 -0.84
N PHE H 32 24.10 -7.94 -1.56
CA PHE H 32 22.88 -7.81 -2.33
C PHE H 32 21.64 -7.85 -1.43
N GLU H 33 21.66 -8.70 -0.40
CA GLU H 33 20.56 -8.69 0.55
C GLU H 33 20.46 -7.36 1.27
N GLN H 34 21.56 -6.90 1.85
CA GLN H 34 21.50 -5.70 2.66
C GLN H 34 21.20 -4.45 1.83
N LYS H 35 21.51 -4.47 0.54
CA LYS H 35 21.10 -3.38 -0.35
C LYS H 35 19.59 -3.37 -0.54
N GLY H 36 18.93 -4.52 -0.41
CA GLY H 36 17.50 -4.62 -0.55
C GLY H 36 17.06 -5.24 -1.85
N PHE H 37 17.94 -5.92 -2.57
CA PHE H 37 17.47 -6.63 -3.74
C PHE H 37 16.94 -7.98 -3.32
N ARG H 38 16.11 -8.58 -4.17
CA ARG H 38 15.43 -9.82 -3.86
C ARG H 38 16.11 -10.97 -4.59
N LEU H 39 16.38 -12.07 -3.86
CA LEU H 39 16.93 -13.27 -4.48
C LEU H 39 15.82 -14.03 -5.20
N VAL H 40 16.06 -14.35 -6.47
CA VAL H 40 15.07 -15.01 -7.32
C VAL H 40 15.52 -16.40 -7.73
N GLY H 41 16.79 -16.55 -8.04
CA GLY H 41 17.34 -17.83 -8.41
C GLY H 41 18.75 -17.94 -7.89
N LEU H 42 19.13 -19.16 -7.53
CA LEU H 42 20.40 -19.41 -6.85
C LEU H 42 20.76 -20.87 -7.10
N LYS H 43 21.86 -21.12 -7.80
CA LYS H 43 22.26 -22.51 -7.95
C LYS H 43 23.78 -22.60 -7.98
N PHE H 44 24.25 -23.76 -7.56
CA PHE H 44 25.66 -24.12 -7.57
C PHE H 44 25.86 -25.12 -8.70
N LEU H 45 26.86 -24.88 -9.55
CA LEU H 45 27.15 -25.80 -10.63
C LEU H 45 28.56 -25.55 -11.15
N GLN H 46 29.08 -26.54 -11.89
CA GLN H 46 30.25 -26.36 -12.74
C GLN H 46 29.72 -26.19 -14.16
N ALA H 47 29.84 -24.96 -14.68
CA ALA H 47 29.28 -24.64 -15.99
C ALA H 47 30.04 -25.35 -17.11
N SER H 48 29.31 -25.92 -18.06
CA SER H 48 29.96 -26.53 -19.20
C SER H 48 30.59 -25.45 -20.05
N GLU H 49 31.59 -25.84 -20.86
CA GLU H 49 32.24 -24.86 -21.72
C GLU H 49 31.27 -24.33 -22.77
N ASP H 50 30.37 -25.18 -23.26
CA ASP H 50 29.33 -24.75 -24.20
C ASP H 50 28.47 -23.64 -23.63
N LEU H 51 27.92 -23.85 -22.42
CA LEU H 51 27.16 -22.78 -21.77
C LEU H 51 27.97 -21.49 -21.73
N LEU H 52 29.21 -21.58 -21.27
CA LEU H 52 30.06 -20.41 -21.13
C LEU H 52 30.30 -19.73 -22.49
N LYS H 53 30.52 -20.53 -23.55
CA LYS H 53 30.74 -19.94 -24.87
C LYS H 53 29.51 -19.18 -25.35
N GLU H 54 28.31 -19.69 -25.05
CA GLU H 54 27.08 -18.95 -25.30
C GLU H 54 27.00 -17.69 -24.45
N HIS H 55 27.26 -17.80 -23.14
CA HIS H 55 27.29 -16.64 -22.26
C HIS H 55 28.18 -15.52 -22.80
N TYR H 56 29.43 -15.83 -23.15
CA TYR H 56 30.38 -14.82 -23.63
C TYR H 56 30.46 -14.73 -25.15
N THR H 57 29.38 -15.09 -25.86
CA THR H 57 29.42 -15.23 -27.32
C THR H 57 29.85 -13.95 -28.01
N ASP H 58 29.53 -12.78 -27.45
CA ASP H 58 29.94 -11.52 -28.06
C ASP H 58 31.46 -11.35 -28.06
N LEU H 59 32.19 -12.15 -27.28
CA LEU H 59 33.64 -12.02 -27.14
C LEU H 59 34.40 -13.17 -27.80
N LYS H 60 33.71 -13.98 -28.60
CA LYS H 60 34.25 -15.25 -29.07
C LYS H 60 35.56 -15.10 -29.84
N ASP H 61 35.81 -13.94 -30.44
CA ASP H 61 37.02 -13.76 -31.22
C ASP H 61 38.15 -13.09 -30.44
N ARG H 62 37.89 -12.62 -29.22
CA ARG H 62 38.89 -11.90 -28.46
C ARG H 62 40.02 -12.84 -27.98
N PRO H 63 41.23 -12.32 -27.82
CA PRO H 63 42.36 -13.20 -27.44
C PRO H 63 42.15 -13.90 -26.09
N PHE H 64 41.41 -13.31 -25.16
CA PHE H 64 41.21 -13.88 -23.83
C PHE H 64 40.03 -14.86 -23.76
N PHE H 65 39.28 -15.05 -24.85
CA PHE H 65 38.02 -15.78 -24.79
C PHE H 65 38.24 -17.24 -24.42
N THR H 66 39.12 -17.91 -25.17
CA THR H 66 39.31 -19.34 -25.00
C THR H 66 39.71 -19.68 -23.58
N GLY H 67 40.64 -18.91 -23.01
CA GLY H 67 41.03 -19.13 -21.64
C GLY H 67 39.94 -18.76 -20.64
N LEU H 68 39.24 -17.66 -20.87
CA LEU H 68 38.10 -17.29 -20.01
C LEU H 68 37.09 -18.43 -19.93
N VAL H 69 36.79 -19.05 -21.08
CA VAL H 69 35.88 -20.19 -21.10
C VAL H 69 36.46 -21.37 -20.35
N LYS H 70 37.74 -21.69 -20.60
CA LYS H 70 38.36 -22.82 -19.91
C LYS H 70 38.39 -22.57 -18.42
N TYR H 71 38.78 -21.36 -18.00
CA TYR H 71 38.89 -21.07 -16.57
C TYR H 71 37.54 -21.11 -15.88
N MET H 72 36.53 -20.42 -16.44
CA MET H 72 35.20 -20.43 -15.84
C MET H 72 34.64 -21.83 -15.71
N HIS H 73 35.08 -22.76 -16.56
CA HIS H 73 34.64 -24.15 -16.48
C HIS H 73 35.45 -24.97 -15.48
N SER H 74 36.60 -24.45 -15.04
CA SER H 74 37.54 -25.25 -14.28
C SER H 74 37.05 -25.53 -12.86
N GLY H 75 36.02 -24.83 -12.40
CA GLY H 75 35.57 -24.96 -11.05
C GLY H 75 34.11 -24.56 -10.93
N PRO H 76 33.48 -24.87 -9.82
CA PRO H 76 32.07 -24.51 -9.67
C PRO H 76 31.89 -23.01 -9.49
N VAL H 77 30.69 -22.56 -9.84
CA VAL H 77 30.32 -21.17 -9.68
C VAL H 77 28.98 -21.10 -8.97
N VAL H 78 28.67 -19.94 -8.41
CA VAL H 78 27.36 -19.68 -7.85
C VAL H 78 26.62 -18.78 -8.83
N ALA H 79 25.58 -19.32 -9.46
CA ALA H 79 24.76 -18.55 -10.39
C ALA H 79 23.54 -18.03 -9.65
N MET H 80 23.23 -16.75 -9.83
CA MET H 80 22.18 -16.08 -9.07
C MET H 80 21.39 -15.13 -9.95
N VAL H 81 20.11 -14.97 -9.62
CA VAL H 81 19.27 -13.94 -10.23
C VAL H 81 18.74 -13.07 -9.09
N TRP H 82 18.90 -11.76 -9.23
CA TRP H 82 18.48 -10.76 -8.25
C TRP H 82 17.50 -9.81 -8.92
N GLU H 83 16.57 -9.26 -8.13
CA GLU H 83 15.45 -8.51 -8.69
C GLU H 83 15.24 -7.20 -7.95
N GLY H 84 15.02 -6.14 -8.71
CA GLY H 84 14.73 -4.84 -8.14
C GLY H 84 14.86 -3.76 -9.18
N LEU H 85 14.42 -2.57 -8.79
CA LEU H 85 14.60 -1.36 -9.60
C LEU H 85 16.06 -1.19 -9.98
N ASN H 86 16.31 -1.06 -11.29
CA ASN H 86 17.65 -0.82 -11.83
C ASN H 86 18.68 -1.78 -11.24
N VAL H 87 18.28 -3.02 -11.03
CA VAL H 87 19.21 -4.00 -10.44
C VAL H 87 20.40 -4.26 -11.37
N VAL H 88 20.22 -4.17 -12.67
CA VAL H 88 21.34 -4.41 -13.57
C VAL H 88 22.37 -3.29 -13.40
N LYS H 89 21.96 -2.04 -13.65
CA LYS H 89 22.87 -0.90 -13.56
C LYS H 89 23.49 -0.80 -12.17
N THR H 90 22.65 -0.90 -11.13
CA THR H 90 23.14 -0.81 -9.77
C THR H 90 23.99 -2.02 -9.40
N GLY H 91 23.58 -3.21 -9.86
CA GLY H 91 24.40 -4.39 -9.70
C GLY H 91 25.82 -4.16 -10.19
N ARG H 92 25.97 -3.54 -11.37
CA ARG H 92 27.30 -3.34 -11.91
C ARG H 92 28.10 -2.36 -11.07
N VAL H 93 27.45 -1.31 -10.58
CA VAL H 93 28.09 -0.38 -9.67
C VAL H 93 28.59 -1.10 -8.42
N MET H 94 27.74 -1.97 -7.83
CA MET H 94 28.14 -2.70 -6.62
C MET H 94 29.31 -3.64 -6.91
N LEU H 95 29.34 -4.24 -8.10
CA LEU H 95 30.47 -5.10 -8.43
C LEU H 95 31.77 -4.30 -8.53
N GLY H 96 31.69 -3.05 -8.99
CA GLY H 96 32.88 -2.30 -9.36
C GLY H 96 33.27 -2.55 -10.79
N GLU H 97 34.26 -1.79 -11.25
CA GLU H 97 34.69 -1.95 -12.63
C GLU H 97 35.11 -3.40 -12.89
N THR H 98 34.79 -3.87 -14.10
CA THR H 98 35.20 -5.20 -14.56
C THR H 98 36.68 -5.46 -14.36
N ASN H 99 37.52 -4.47 -14.62
CA ASN H 99 38.95 -4.64 -14.43
C ASN H 99 39.26 -4.26 -12.99
N PRO H 100 39.60 -5.22 -12.13
CA PRO H 100 39.76 -4.91 -10.69
C PRO H 100 40.72 -3.76 -10.41
N ALA H 101 41.69 -3.51 -11.29
CA ALA H 101 42.59 -2.37 -11.10
C ALA H 101 41.84 -1.06 -10.93
N ASP H 102 40.70 -0.91 -11.59
CA ASP H 102 39.93 0.32 -11.61
C ASP H 102 38.78 0.31 -10.62
N SER H 103 38.58 -0.78 -9.89
CA SER H 103 37.44 -0.90 -8.99
C SER H 103 37.70 -0.13 -7.71
N LYS H 104 36.73 0.70 -7.32
CA LYS H 104 36.88 1.53 -6.13
C LYS H 104 36.69 0.71 -4.86
N PRO H 105 37.35 1.08 -3.77
CA PRO H 105 37.09 0.44 -2.48
C PRO H 105 35.62 0.61 -2.11
N GLY H 106 35.05 -0.43 -1.47
CA GLY H 106 33.65 -0.49 -1.17
C GLY H 106 32.83 -1.28 -2.17
N THR H 107 33.34 -1.48 -3.37
CA THR H 107 32.74 -2.40 -4.32
C THR H 107 33.24 -3.81 -4.05
N ILE H 108 32.58 -4.79 -4.69
CA ILE H 108 32.95 -6.18 -4.50
C ILE H 108 34.35 -6.47 -5.05
N ARG H 109 34.61 -6.05 -6.29
CA ARG H 109 35.94 -6.28 -6.87
C ARG H 109 36.99 -5.39 -6.22
N GLY H 110 36.60 -4.18 -5.83
CA GLY H 110 37.53 -3.27 -5.20
C GLY H 110 38.01 -3.75 -3.85
N ASP H 111 37.13 -4.39 -3.09
CA ASP H 111 37.52 -4.88 -1.77
C ASP H 111 38.20 -6.24 -1.79
N PHE H 112 37.98 -7.07 -2.81
CA PHE H 112 38.30 -8.49 -2.69
C PHE H 112 39.18 -9.13 -3.77
N CYS H 113 39.64 -8.39 -4.76
CA CYS H 113 40.43 -9.05 -5.80
C CYS H 113 41.28 -8.03 -6.54
N ILE H 114 42.17 -8.54 -7.40
CA ILE H 114 43.31 -7.76 -7.86
C ILE H 114 43.44 -7.67 -9.38
N GLN H 115 43.21 -8.77 -10.10
CA GLN H 115 43.68 -8.85 -11.49
C GLN H 115 42.64 -9.42 -12.44
N VAL H 116 42.72 -8.96 -13.69
CA VAL H 116 41.65 -9.09 -14.68
C VAL H 116 41.16 -10.53 -14.83
N GLY H 117 42.08 -11.48 -14.97
CA GLY H 117 41.61 -12.84 -15.20
C GLY H 117 41.09 -13.56 -13.97
N ARG H 118 41.11 -12.90 -12.80
CA ARG H 118 40.66 -13.46 -11.52
C ARG H 118 39.82 -12.39 -10.79
N ASN H 119 38.71 -11.98 -11.42
CA ASN H 119 37.91 -10.86 -10.94
C ASN H 119 36.61 -11.32 -10.24
N ILE H 120 36.65 -12.52 -9.63
CA ILE H 120 35.71 -13.16 -8.71
C ILE H 120 34.22 -13.16 -9.10
N ILE H 121 33.78 -12.30 -10.01
CA ILE H 121 32.34 -12.11 -10.17
C ILE H 121 32.01 -11.60 -11.57
N HIS H 122 30.76 -11.85 -11.99
CA HIS H 122 30.19 -11.28 -13.20
C HIS H 122 28.78 -10.76 -12.90
N GLY H 123 28.41 -9.69 -13.57
CA GLY H 123 27.03 -9.26 -13.60
C GLY H 123 26.66 -8.75 -14.98
N SER H 124 25.40 -8.97 -15.35
CA SER H 124 24.95 -8.55 -16.67
C SER H 124 25.20 -7.06 -16.87
N ASP H 125 25.50 -6.67 -18.11
CA ASP H 125 25.75 -5.27 -18.43
C ASP H 125 24.52 -4.52 -18.91
N SER H 126 23.43 -5.20 -19.25
CA SER H 126 22.22 -4.51 -19.67
C SER H 126 21.02 -5.40 -19.37
N VAL H 127 19.85 -4.79 -19.45
CA VAL H 127 18.59 -5.52 -19.32
C VAL H 127 18.49 -6.60 -20.39
N LYS H 128 18.85 -6.26 -21.62
CA LYS H 128 18.79 -7.26 -22.68
C LYS H 128 19.76 -8.42 -22.40
N SER H 129 21.00 -8.11 -22.03
CA SER H 129 21.94 -9.18 -21.66
C SER H 129 21.42 -9.98 -20.47
N ALA H 130 20.87 -9.29 -19.46
CA ALA H 130 20.40 -9.97 -18.26
C ALA H 130 19.39 -11.06 -18.62
N GLU H 131 18.33 -10.68 -19.37
CA GLU H 131 17.30 -11.65 -19.77
C GLU H 131 17.91 -12.82 -20.52
N LYS H 132 18.91 -12.57 -21.37
CA LYS H 132 19.55 -13.65 -22.12
C LYS H 132 20.37 -14.56 -21.20
N GLU H 133 21.13 -13.95 -20.27
CA GLU H 133 21.96 -14.74 -19.37
C GLU H 133 21.11 -15.53 -18.39
N ILE H 134 20.05 -14.92 -17.87
CA ILE H 134 19.13 -15.65 -16.98
C ILE H 134 18.54 -16.86 -17.69
N SER H 135 17.98 -16.67 -18.88
CA SER H 135 17.40 -17.78 -19.63
C SER H 135 18.43 -18.83 -19.99
N LEU H 136 19.68 -18.42 -20.13
CA LEU H 136 20.74 -19.35 -20.45
C LEU H 136 21.11 -20.21 -19.25
N TRP H 137 21.10 -19.63 -18.06
CA TRP H 137 21.53 -20.32 -16.86
C TRP H 137 20.39 -20.97 -16.09
N PHE H 138 19.23 -20.32 -16.02
CA PHE H 138 18.07 -20.81 -15.28
C PHE H 138 16.94 -21.21 -16.20
N GLN H 139 16.19 -22.24 -15.79
CA GLN H 139 14.88 -22.53 -16.35
C GLN H 139 13.83 -21.71 -15.62
N PRO H 140 12.67 -21.43 -16.21
CA PRO H 140 11.68 -20.61 -15.49
C PRO H 140 11.29 -21.18 -14.14
N GLU H 141 11.10 -22.49 -14.01
CA GLU H 141 10.71 -23.09 -12.75
C GLU H 141 11.70 -22.82 -11.62
N GLU H 142 12.97 -22.64 -11.92
CA GLU H 142 13.96 -22.41 -10.88
C GLU H 142 13.95 -20.97 -10.34
N LEU H 143 13.16 -20.09 -10.93
CA LEU H 143 13.06 -18.70 -10.48
C LEU H 143 11.84 -18.61 -9.58
N VAL H 144 12.05 -18.11 -8.37
CA VAL H 144 11.01 -18.08 -7.34
C VAL H 144 10.55 -16.65 -7.17
N GLU H 145 9.24 -16.46 -7.11
CA GLU H 145 8.67 -15.15 -6.85
C GLU H 145 8.07 -15.14 -5.45
N TYR H 146 8.31 -14.04 -4.73
CA TYR H 146 7.76 -13.84 -3.41
C TYR H 146 7.88 -12.35 -3.10
N LYS H 147 7.11 -11.92 -2.10
CA LYS H 147 7.11 -10.55 -1.61
C LYS H 147 8.13 -10.43 -0.47
N SER H 148 9.08 -9.51 -0.60
CA SER H 148 9.91 -9.15 0.55
C SER H 148 9.03 -8.52 1.62
N CYS H 149 9.21 -8.97 2.87
CA CYS H 149 8.44 -8.41 3.98
C CYS H 149 8.70 -6.93 4.16
N ALA H 150 9.82 -6.43 3.62
CA ALA H 150 10.20 -5.02 3.73
C ALA H 150 9.99 -4.25 2.43
N GLN H 151 9.19 -4.80 1.49
CA GLN H 151 9.02 -4.13 0.20
C GLN H 151 8.45 -2.73 0.36
N ASN H 152 7.42 -2.58 1.20
CA ASN H 152 6.82 -1.26 1.41
C ASN H 152 7.82 -0.24 1.94
N TRP H 153 8.93 -0.70 2.54
CA TRP H 153 9.97 0.16 3.09
C TRP H 153 11.19 0.29 2.17
N ILE H 154 11.23 -0.46 1.07
CA ILE H 154 12.27 -0.32 0.07
C ILE H 154 11.80 0.50 -1.11
N TYR H 155 10.53 0.36 -1.47
CA TYR H 155 9.97 1.03 -2.63
C TYR H 155 8.74 1.81 -2.24
N GLU H 156 8.61 3.01 -2.78
CA GLU H 156 7.44 3.82 -2.56
C GLU H 156 6.31 3.37 -3.47
N MET I 5 59.44 -8.83 -11.82
CA MET I 5 58.34 -9.74 -11.49
C MET I 5 57.16 -8.95 -10.90
N ALA I 6 56.17 -8.65 -11.75
CA ALA I 6 55.15 -7.64 -11.42
C ALA I 6 54.36 -8.01 -10.18
N ASN I 7 54.01 -9.29 -10.01
CA ASN I 7 53.25 -9.71 -8.84
C ASN I 7 54.07 -9.65 -7.56
N SER I 8 55.37 -9.42 -7.66
CA SER I 8 56.30 -9.39 -6.55
C SER I 8 56.56 -7.98 -6.03
N GLU I 9 55.97 -6.96 -6.64
CA GLU I 9 56.11 -5.61 -6.13
C GLU I 9 55.74 -5.59 -4.65
N ARG I 10 56.35 -4.66 -3.91
CA ARG I 10 56.13 -4.54 -2.48
CA ARG I 10 56.13 -4.54 -2.48
CA ARG I 10 56.13 -4.54 -2.48
C ARG I 10 55.92 -3.07 -2.12
N THR I 11 55.13 -2.86 -1.05
CA THR I 11 54.90 -1.52 -0.52
C THR I 11 55.05 -1.53 1.00
N PHE I 12 55.37 -0.37 1.54
CA PHE I 12 55.48 -0.17 2.98
C PHE I 12 54.23 0.54 3.49
N ILE I 13 53.59 -0.04 4.53
CA ILE I 13 52.39 0.50 5.15
C ILE I 13 52.63 0.59 6.65
N ALA I 14 52.37 1.76 7.23
CA ALA I 14 52.56 1.95 8.66
C ALA I 14 51.26 2.45 9.26
N ILE I 15 50.74 1.70 10.25
CA ILE I 15 49.63 2.17 11.06
C ILE I 15 50.20 3.12 12.10
N LYS I 16 49.71 4.37 12.10
CA LYS I 16 50.26 5.44 12.91
C LYS I 16 49.80 5.31 14.35
N PRO I 17 50.39 6.09 15.27
CA PRO I 17 50.02 5.93 16.69
C PRO I 17 48.52 6.11 16.94
N ASP I 18 47.85 7.00 16.22
CA ASP I 18 46.39 7.11 16.39
C ASP I 18 45.68 5.85 15.92
N GLY I 19 46.19 5.18 14.88
CA GLY I 19 45.57 3.94 14.43
C GLY I 19 45.64 2.84 15.47
N VAL I 20 46.81 2.70 16.11
CA VAL I 20 46.98 1.77 17.21
C VAL I 20 46.08 2.16 18.38
N GLN I 21 46.15 3.42 18.82
CA GLN I 21 45.41 3.83 20.00
C GLN I 21 43.91 3.62 19.84
N ARG I 22 43.38 3.80 18.64
CA ARG I 22 41.95 3.68 18.43
C ARG I 22 41.52 2.27 18.04
N GLY I 23 42.43 1.29 18.08
CA GLY I 23 42.03 -0.10 17.90
C GLY I 23 41.71 -0.55 16.49
N LEU I 24 42.41 0.01 15.48
CA LEU I 24 42.13 -0.26 14.08
C LEU I 24 43.14 -1.19 13.43
N VAL I 25 43.98 -1.85 14.22
CA VAL I 25 45.08 -2.62 13.65
C VAL I 25 44.54 -3.85 12.92
N GLY I 26 43.64 -4.57 13.56
CA GLY I 26 43.04 -5.71 12.89
C GLY I 26 42.21 -5.33 11.68
N GLU I 27 41.36 -4.30 11.80
CA GLU I 27 40.50 -3.93 10.68
C GLU I 27 41.33 -3.54 9.48
N ILE I 28 42.49 -2.91 9.73
CA ILE I 28 43.33 -2.49 8.62
C ILE I 28 43.99 -3.70 7.96
N ILE I 29 44.60 -4.57 8.77
CA ILE I 29 45.24 -5.75 8.19
C ILE I 29 44.21 -6.60 7.46
N LYS I 30 43.00 -6.71 8.03
CA LYS I 30 41.97 -7.52 7.37
C LYS I 30 41.71 -7.04 5.95
N ARG I 31 41.66 -5.73 5.74
CA ARG I 31 41.35 -5.20 4.40
C ARG I 31 42.43 -5.58 3.39
N PHE I 32 43.68 -5.64 3.82
CA PHE I 32 44.71 -6.06 2.90
C PHE I 32 44.64 -7.56 2.64
N GLU I 33 44.40 -8.37 3.67
CA GLU I 33 44.30 -9.82 3.47
C GLU I 33 43.14 -10.17 2.56
N GLN I 34 41.96 -9.63 2.84
CA GLN I 34 40.80 -9.99 2.05
C GLN I 34 40.93 -9.49 0.61
N LYS I 35 41.76 -8.47 0.39
CA LYS I 35 41.94 -7.96 -0.97
C LYS I 35 42.81 -8.90 -1.77
N GLY I 36 43.59 -9.75 -1.11
CA GLY I 36 44.45 -10.68 -1.81
C GLY I 36 45.93 -10.38 -1.71
N PHE I 37 46.32 -9.30 -1.03
CA PHE I 37 47.76 -9.05 -0.91
C PHE I 37 48.38 -9.97 0.15
N ARG I 38 49.69 -10.16 0.04
CA ARG I 38 50.40 -11.07 0.92
C ARG I 38 51.24 -10.26 1.88
N LEU I 39 51.12 -10.58 3.17
CA LEU I 39 51.91 -9.94 4.21
C LEU I 39 53.33 -10.53 4.21
N VAL I 40 54.32 -9.64 4.14
CA VAL I 40 55.71 -10.05 4.05
C VAL I 40 56.53 -9.58 5.24
N GLY I 41 56.05 -8.59 5.96
CA GLY I 41 56.73 -8.06 7.12
C GLY I 41 55.73 -7.40 8.04
N LEU I 42 55.94 -7.58 9.34
CA LEU I 42 54.99 -7.09 10.32
C LEU I 42 55.74 -6.91 11.64
N LYS I 43 55.81 -5.68 12.13
CA LYS I 43 56.44 -5.42 13.42
C LYS I 43 55.74 -4.29 14.15
N PHE I 44 55.87 -4.34 15.47
CA PHE I 44 55.35 -3.36 16.41
C PHE I 44 56.55 -2.71 17.08
N LEU I 45 56.61 -1.38 17.08
CA LEU I 45 57.77 -0.69 17.62
C LEU I 45 57.45 0.77 17.84
N GLN I 46 58.26 1.40 18.66
CA GLN I 46 58.29 2.85 18.74
C GLN I 46 59.44 3.32 17.86
N ALA I 47 59.10 3.98 16.76
CA ALA I 47 60.11 4.45 15.83
C ALA I 47 60.93 5.58 16.43
N SER I 48 62.25 5.42 16.39
CA SER I 48 63.14 6.49 16.82
C SER I 48 62.93 7.71 15.94
N GLU I 49 63.36 8.86 16.46
CA GLU I 49 63.23 10.08 15.65
C GLU I 49 64.19 10.07 14.48
N ASP I 50 65.39 9.50 14.65
CA ASP I 50 66.28 9.36 13.51
C ASP I 50 65.61 8.61 12.38
N LEU I 51 64.94 7.49 12.68
CA LEU I 51 64.22 6.75 11.64
C LEU I 51 63.09 7.60 11.05
N LEU I 52 62.36 8.32 11.90
CA LEU I 52 61.24 9.11 11.39
C LEU I 52 61.73 10.22 10.47
N LYS I 53 62.80 10.91 10.88
CA LYS I 53 63.32 12.03 10.09
C LYS I 53 63.78 11.58 8.72
N GLU I 54 64.43 10.41 8.66
CA GLU I 54 64.82 9.86 7.37
C GLU I 54 63.61 9.43 6.55
N HIS I 55 62.65 8.75 7.18
CA HIS I 55 61.41 8.36 6.48
C HIS I 55 60.75 9.55 5.80
N TYR I 56 60.66 10.68 6.50
CA TYR I 56 59.95 11.88 6.04
C TYR I 56 60.92 12.95 5.59
N THR I 57 62.10 12.55 5.14
CA THR I 57 63.14 13.51 4.79
C THR I 57 62.67 14.53 3.76
N ASP I 58 61.84 14.12 2.79
CA ASP I 58 61.38 15.06 1.77
C ASP I 58 60.56 16.20 2.36
N LEU I 59 60.08 16.07 3.60
CA LEU I 59 59.21 17.04 4.25
C LEU I 59 59.94 17.93 5.24
N LYS I 60 61.28 17.87 5.26
CA LYS I 60 62.05 18.44 6.35
C LYS I 60 61.87 19.95 6.44
N ASP I 61 61.59 20.60 5.32
CA ASP I 61 61.41 22.04 5.25
C ASP I 61 59.95 22.45 5.37
N ARG I 62 59.03 21.49 5.64
CA ARG I 62 57.64 21.87 5.82
CA ARG I 62 57.65 21.88 5.82
C ARG I 62 57.42 22.39 7.24
N PRO I 63 56.51 23.35 7.43
CA PRO I 63 56.33 23.90 8.79
C PRO I 63 55.73 22.92 9.79
N PHE I 64 55.10 21.83 9.35
CA PHE I 64 54.57 20.80 10.25
C PHE I 64 55.57 19.69 10.55
N PHE I 65 56.79 19.76 10.03
CA PHE I 65 57.70 18.61 10.08
C PHE I 65 58.01 18.19 11.51
N THR I 66 58.45 19.15 12.33
CA THR I 66 58.80 18.84 13.71
C THR I 66 57.65 18.16 14.44
N GLY I 67 56.43 18.67 14.26
CA GLY I 67 55.29 18.07 14.93
C GLY I 67 54.84 16.76 14.32
N LEU I 68 55.10 16.56 13.03
CA LEU I 68 54.84 15.25 12.43
C LEU I 68 55.74 14.20 13.05
N VAL I 69 57.05 14.44 13.01
CA VAL I 69 58.00 13.52 13.65
C VAL I 69 57.67 13.35 15.13
N LYS I 70 57.38 14.46 15.84
CA LYS I 70 57.10 14.37 17.27
C LYS I 70 55.92 13.47 17.52
N TYR I 71 54.87 13.65 16.72
CA TYR I 71 53.67 12.84 16.88
C TYR I 71 53.94 11.39 16.52
N MET I 72 54.65 11.17 15.41
CA MET I 72 54.95 9.80 14.98
C MET I 72 55.83 9.06 15.96
N HIS I 73 56.51 9.79 16.85
CA HIS I 73 57.32 9.23 17.93
C HIS I 73 56.53 9.00 19.21
N SER I 74 55.31 9.55 19.30
CA SER I 74 54.62 9.64 20.59
C SER I 74 54.05 8.31 21.06
N GLY I 75 53.86 7.37 20.15
CA GLY I 75 53.37 6.07 20.53
C GLY I 75 53.89 5.06 19.52
N PRO I 76 53.63 3.79 19.77
CA PRO I 76 54.10 2.76 18.85
C PRO I 76 53.23 2.68 17.61
N VAL I 77 53.88 2.23 16.54
CA VAL I 77 53.25 2.04 15.23
C VAL I 77 53.37 0.56 14.87
N VAL I 78 52.51 0.15 13.94
CA VAL I 78 52.61 -1.17 13.32
C VAL I 78 53.17 -0.99 11.92
N ALA I 79 54.42 -1.42 11.71
CA ALA I 79 55.07 -1.31 10.39
C ALA I 79 54.84 -2.60 9.61
N MET I 80 54.62 -2.47 8.29
CA MET I 80 54.20 -3.60 7.47
C MET I 80 54.79 -3.54 6.06
N VAL I 81 55.03 -4.71 5.48
CA VAL I 81 55.31 -4.85 4.06
C VAL I 81 54.29 -5.78 3.45
N TRP I 82 53.68 -5.34 2.34
CA TRP I 82 52.70 -6.13 1.61
C TRP I 82 53.17 -6.31 0.17
N GLU I 83 52.76 -7.42 -0.43
CA GLU I 83 53.26 -7.81 -1.74
C GLU I 83 52.11 -8.16 -2.67
N GLY I 84 52.25 -7.73 -3.92
CA GLY I 84 51.29 -8.04 -4.95
C GLY I 84 51.41 -7.11 -6.12
N LEU I 85 50.72 -7.50 -7.20
CA LEU I 85 50.63 -6.68 -8.40
C LEU I 85 50.17 -5.26 -8.07
N ASN I 86 51.01 -4.28 -8.39
CA ASN I 86 50.65 -2.87 -8.27
C ASN I 86 50.25 -2.51 -6.84
N VAL I 87 50.85 -3.20 -5.86
CA VAL I 87 50.39 -3.04 -4.50
C VAL I 87 50.70 -1.64 -3.97
N VAL I 88 51.72 -0.96 -4.51
CA VAL I 88 52.03 0.41 -4.10
C VAL I 88 50.86 1.33 -4.41
N LYS I 89 50.43 1.32 -5.68
CA LYS I 89 49.36 2.19 -6.15
C LYS I 89 48.00 1.76 -5.61
N THR I 90 47.76 0.45 -5.56
CA THR I 90 46.47 -0.04 -5.09
C THR I 90 46.34 0.15 -3.59
N GLY I 91 47.46 0.02 -2.87
CA GLY I 91 47.43 0.30 -1.44
C GLY I 91 47.02 1.73 -1.17
N ARG I 92 47.60 2.66 -1.93
CA ARG I 92 47.25 4.06 -1.77
C ARG I 92 45.75 4.28 -1.99
N VAL I 93 45.19 3.68 -3.07
CA VAL I 93 43.76 3.77 -3.32
C VAL I 93 42.98 3.28 -2.10
N MET I 94 43.33 2.08 -1.61
CA MET I 94 42.61 1.49 -0.48
C MET I 94 42.69 2.37 0.76
N LEU I 95 43.86 2.99 0.99
CA LEU I 95 44.04 3.89 2.10
C LEU I 95 43.14 5.12 1.99
N GLY I 96 42.91 5.59 0.77
CA GLY I 96 42.23 6.84 0.55
C GLY I 96 43.21 8.00 0.49
N GLU I 97 42.66 9.16 0.16
CA GLU I 97 43.46 10.37 0.04
C GLU I 97 44.22 10.63 1.33
N THR I 98 45.48 11.07 1.18
CA THR I 98 46.30 11.43 2.33
C THR I 98 45.57 12.38 3.27
N ASN I 99 44.98 13.44 2.73
CA ASN I 99 44.13 14.33 3.51
C ASN I 99 42.80 13.63 3.73
N PRO I 100 42.47 13.27 4.98
CA PRO I 100 41.23 12.51 5.20
C PRO I 100 39.98 13.22 4.72
N ALA I 101 39.98 14.56 4.69
CA ALA I 101 38.78 15.29 4.24
C ALA I 101 38.32 14.84 2.85
N ASP I 102 39.26 14.50 1.98
CA ASP I 102 38.99 14.04 0.63
C ASP I 102 38.92 12.53 0.52
N SER I 103 39.12 11.81 1.63
CA SER I 103 39.06 10.37 1.60
C SER I 103 37.62 9.92 1.42
N LYS I 104 37.39 8.95 0.49
CA LYS I 104 36.04 8.52 0.17
C LYS I 104 35.60 7.42 1.15
N PRO I 105 34.32 7.37 1.48
CA PRO I 105 33.80 6.22 2.22
C PRO I 105 34.15 4.91 1.52
N GLY I 106 34.46 3.91 2.32
CA GLY I 106 34.95 2.65 1.81
C GLY I 106 36.45 2.51 1.85
N THR I 107 37.19 3.62 1.91
CA THR I 107 38.63 3.53 2.16
C THR I 107 38.93 3.58 3.65
N ILE I 108 40.17 3.26 4.00
CA ILE I 108 40.55 3.26 5.41
C ILE I 108 40.43 4.64 6.02
N ARG I 109 41.03 5.66 5.39
CA ARG I 109 40.92 7.00 5.94
C ARG I 109 39.49 7.53 5.85
N GLY I 110 38.79 7.23 4.75
CA GLY I 110 37.41 7.68 4.60
C GLY I 110 36.45 7.06 5.59
N ASP I 111 36.76 5.84 6.03
CA ASP I 111 35.94 5.18 7.03
C ASP I 111 36.30 5.54 8.47
N PHE I 112 37.59 5.83 8.76
CA PHE I 112 38.04 5.77 10.15
C PHE I 112 38.63 7.02 10.76
N CYS I 113 38.84 8.08 10.00
CA CYS I 113 39.45 9.27 10.61
C CYS I 113 39.00 10.51 9.85
N ILE I 114 39.52 11.65 10.30
CA ILE I 114 38.90 12.95 10.09
C ILE I 114 39.90 14.03 9.66
N GLN I 115 41.07 14.10 10.33
CA GLN I 115 41.95 15.28 10.25
C GLN I 115 43.40 14.92 9.89
N VAL I 116 44.06 15.83 9.16
CA VAL I 116 45.32 15.53 8.45
C VAL I 116 46.43 15.10 9.42
N GLY I 117 46.53 15.73 10.58
CA GLY I 117 47.58 15.31 11.52
C GLY I 117 47.31 14.00 12.22
N ARG I 118 46.12 13.41 11.98
CA ARG I 118 45.67 12.18 12.60
C ARG I 118 45.02 11.33 11.52
N ASN I 119 45.82 10.86 10.55
CA ASN I 119 45.28 10.14 9.40
C ASN I 119 45.63 8.65 9.44
N ILE I 120 45.86 8.13 10.65
CA ILE I 120 45.93 6.72 11.08
C ILE I 120 46.87 5.80 10.31
N ILE I 121 47.34 6.21 9.13
CA ILE I 121 48.07 5.26 8.30
C ILE I 121 48.91 6.01 7.28
N HIS I 122 49.97 5.36 6.81
CA HIS I 122 50.79 5.84 5.72
C HIS I 122 51.06 4.68 4.76
N GLY I 123 51.07 4.97 3.47
CA GLY I 123 51.53 4.03 2.48
C GLY I 123 52.48 4.72 1.53
N SER I 124 53.45 3.95 1.03
CA SER I 124 54.42 4.51 0.09
C SER I 124 53.70 5.06 -1.14
N ASP I 125 54.26 6.14 -1.71
CA ASP I 125 53.63 6.80 -2.84
C ASP I 125 54.13 6.32 -4.19
N SER I 126 55.22 5.56 -4.23
CA SER I 126 55.81 5.07 -5.47
C SER I 126 56.61 3.80 -5.14
N VAL I 127 57.02 3.09 -6.18
CA VAL I 127 57.87 1.91 -5.95
C VAL I 127 59.20 2.35 -5.37
N LYS I 128 59.75 3.46 -5.87
CA LYS I 128 61.02 3.95 -5.37
C LYS I 128 60.94 4.25 -3.88
N SER I 129 59.92 5.01 -3.47
CA SER I 129 59.75 5.29 -2.04
C SER I 129 59.58 4.00 -1.26
N ALA I 130 58.90 3.02 -1.86
CA ALA I 130 58.57 1.79 -1.14
C ALA I 130 59.83 0.98 -0.86
N GLU I 131 60.68 0.82 -1.87
CA GLU I 131 61.95 0.11 -1.65
C GLU I 131 62.81 0.84 -0.62
N LYS I 132 62.83 2.18 -0.65
CA LYS I 132 63.57 2.94 0.36
C LYS I 132 63.00 2.73 1.75
N GLU I 133 61.66 2.82 1.88
CA GLU I 133 61.03 2.72 3.18
C GLU I 133 61.14 1.30 3.75
N ILE I 134 60.91 0.29 2.91
CA ILE I 134 61.12 -1.09 3.34
C ILE I 134 62.53 -1.27 3.90
N SER I 135 63.54 -0.89 3.13
CA SER I 135 64.91 -1.05 3.59
C SER I 135 65.17 -0.27 4.86
N LEU I 136 64.50 0.88 5.00
CA LEU I 136 64.63 1.71 6.19
C LEU I 136 64.10 1.01 7.43
N TRP I 137 62.86 0.51 7.37
CA TRP I 137 62.17 -0.03 8.53
C TRP I 137 62.46 -1.50 8.81
N PHE I 138 62.77 -2.29 7.78
CA PHE I 138 62.96 -3.72 7.91
C PHE I 138 64.37 -4.09 7.50
N GLN I 139 65.03 -4.90 8.33
CA GLN I 139 66.28 -5.53 7.92
C GLN I 139 65.95 -6.78 7.11
N PRO I 140 66.94 -7.35 6.41
CA PRO I 140 66.63 -8.56 5.61
C PRO I 140 66.12 -9.72 6.47
N GLU I 141 66.53 -9.79 7.74
CA GLU I 141 66.08 -10.86 8.60
C GLU I 141 64.61 -10.75 8.98
N GLU I 142 63.96 -9.63 8.70
CA GLU I 142 62.60 -9.40 9.16
C GLU I 142 61.55 -9.56 8.07
N LEU I 143 61.95 -9.92 6.85
CA LEU I 143 61.02 -10.13 5.76
C LEU I 143 60.88 -11.63 5.56
N VAL I 144 59.66 -12.07 5.30
CA VAL I 144 59.33 -13.47 5.15
C VAL I 144 58.83 -13.69 3.74
N GLU I 145 59.20 -14.81 3.16
CA GLU I 145 58.71 -15.15 1.83
C GLU I 145 58.06 -16.51 1.90
N TYR I 146 56.86 -16.59 1.32
CA TYR I 146 56.07 -17.80 1.26
C TYR I 146 55.09 -17.64 0.12
N LYS I 147 54.52 -18.75 -0.32
CA LYS I 147 53.53 -18.75 -1.38
C LYS I 147 52.15 -18.77 -0.76
N SER I 148 51.28 -17.85 -1.17
CA SER I 148 49.90 -17.91 -0.71
C SER I 148 49.20 -19.09 -1.36
N CYS I 149 48.43 -19.84 -0.57
CA CYS I 149 47.74 -21.00 -1.11
C CYS I 149 46.68 -20.62 -2.14
N ALA I 150 46.27 -19.34 -2.16
CA ALA I 150 45.29 -18.85 -3.12
C ALA I 150 45.92 -18.17 -4.34
N GLN I 151 47.26 -18.22 -4.46
CA GLN I 151 47.95 -17.50 -5.52
C GLN I 151 47.30 -17.72 -6.89
N ASN I 152 47.08 -18.98 -7.24
CA ASN I 152 46.58 -19.29 -8.57
C ASN I 152 45.15 -18.82 -8.79
N TRP I 153 44.41 -18.47 -7.73
CA TRP I 153 43.09 -17.87 -7.84
C TRP I 153 43.12 -16.36 -7.70
N ILE I 154 44.22 -15.78 -7.20
CA ILE I 154 44.43 -14.34 -7.20
C ILE I 154 44.98 -13.87 -8.55
N TYR I 155 45.86 -14.66 -9.14
CA TYR I 155 46.60 -14.25 -10.33
C TYR I 155 46.46 -15.30 -11.42
N GLU I 156 46.21 -14.85 -12.64
CA GLU I 156 46.18 -15.76 -13.78
C GLU I 156 47.61 -16.17 -14.11
N MET J 5 0.79 -10.77 24.12
CA MET J 5 1.40 -10.03 25.25
C MET J 5 2.74 -10.64 25.57
N ALA J 6 2.84 -11.96 25.39
CA ALA J 6 4.11 -12.62 25.56
C ALA J 6 5.17 -11.99 24.67
N ASN J 7 4.78 -11.68 23.44
CA ASN J 7 5.66 -11.04 22.47
C ASN J 7 5.86 -9.56 22.73
N SER J 8 5.14 -8.98 23.70
CA SER J 8 5.20 -7.56 23.98
C SER J 8 6.00 -7.24 25.23
N GLU J 9 6.54 -8.26 25.91
CA GLU J 9 7.44 -8.06 27.04
C GLU J 9 8.49 -7.01 26.70
N ARG J 10 8.93 -6.27 27.70
CA ARG J 10 9.93 -5.23 27.52
CA ARG J 10 9.93 -5.23 27.51
C ARG J 10 11.02 -5.37 28.56
N THR J 11 12.20 -4.85 28.21
CA THR J 11 13.34 -4.80 29.11
C THR J 11 14.07 -3.47 28.91
N PHE J 12 14.78 -3.06 29.96
CA PHE J 12 15.58 -1.85 29.93
C PHE J 12 17.03 -2.25 29.74
N ILE J 13 17.70 -1.64 28.76
CA ILE J 13 19.13 -1.81 28.51
C ILE J 13 19.78 -0.44 28.53
N ALA J 14 20.82 -0.27 29.35
CA ALA J 14 21.55 0.98 29.42
C ALA J 14 22.99 0.74 28.97
N ILE J 15 23.42 1.44 27.92
CA ILE J 15 24.82 1.42 27.54
C ILE J 15 25.55 2.39 28.46
N LYS J 16 26.47 1.87 29.26
CA LYS J 16 27.11 2.64 30.31
C LYS J 16 28.13 3.62 29.70
N PRO J 17 28.66 4.56 30.49
CA PRO J 17 29.58 5.54 29.90
C PRO J 17 30.77 4.94 29.16
N ASP J 18 31.32 3.81 29.64
CA ASP J 18 32.45 3.21 28.94
C ASP J 18 32.03 2.63 27.59
N GLY J 19 30.84 2.04 27.50
CA GLY J 19 30.34 1.60 26.20
C GLY J 19 30.26 2.73 25.19
N VAL J 20 29.82 3.91 25.64
CA VAL J 20 29.76 5.09 24.78
C VAL J 20 31.16 5.57 24.42
N GLN J 21 32.03 5.67 25.43
CA GLN J 21 33.39 6.14 25.20
C GLN J 21 34.16 5.25 24.23
N ARG J 22 33.94 3.94 24.29
CA ARG J 22 34.69 3.04 23.42
C ARG J 22 33.98 2.80 22.09
N GLY J 23 32.97 3.60 21.77
CA GLY J 23 32.28 3.50 20.50
C GLY J 23 31.54 2.20 20.25
N LEU J 24 30.90 1.65 21.28
CA LEU J 24 30.19 0.37 21.17
C LEU J 24 28.69 0.55 20.98
N VAL J 25 28.23 1.78 20.78
CA VAL J 25 26.79 2.01 20.76
C VAL J 25 26.16 1.26 19.60
N GLY J 26 26.64 1.49 18.38
CA GLY J 26 26.04 0.88 17.22
C GLY J 26 26.19 -0.64 17.21
N GLU J 27 27.33 -1.13 17.69
N GLU J 27 27.33 -1.14 17.70
CA GLU J 27 27.53 -2.57 17.71
CA GLU J 27 27.54 -2.58 17.69
C GLU J 27 26.49 -3.24 18.61
C GLU J 27 26.58 -3.28 18.65
N ILE J 28 26.25 -2.65 19.78
CA ILE J 28 25.33 -3.24 20.74
C ILE J 28 23.91 -3.20 20.20
N ILE J 29 23.50 -2.05 19.67
CA ILE J 29 22.16 -1.90 19.10
C ILE J 29 21.96 -2.89 17.96
N LYS J 30 22.99 -3.04 17.11
CA LYS J 30 22.93 -3.98 15.99
C LYS J 30 22.60 -5.41 16.46
N ARG J 31 23.20 -5.84 17.57
CA ARG J 31 22.93 -7.20 18.03
C ARG J 31 21.47 -7.38 18.40
N PHE J 32 20.85 -6.36 18.97
CA PHE J 32 19.44 -6.52 19.31
C PHE J 32 18.58 -6.49 18.06
N GLU J 33 18.94 -5.66 17.09
CA GLU J 33 18.18 -5.64 15.85
C GLU J 33 18.27 -6.98 15.13
N GLN J 34 19.48 -7.51 14.98
CA GLN J 34 19.65 -8.74 14.21
C GLN J 34 19.07 -9.95 14.92
N LYS J 35 19.01 -9.95 16.25
CA LYS J 35 18.30 -10.99 16.98
C LYS J 35 16.80 -10.97 16.70
N GLY J 36 16.26 -9.84 16.25
CA GLY J 36 14.85 -9.70 15.94
C GLY J 36 14.02 -8.97 16.98
N PHE J 37 14.63 -8.30 17.96
CA PHE J 37 13.86 -7.52 18.90
C PHE J 37 13.52 -6.17 18.30
N ARG J 38 12.55 -5.49 18.90
CA ARG J 38 12.07 -4.21 18.39
C ARG J 38 12.44 -3.09 19.35
N LEU J 39 13.01 -2.02 18.80
CA LEU J 39 13.36 -0.83 19.56
C LEU J 39 12.10 -0.04 19.90
N VAL J 40 11.90 0.23 21.19
CA VAL J 40 10.72 0.92 21.68
C VAL J 40 11.06 2.28 22.26
N GLY J 41 12.21 2.40 22.87
CA GLY J 41 12.66 3.66 23.42
C GLY J 41 14.16 3.78 23.28
N LEU J 42 14.61 5.02 23.14
CA LEU J 42 16.04 5.27 22.92
C LEU J 42 16.32 6.71 23.28
N LYS J 43 17.20 6.92 24.26
CA LYS J 43 17.54 8.29 24.61
C LYS J 43 18.99 8.35 25.08
N PHE J 44 19.53 9.56 25.06
CA PHE J 44 20.91 9.86 25.38
C PHE J 44 20.91 10.96 26.42
N LEU J 45 21.51 10.68 27.58
CA LEU J 45 21.53 11.63 28.68
C LEU J 45 22.69 11.31 29.61
N GLN J 46 22.95 12.23 30.53
CA GLN J 46 23.83 12.01 31.67
C GLN J 46 22.95 11.87 32.91
N ALA J 47 22.77 10.64 33.37
CA ALA J 47 21.86 10.36 34.47
C ALA J 47 22.26 11.11 35.74
N SER J 48 21.29 11.75 36.38
CA SER J 48 21.48 12.37 37.68
C SER J 48 21.74 11.30 38.75
N GLU J 49 22.34 11.73 39.85
CA GLU J 49 22.67 10.79 40.92
C GLU J 49 21.42 10.30 41.64
N ASP J 50 20.39 11.13 41.74
CA ASP J 50 19.12 10.67 42.29
C ASP J 50 18.54 9.53 41.46
N LEU J 51 18.57 9.67 40.13
CA LEU J 51 18.03 8.59 39.28
C LEU J 51 18.80 7.29 39.48
N LEU J 52 20.14 7.37 39.53
CA LEU J 52 20.98 6.19 39.64
C LEU J 52 20.91 5.54 41.01
N LYS J 53 20.73 6.32 42.09
CA LYS J 53 20.45 5.73 43.39
C LYS J 53 19.17 4.90 43.34
N GLU J 54 18.13 5.45 42.72
CA GLU J 54 16.86 4.73 42.59
C GLU J 54 17.01 3.51 41.68
N HIS J 55 17.81 3.62 40.62
CA HIS J 55 18.03 2.49 39.73
C HIS J 55 18.66 1.32 40.48
N TYR J 56 19.70 1.59 41.27
CA TYR J 56 20.42 0.54 41.99
C TYR J 56 19.95 0.41 43.44
N THR J 57 18.64 0.47 43.68
CA THR J 57 18.14 0.45 45.05
C THR J 57 18.43 -0.88 45.74
N ASP J 58 18.50 -1.99 45.01
CA ASP J 58 18.82 -3.25 45.67
C ASP J 58 20.26 -3.30 46.16
N LEU J 59 21.05 -2.26 45.92
CA LEU J 59 22.48 -2.28 46.22
C LEU J 59 22.90 -1.18 47.19
N LYS J 60 21.95 -0.63 47.97
CA LYS J 60 22.27 0.49 48.86
C LYS J 60 23.41 0.15 49.82
N ASP J 61 23.44 -1.08 50.34
CA ASP J 61 24.35 -1.45 51.41
C ASP J 61 25.59 -2.20 50.92
N ARG J 62 25.90 -2.11 49.62
CA ARG J 62 27.08 -2.81 49.15
C ARG J 62 28.23 -1.83 48.98
N PRO J 63 29.47 -2.28 49.20
CA PRO J 63 30.61 -1.34 49.26
C PRO J 63 30.85 -0.56 47.97
N PHE J 64 30.48 -1.10 46.81
CA PHE J 64 30.73 -0.40 45.55
C PHE J 64 29.66 0.60 45.18
N PHE J 65 28.60 0.73 45.98
CA PHE J 65 27.39 1.45 45.56
C PHE J 65 27.68 2.93 45.28
N THR J 66 28.40 3.61 46.17
CA THR J 66 28.65 5.02 45.94
C THR J 66 29.53 5.23 44.73
N GLY J 67 30.62 4.46 44.62
CA GLY J 67 31.43 4.51 43.41
C GLY J 67 30.65 4.20 42.16
N LEU J 68 29.76 3.21 42.22
CA LEU J 68 28.93 2.85 41.07
C LEU J 68 28.06 4.03 40.64
N VAL J 69 27.51 4.77 41.61
CA VAL J 69 26.64 5.89 41.28
C VAL J 69 27.45 7.06 40.72
N LYS J 70 28.57 7.40 41.35
CA LYS J 70 29.43 8.45 40.81
C LYS J 70 29.83 8.09 39.37
N TYR J 71 30.36 6.89 39.16
CA TYR J 71 30.87 6.52 37.85
C TYR J 71 29.77 6.54 36.80
N MET J 72 28.62 5.93 37.10
CA MET J 72 27.50 5.98 36.15
C MET J 72 27.04 7.40 35.89
N HIS J 73 27.31 8.34 36.79
CA HIS J 73 26.96 9.75 36.60
C HIS J 73 28.03 10.54 35.87
N SER J 74 29.26 10.01 35.79
CA SER J 74 30.39 10.79 35.29
C SER J 74 30.32 11.03 33.79
N GLY J 75 29.49 10.29 33.07
CA GLY J 75 29.38 10.45 31.64
C GLY J 75 28.01 10.08 31.11
N PRO J 76 27.81 10.31 29.82
CA PRO J 76 26.50 10.01 29.24
C PRO J 76 26.29 8.52 29.03
N VAL J 77 25.03 8.12 29.11
CA VAL J 77 24.59 6.76 28.85
C VAL J 77 23.63 6.77 27.66
N VAL J 78 23.41 5.60 27.10
CA VAL J 78 22.36 5.38 26.12
C VAL J 78 21.32 4.51 26.81
N ALA J 79 20.12 5.06 27.02
CA ALA J 79 19.02 4.33 27.63
C ALA J 79 18.11 3.77 26.53
N MET J 80 17.74 2.50 26.67
CA MET J 80 16.98 1.81 25.64
C MET J 80 15.87 0.95 26.26
N VAL J 81 14.81 0.78 25.48
CA VAL J 81 13.75 -0.18 25.75
C VAL J 81 13.60 -1.08 24.52
N TRP J 82 13.74 -2.39 24.73
CA TRP J 82 13.57 -3.36 23.65
C TRP J 82 12.39 -4.27 23.95
N GLU J 83 11.74 -4.78 22.90
CA GLU J 83 10.47 -5.47 23.06
C GLU J 83 10.45 -6.77 22.26
N GLY J 84 9.99 -7.83 22.90
CA GLY J 84 9.84 -9.11 22.23
C GLY J 84 9.64 -10.21 23.23
N LEU J 85 9.46 -11.42 22.69
CA LEU J 85 9.26 -12.61 23.50
C LEU J 85 10.47 -12.84 24.38
N ASN J 86 10.25 -12.89 25.69
CA ASN J 86 11.28 -13.21 26.68
C ASN J 86 12.48 -12.29 26.55
N VAL J 87 12.20 -11.03 26.22
CA VAL J 87 13.30 -10.11 25.93
C VAL J 87 14.13 -9.85 27.18
N VAL J 88 13.54 -9.94 28.38
CA VAL J 88 14.31 -9.74 29.60
C VAL J 88 15.35 -10.85 29.77
N LYS J 89 14.91 -12.11 29.76
CA LYS J 89 15.83 -13.20 29.98
C LYS J 89 16.84 -13.29 28.84
N THR J 90 16.34 -13.30 27.59
CA THR J 90 17.24 -13.43 26.45
C THR J 90 18.16 -12.22 26.34
N GLY J 91 17.67 -11.02 26.71
CA GLY J 91 18.55 -9.88 26.83
C GLY J 91 19.76 -10.16 27.70
N ARG J 92 19.50 -10.63 28.92
CA ARG J 92 20.60 -10.93 29.82
C ARG J 92 21.55 -11.96 29.23
N VAL J 93 21.03 -12.95 28.50
CA VAL J 93 21.88 -13.94 27.85
C VAL J 93 22.79 -13.27 26.83
N MET J 94 22.22 -12.40 25.98
CA MET J 94 23.01 -11.70 24.97
C MET J 94 24.05 -10.81 25.61
N LEU J 95 23.73 -10.21 26.76
CA LEU J 95 24.70 -9.35 27.43
C LEU J 95 25.86 -10.15 27.98
N GLY J 96 25.60 -11.39 28.43
CA GLY J 96 26.61 -12.16 29.11
C GLY J 96 26.55 -11.95 30.61
N GLU J 97 27.36 -12.74 31.30
CA GLU J 97 27.40 -12.68 32.75
C GLU J 97 27.74 -11.26 33.22
N THR J 98 27.15 -10.86 34.34
CA THR J 98 27.33 -9.49 34.82
C THR J 98 28.80 -9.20 35.11
N ASN J 99 29.53 -10.19 35.59
CA ASN J 99 30.97 -10.05 35.77
C ASN J 99 31.64 -10.45 34.46
N PRO J 100 32.34 -9.55 33.78
CA PRO J 100 32.91 -9.87 32.47
C PRO J 100 33.88 -11.03 32.49
N ALA J 101 34.53 -11.31 33.63
CA ALA J 101 35.43 -12.46 33.72
C ALA J 101 34.76 -13.74 33.24
N ASP J 102 33.49 -13.93 33.59
CA ASP J 102 32.74 -15.13 33.24
C ASP J 102 31.90 -14.99 31.99
N SER J 103 31.95 -13.84 31.31
CA SER J 103 31.17 -13.68 30.10
C SER J 103 31.79 -14.49 28.97
N LYS J 104 30.97 -15.30 28.29
CA LYS J 104 31.43 -16.15 27.20
C LYS J 104 31.62 -15.34 25.92
N PRO J 105 32.56 -15.75 25.07
CA PRO J 105 32.71 -15.10 23.76
C PRO J 105 31.44 -15.23 22.92
N GLY J 106 31.15 -14.18 22.16
CA GLY J 106 29.90 -14.06 21.45
C GLY J 106 28.86 -13.24 22.21
N THR J 107 28.98 -13.16 23.54
CA THR J 107 28.12 -12.21 24.23
C THR J 107 28.71 -10.80 24.11
N ILE J 108 27.91 -9.78 24.45
CA ILE J 108 28.40 -8.40 24.34
C ILE J 108 29.59 -8.18 25.26
N ARG J 109 29.44 -8.52 26.55
CA ARG J 109 30.54 -8.33 27.48
C ARG J 109 31.66 -9.31 27.22
N GLY J 110 31.34 -10.53 26.81
CA GLY J 110 32.35 -11.49 26.40
C GLY J 110 33.26 -10.97 25.29
N ASP J 111 32.72 -10.16 24.38
CA ASP J 111 33.52 -9.66 23.27
C ASP J 111 34.17 -8.31 23.52
N PHE J 112 33.69 -7.50 24.49
CA PHE J 112 34.02 -6.08 24.49
C PHE J 112 34.54 -5.47 25.80
N CYS J 113 34.64 -6.23 26.88
CA CYS J 113 35.12 -5.62 28.10
C CYS J 113 35.67 -6.69 29.04
N ILE J 114 36.32 -6.23 30.09
CA ILE J 114 37.25 -7.03 30.88
C ILE J 114 36.90 -7.04 32.36
N GLN J 115 36.56 -5.87 32.93
CA GLN J 115 36.59 -5.70 34.38
C GLN J 115 35.22 -5.35 34.95
N VAL J 116 35.03 -5.65 36.24
CA VAL J 116 33.70 -5.58 36.83
C VAL J 116 33.19 -4.15 36.90
N GLY J 117 34.07 -3.19 37.18
CA GLY J 117 33.62 -1.80 37.25
C GLY J 117 33.41 -1.14 35.90
N ARG J 118 33.70 -1.84 34.80
CA ARG J 118 33.68 -1.26 33.46
C ARG J 118 33.05 -2.28 32.51
N ASN J 119 31.80 -2.66 32.76
CA ASN J 119 31.15 -3.72 32.00
C ASN J 119 30.16 -3.19 30.97
N ILE J 120 30.42 -1.99 30.45
CA ILE J 120 29.84 -1.34 29.28
C ILE J 120 28.32 -1.34 29.15
N ILE J 121 27.58 -2.13 29.94
CA ILE J 121 26.15 -2.27 29.69
C ILE J 121 25.42 -2.76 30.94
N HIS J 122 24.10 -2.49 30.98
CA HIS J 122 23.20 -3.02 31.99
C HIS J 122 21.92 -3.52 31.32
N GLY J 123 21.38 -4.62 31.83
CA GLY J 123 20.07 -5.08 31.43
C GLY J 123 19.26 -5.51 32.62
N SER J 124 17.93 -5.35 32.50
CA SER J 124 17.04 -5.75 33.58
C SER J 124 17.12 -7.25 33.85
N ASP J 125 17.12 -7.62 35.14
CA ASP J 125 17.23 -9.02 35.53
C ASP J 125 15.88 -9.70 35.74
N SER J 126 14.77 -8.98 35.58
CA SER J 126 13.44 -9.55 35.75
C SER J 126 12.41 -8.63 35.14
N VAL J 127 11.23 -9.19 34.84
CA VAL J 127 10.13 -8.39 34.32
C VAL J 127 9.74 -7.29 35.32
N LYS J 128 9.82 -7.59 36.62
CA LYS J 128 9.53 -6.58 37.63
C LYS J 128 10.56 -5.46 37.57
N SER J 129 11.84 -5.82 37.52
CA SER J 129 12.89 -4.81 37.40
C SER J 129 12.71 -3.99 36.13
N ALA J 130 12.32 -4.64 35.02
CA ALA J 130 12.26 -3.94 33.74
C ALA J 130 11.19 -2.86 33.75
N GLU J 131 9.99 -3.19 34.25
CA GLU J 131 8.94 -2.18 34.32
C GLU J 131 9.33 -1.06 35.29
N LYS J 132 10.03 -1.37 36.38
CA LYS J 132 10.51 -0.34 37.28
C LYS J 132 11.56 0.55 36.60
N GLU J 133 12.48 -0.07 35.85
CA GLU J 133 13.54 0.71 35.23
C GLU J 133 13.02 1.48 34.03
N ILE J 134 12.12 0.87 33.25
CA ILE J 134 11.55 1.58 32.10
C ILE J 134 10.80 2.83 32.56
N SER J 135 9.89 2.68 33.53
CA SER J 135 9.20 3.85 34.08
C SER J 135 10.16 4.84 34.73
N LEU J 136 11.30 4.36 35.21
CA LEU J 136 12.19 5.26 35.94
C LEU J 136 13.01 6.13 35.00
N TRP J 137 13.33 5.62 33.80
CA TRP J 137 14.14 6.34 32.84
C TRP J 137 13.34 6.94 31.69
N PHE J 138 12.14 6.43 31.43
CA PHE J 138 11.32 6.86 30.30
C PHE J 138 9.94 7.27 30.78
N GLN J 139 9.43 8.28 30.16
CA GLN J 139 8.04 8.70 30.34
CA GLN J 139 8.04 8.66 30.36
C GLN J 139 7.17 8.02 29.28
N PRO J 140 5.93 7.67 29.65
CA PRO J 140 5.05 6.95 28.71
C PRO J 140 5.15 7.43 27.27
N GLU J 141 5.07 8.75 27.06
CA GLU J 141 5.04 9.32 25.72
C GLU J 141 6.35 9.21 24.97
N GLU J 142 7.42 8.71 25.60
CA GLU J 142 8.71 8.51 24.95
C GLU J 142 8.93 7.08 24.46
N LEU J 143 7.96 6.20 24.64
CA LEU J 143 8.05 4.81 24.20
C LEU J 143 7.13 4.66 23.00
N VAL J 144 7.70 4.30 21.86
CA VAL J 144 6.99 4.28 20.58
C VAL J 144 6.70 2.83 20.21
N GLU J 145 5.45 2.54 19.86
CA GLU J 145 5.07 1.24 19.35
C GLU J 145 4.85 1.32 17.85
N TYR J 146 5.43 0.37 17.13
CA TYR J 146 5.16 0.19 15.72
C TYR J 146 5.24 -1.29 15.42
N LYS J 147 4.71 -1.69 14.27
CA LYS J 147 4.65 -3.09 13.86
C LYS J 147 5.80 -3.37 12.91
N SER J 148 6.69 -4.28 13.30
CA SER J 148 7.83 -4.60 12.44
C SER J 148 7.36 -5.31 11.16
N CYS J 149 7.91 -4.89 10.03
CA CYS J 149 7.57 -5.53 8.77
C CYS J 149 7.92 -7.02 8.77
N ALA J 150 8.82 -7.46 9.67
CA ALA J 150 9.26 -8.85 9.73
C ALA J 150 8.57 -9.63 10.85
N GLN J 151 7.62 -9.01 11.55
CA GLN J 151 6.99 -9.64 12.72
C GLN J 151 6.45 -11.03 12.40
N ASN J 152 5.75 -11.18 11.28
CA ASN J 152 5.25 -12.50 10.91
C ASN J 152 6.36 -13.50 10.61
N TRP J 153 7.60 -13.04 10.44
CA TRP J 153 8.75 -13.94 10.19
C TRP J 153 9.57 -14.17 11.45
N ILE J 154 9.33 -13.41 12.51
CA ILE J 154 9.98 -13.58 13.81
C ILE J 154 9.08 -14.40 14.74
N TYR J 155 7.77 -14.26 14.57
CA TYR J 155 6.81 -14.93 15.45
C TYR J 155 5.76 -15.66 14.62
N GLU J 156 5.36 -16.83 15.08
CA GLU J 156 4.28 -17.56 14.41
C GLU J 156 2.92 -17.15 14.98
N MET K 3 45.41 -36.23 5.15
CA MET K 3 43.97 -36.07 4.85
C MET K 3 43.22 -37.41 4.99
N ALA K 4 41.93 -37.44 4.62
CA ALA K 4 41.13 -38.64 4.87
C ALA K 4 39.70 -38.58 4.35
N MET K 5 39.06 -39.75 4.27
CA MET K 5 37.67 -39.88 3.85
C MET K 5 36.71 -39.24 4.84
N ALA K 6 37.02 -39.32 6.15
CA ALA K 6 36.21 -38.66 7.17
C ALA K 6 36.05 -37.17 6.88
N ASN K 7 37.03 -36.58 6.19
CA ASN K 7 36.94 -35.17 5.80
C ASN K 7 35.96 -34.96 4.66
N SER K 8 35.36 -36.02 4.13
CA SER K 8 34.42 -35.93 3.01
C SER K 8 32.96 -36.02 3.45
N GLU K 9 32.72 -36.14 4.76
CA GLU K 9 31.37 -36.14 5.30
C GLU K 9 30.59 -34.92 4.82
N ARG K 10 29.29 -35.11 4.58
CA ARG K 10 28.42 -34.05 4.10
C ARG K 10 27.25 -33.89 5.06
N THR K 11 26.77 -32.64 5.21
CA THR K 11 25.50 -32.45 5.89
C THR K 11 24.58 -31.61 5.00
N PHE K 12 23.28 -31.70 5.28
CA PHE K 12 22.27 -30.89 4.62
C PHE K 12 21.90 -29.74 5.53
N ILE K 13 22.03 -28.50 5.03
CA ILE K 13 21.57 -27.31 5.73
C ILE K 13 20.56 -26.59 4.87
N ALA K 14 19.43 -26.19 5.48
CA ALA K 14 18.37 -25.47 4.79
C ALA K 14 18.05 -24.17 5.52
N ILE K 15 18.09 -23.05 4.80
CA ILE K 15 17.74 -21.75 5.33
C ILE K 15 16.23 -21.63 5.14
N LYS K 16 15.50 -21.52 6.25
CA LYS K 16 14.04 -21.57 6.25
C LYS K 16 13.45 -20.27 5.71
N PRO K 17 12.14 -20.24 5.38
CA PRO K 17 11.59 -19.03 4.77
C PRO K 17 11.84 -17.77 5.58
N ASP K 18 11.89 -17.85 6.92
CA ASP K 18 12.22 -16.65 7.70
C ASP K 18 13.67 -16.24 7.53
N GLY K 19 14.57 -17.22 7.41
CA GLY K 19 15.94 -16.89 7.06
C GLY K 19 16.07 -16.09 5.79
N VAL K 20 15.40 -16.52 4.71
CA VAL K 20 15.44 -15.78 3.46
C VAL K 20 14.79 -14.42 3.63
N GLN K 21 13.62 -14.38 4.27
CA GLN K 21 12.85 -13.16 4.35
C GLN K 21 13.60 -12.07 5.12
N ARG K 22 14.31 -12.46 6.18
CA ARG K 22 15.01 -11.53 7.06
C ARG K 22 16.45 -11.26 6.63
N GLY K 23 16.86 -11.75 5.46
CA GLY K 23 18.10 -11.29 4.89
C GLY K 23 19.34 -11.92 5.47
N LEU K 24 19.26 -13.19 5.87
CA LEU K 24 20.37 -13.89 6.50
C LEU K 24 21.04 -14.91 5.59
N VAL K 25 20.80 -14.89 4.28
CA VAL K 25 21.35 -15.96 3.46
C VAL K 25 22.86 -15.84 3.42
N GLY K 26 23.36 -14.64 3.14
CA GLY K 26 24.80 -14.47 2.97
C GLY K 26 25.53 -14.62 4.29
N GLU K 27 24.89 -14.17 5.37
CA GLU K 27 25.52 -14.24 6.68
C GLU K 27 25.70 -15.68 7.12
N ILE K 28 24.68 -16.52 6.88
CA ILE K 28 24.77 -17.93 7.26
C ILE K 28 25.84 -18.63 6.43
N ILE K 29 25.83 -18.39 5.12
CA ILE K 29 26.80 -19.04 4.25
C ILE K 29 28.22 -18.63 4.64
N LYS K 30 28.38 -17.35 5.02
CA LYS K 30 29.70 -16.85 5.39
C LYS K 30 30.24 -17.58 6.61
N ARG K 31 29.37 -17.91 7.57
CA ARG K 31 29.83 -18.61 8.77
C ARG K 31 30.34 -20.01 8.46
N PHE K 32 29.74 -20.70 7.48
CA PHE K 32 30.25 -22.01 7.10
C PHE K 32 31.52 -21.91 6.28
N GLU K 33 31.63 -20.89 5.42
CA GLU K 33 32.86 -20.70 4.68
C GLU K 33 34.02 -20.42 5.61
N GLN K 34 33.85 -19.47 6.54
CA GLN K 34 34.96 -19.03 7.37
C GLN K 34 35.38 -20.12 8.36
N LYS K 35 34.48 -21.04 8.69
CA LYS K 35 34.85 -22.17 9.54
C LYS K 35 35.74 -23.14 8.78
N GLY K 36 35.61 -23.16 7.47
CA GLY K 36 36.42 -24.00 6.62
C GLY K 36 35.64 -25.05 5.87
N PHE K 37 34.35 -25.19 6.11
CA PHE K 37 33.59 -26.19 5.37
C PHE K 37 33.43 -25.75 3.94
N ARG K 38 33.20 -26.72 3.07
CA ARG K 38 33.25 -26.53 1.63
C ARG K 38 31.85 -26.72 1.09
N LEU K 39 31.44 -25.80 0.23
CA LEU K 39 30.10 -25.83 -0.35
C LEU K 39 30.04 -26.86 -1.48
N VAL K 40 29.02 -27.71 -1.45
CA VAL K 40 28.92 -28.82 -2.38
C VAL K 40 27.61 -28.77 -3.17
N GLY K 41 26.58 -28.21 -2.59
CA GLY K 41 25.31 -28.08 -3.28
C GLY K 41 24.56 -26.87 -2.77
N LEU K 42 23.93 -26.16 -3.69
CA LEU K 42 23.19 -24.94 -3.35
C LEU K 42 22.08 -24.78 -4.35
N LYS K 43 20.85 -24.56 -3.87
CA LYS K 43 19.71 -24.32 -4.74
C LYS K 43 18.69 -23.50 -3.97
N PHE K 44 17.76 -22.90 -4.72
CA PHE K 44 16.75 -21.99 -4.21
C PHE K 44 15.40 -22.42 -4.75
N LEU K 45 14.47 -22.78 -3.87
CA LEU K 45 13.18 -23.27 -4.33
C LEU K 45 12.13 -23.03 -3.26
N GLN K 46 10.88 -23.25 -3.66
CA GLN K 46 9.76 -23.37 -2.75
C GLN K 46 9.42 -24.86 -2.64
N ALA K 47 9.86 -25.50 -1.57
CA ALA K 47 9.73 -26.94 -1.45
C ALA K 47 8.26 -27.37 -1.32
N SER K 48 7.89 -28.40 -2.08
CA SER K 48 6.53 -28.90 -2.12
C SER K 48 6.17 -29.57 -0.81
N GLU K 49 4.87 -29.75 -0.60
CA GLU K 49 4.40 -30.36 0.64
C GLU K 49 4.83 -31.82 0.75
N ASP K 50 4.85 -32.54 -0.38
CA ASP K 50 5.30 -33.93 -0.35
C ASP K 50 6.79 -34.02 0.00
N LEU K 51 7.62 -33.17 -0.62
CA LEU K 51 9.03 -33.09 -0.20
C LEU K 51 9.14 -32.83 1.29
N LEU K 52 8.45 -31.80 1.79
CA LEU K 52 8.56 -31.43 3.19
C LEU K 52 8.11 -32.56 4.10
N LYS K 53 7.05 -33.27 3.71
CA LYS K 53 6.49 -34.30 4.60
C LYS K 53 7.43 -35.49 4.75
N GLU K 54 8.19 -35.81 3.69
CA GLU K 54 9.23 -36.83 3.79
C GLU K 54 10.43 -36.35 4.59
N HIS K 55 10.78 -35.07 4.44
CA HIS K 55 11.90 -34.50 5.19
C HIS K 55 11.65 -34.57 6.69
N TYR K 56 10.43 -34.27 7.13
CA TYR K 56 10.08 -34.32 8.54
C TYR K 56 9.25 -35.55 8.86
N THR K 57 9.48 -36.66 8.14
CA THR K 57 8.63 -37.83 8.30
C THR K 57 8.70 -38.38 9.72
N ASP K 58 9.84 -38.23 10.39
CA ASP K 58 9.98 -38.70 11.77
C ASP K 58 9.08 -37.95 12.75
N LEU K 59 8.48 -36.83 12.33
CA LEU K 59 7.65 -35.99 13.19
C LEU K 59 6.19 -35.99 12.74
N LYS K 60 5.79 -36.92 11.87
CA LYS K 60 4.46 -36.87 11.25
C LYS K 60 3.33 -37.05 12.26
N ASP K 61 3.63 -37.56 13.45
CA ASP K 61 2.63 -37.78 14.49
C ASP K 61 2.74 -36.77 15.64
N ARG K 62 3.48 -35.62 15.44
CA ARG K 62 3.58 -34.54 16.41
C ARG K 62 2.50 -33.49 16.18
N PRO K 63 2.05 -32.80 17.24
CA PRO K 63 0.97 -31.82 17.06
C PRO K 63 1.35 -30.65 16.16
N PHE K 64 2.62 -30.29 16.07
CA PHE K 64 3.04 -29.14 15.26
C PHE K 64 3.42 -29.53 13.83
N PHE K 65 3.32 -30.82 13.48
CA PHE K 65 3.78 -31.28 12.16
C PHE K 65 3.05 -30.59 11.02
N THR K 66 1.74 -30.41 11.14
CA THR K 66 1.00 -29.80 10.03
C THR K 66 1.40 -28.35 9.84
N GLY K 67 1.51 -27.59 10.94
CA GLY K 67 1.96 -26.21 10.84
C GLY K 67 3.39 -26.07 10.36
N LEU K 68 4.25 -27.04 10.70
CA LEU K 68 5.62 -27.03 10.22
C LEU K 68 5.66 -27.17 8.70
N VAL K 69 4.98 -28.20 8.18
CA VAL K 69 4.98 -28.46 6.75
C VAL K 69 4.37 -27.30 5.97
N LYS K 70 3.26 -26.76 6.47
CA LYS K 70 2.61 -25.67 5.74
C LYS K 70 3.45 -24.40 5.79
N TYR K 71 4.07 -24.11 6.93
CA TYR K 71 4.92 -22.93 7.02
C TYR K 71 6.17 -23.08 6.14
N MET K 72 6.83 -24.24 6.20
CA MET K 72 7.98 -24.46 5.35
C MET K 72 7.64 -24.39 3.87
N HIS K 73 6.35 -24.52 3.50
CA HIS K 73 5.89 -24.41 2.13
C HIS K 73 5.44 -22.99 1.76
N SER K 74 5.35 -22.07 2.73
CA SER K 74 4.76 -20.76 2.47
C SER K 74 5.71 -19.82 1.76
N GLY K 75 6.99 -20.15 1.67
CA GLY K 75 7.95 -19.32 0.99
C GLY K 75 9.16 -20.12 0.54
N PRO K 76 10.09 -19.47 -0.15
CA PRO K 76 11.25 -20.21 -0.68
C PRO K 76 12.30 -20.46 0.37
N VAL K 77 13.06 -21.54 0.16
CA VAL K 77 14.12 -21.96 1.05
C VAL K 77 15.42 -22.08 0.25
N VAL K 78 16.53 -21.86 0.95
CA VAL K 78 17.85 -22.11 0.38
C VAL K 78 18.31 -23.46 0.91
N ALA K 79 18.44 -24.44 0.01
CA ALA K 79 18.94 -25.76 0.34
C ALA K 79 20.44 -25.80 0.08
N MET K 80 21.19 -26.42 0.98
CA MET K 80 22.64 -26.39 0.93
C MET K 80 23.18 -27.75 1.34
N VAL K 81 24.34 -28.11 0.77
CA VAL K 81 25.11 -29.26 1.20
C VAL K 81 26.52 -28.79 1.50
N TRP K 82 26.97 -28.99 2.74
CA TRP K 82 28.32 -28.64 3.17
C TRP K 82 29.11 -29.91 3.46
N GLU K 83 30.42 -29.86 3.21
CA GLU K 83 31.28 -31.03 3.34
C GLU K 83 32.48 -30.75 4.24
N GLY K 84 32.83 -31.72 5.07
CA GLY K 84 33.99 -31.60 5.93
C GLY K 84 33.94 -32.55 7.11
N LEU K 85 35.09 -32.69 7.73
CA LEU K 85 35.24 -33.47 8.95
C LEU K 85 34.19 -33.10 9.98
N ASN K 86 33.34 -34.06 10.33
CA ASN K 86 32.35 -33.89 11.40
C ASN K 86 31.39 -32.74 11.08
N VAL K 87 31.08 -32.58 9.80
CA VAL K 87 30.28 -31.43 9.39
C VAL K 87 28.85 -31.54 9.91
N VAL K 88 28.34 -32.75 10.15
CA VAL K 88 27.00 -32.89 10.70
C VAL K 88 26.95 -32.39 12.13
N LYS K 89 27.75 -33.00 13.02
CA LYS K 89 27.79 -32.57 14.40
C LYS K 89 28.18 -31.10 14.51
N THR K 90 29.34 -30.74 13.95
CA THR K 90 29.82 -29.36 14.07
C THR K 90 28.85 -28.37 13.46
N GLY K 91 28.21 -28.72 12.35
CA GLY K 91 27.21 -27.84 11.79
C GLY K 91 26.07 -27.58 12.75
N ARG K 92 25.68 -28.60 13.52
CA ARG K 92 24.61 -28.41 14.48
C ARG K 92 25.04 -27.48 15.61
N VAL K 93 26.23 -27.71 16.16
CA VAL K 93 26.81 -26.78 17.13
C VAL K 93 26.73 -25.34 16.61
N MET K 94 27.12 -25.14 15.35
CA MET K 94 27.13 -23.78 14.81
C MET K 94 25.72 -23.21 14.69
N LEU K 95 24.76 -24.05 14.30
CA LEU K 95 23.36 -23.62 14.24
C LEU K 95 22.85 -23.21 15.61
N GLY K 96 23.26 -23.93 16.67
CA GLY K 96 22.72 -23.73 17.99
C GLY K 96 21.62 -24.72 18.30
N GLU K 97 21.16 -24.66 19.54
CA GLU K 97 20.05 -25.51 19.93
C GLU K 97 18.87 -25.28 19.02
N THR K 98 18.17 -26.36 18.66
CA THR K 98 17.02 -26.29 17.78
C THR K 98 15.96 -25.33 18.31
N ASN K 99 15.87 -25.21 19.63
CA ASN K 99 14.93 -24.26 20.24
C ASN K 99 15.66 -22.98 20.47
N PRO K 100 15.34 -21.88 19.73
CA PRO K 100 16.11 -20.65 19.83
C PRO K 100 16.25 -20.13 21.25
N ALA K 101 15.33 -20.48 22.13
CA ALA K 101 15.42 -20.04 23.52
C ALA K 101 16.72 -20.48 24.17
N ASP K 102 17.18 -21.69 23.85
CA ASP K 102 18.36 -22.30 24.46
C ASP K 102 19.63 -22.10 23.64
N SER K 103 19.53 -21.42 22.50
CA SER K 103 20.68 -21.18 21.63
C SER K 103 21.61 -20.16 22.23
N LYS K 104 22.92 -20.48 22.31
CA LYS K 104 23.89 -19.57 22.89
C LYS K 104 24.24 -18.43 21.94
N PRO K 105 24.56 -17.24 22.47
CA PRO K 105 25.12 -16.20 21.59
C PRO K 105 26.40 -16.69 20.91
N GLY K 106 26.51 -16.36 19.62
CA GLY K 106 27.60 -16.83 18.77
C GLY K 106 27.17 -17.89 17.77
N THR K 107 26.01 -18.48 17.98
CA THR K 107 25.43 -19.44 17.06
C THR K 107 24.44 -18.73 16.15
N ILE K 108 24.05 -19.39 15.07
CA ILE K 108 23.19 -18.77 14.08
C ILE K 108 21.81 -18.47 14.68
N ARG K 109 21.19 -19.45 15.32
CA ARG K 109 19.94 -19.20 16.04
C ARG K 109 20.15 -18.26 17.22
N GLY K 110 21.26 -18.44 17.97
CA GLY K 110 21.49 -17.59 19.12
C GLY K 110 21.69 -16.14 18.79
N ASP K 111 22.16 -15.83 17.59
CA ASP K 111 22.39 -14.46 17.14
C ASP K 111 21.20 -13.86 16.40
N PHE K 112 20.39 -14.68 15.71
CA PHE K 112 19.48 -14.18 14.70
C PHE K 112 18.00 -14.54 14.83
N CYS K 113 17.56 -15.25 15.87
CA CYS K 113 16.15 -15.57 15.95
C CYS K 113 15.73 -15.85 17.39
N ILE K 114 14.42 -16.01 17.58
CA ILE K 114 13.82 -15.90 18.90
C ILE K 114 12.90 -17.08 19.26
N GLN K 115 12.05 -17.52 18.34
CA GLN K 115 10.94 -18.40 18.67
C GLN K 115 10.99 -19.70 17.87
N VAL K 116 10.49 -20.78 18.48
CA VAL K 116 10.74 -22.12 17.97
C VAL K 116 10.15 -22.31 16.57
N GLY K 117 8.96 -21.76 16.30
CA GLY K 117 8.39 -21.95 14.97
C GLY K 117 9.06 -21.14 13.87
N ARG K 118 10.02 -20.25 14.22
CA ARG K 118 10.69 -19.32 13.29
C ARG K 118 12.19 -19.37 13.61
N ASN K 119 12.78 -20.57 13.48
CA ASN K 119 14.18 -20.79 13.83
C ASN K 119 15.08 -20.85 12.60
N ILE K 120 14.68 -20.10 11.56
CA ILE K 120 15.44 -19.67 10.38
C ILE K 120 16.22 -20.75 9.63
N ILE K 121 16.51 -21.89 10.26
CA ILE K 121 17.48 -22.81 9.70
C ILE K 121 17.24 -24.23 10.20
N HIS K 122 17.64 -25.21 9.38
CA HIS K 122 17.66 -26.62 9.76
C HIS K 122 19.02 -27.23 9.44
N GLY K 123 19.40 -28.22 10.23
CA GLY K 123 20.58 -29.02 9.89
C GLY K 123 20.33 -30.50 10.23
N SER K 124 20.85 -31.36 9.37
CA SER K 124 20.74 -32.79 9.63
C SER K 124 21.31 -33.11 10.99
N ASP K 125 20.69 -34.05 11.71
CA ASP K 125 21.13 -34.38 13.06
C ASP K 125 22.02 -35.60 13.13
N SER K 126 22.12 -36.38 12.05
CA SER K 126 23.05 -37.51 12.02
C SER K 126 23.58 -37.67 10.61
N VAL K 127 24.67 -38.42 10.48
CA VAL K 127 25.18 -38.77 9.14
C VAL K 127 24.11 -39.52 8.34
N LYS K 128 23.28 -40.33 9.02
CA LYS K 128 22.24 -41.06 8.28
C LYS K 128 21.16 -40.11 7.78
N SER K 129 20.66 -39.25 8.68
CA SER K 129 19.72 -38.20 8.28
C SER K 129 20.29 -37.33 7.17
N ALA K 130 21.58 -36.99 7.25
CA ALA K 130 22.19 -36.16 6.21
C ALA K 130 22.11 -36.84 4.86
N GLU K 131 22.52 -38.12 4.81
CA GLU K 131 22.49 -38.85 3.54
C GLU K 131 21.08 -38.94 2.99
N LYS K 132 20.08 -39.17 3.86
CA LYS K 132 18.69 -39.21 3.41
C LYS K 132 18.22 -37.85 2.91
N GLU K 133 18.56 -36.78 3.63
CA GLU K 133 18.08 -35.45 3.27
C GLU K 133 18.80 -34.90 2.04
N ILE K 134 20.07 -35.22 1.90
CA ILE K 134 20.79 -34.81 0.69
C ILE K 134 20.16 -35.48 -0.54
N SER K 135 19.90 -36.78 -0.46
CA SER K 135 19.29 -37.48 -1.59
C SER K 135 17.87 -36.99 -1.87
N LEU K 136 17.20 -36.41 -0.88
CA LEU K 136 15.84 -35.98 -1.06
C LEU K 136 15.74 -34.61 -1.71
N TRP K 137 16.72 -33.73 -1.46
CA TRP K 137 16.68 -32.37 -1.98
C TRP K 137 17.54 -32.19 -3.22
N PHE K 138 18.57 -32.98 -3.37
CA PHE K 138 19.54 -32.79 -4.42
C PHE K 138 19.62 -34.05 -5.27
N GLN K 139 19.59 -33.87 -6.59
CA GLN K 139 20.00 -34.95 -7.47
C GLN K 139 21.52 -35.12 -7.35
N PRO K 140 22.04 -36.34 -7.60
CA PRO K 140 23.50 -36.52 -7.50
C PRO K 140 24.30 -35.62 -8.42
N GLU K 141 23.74 -35.20 -9.55
CA GLU K 141 24.47 -34.35 -10.48
C GLU K 141 24.45 -32.89 -10.08
N GLU K 142 23.73 -32.55 -9.02
CA GLU K 142 23.72 -31.19 -8.48
C GLU K 142 24.71 -31.01 -7.34
N LEU K 143 25.50 -32.03 -7.02
CA LEU K 143 26.54 -31.93 -6.00
C LEU K 143 27.88 -31.85 -6.72
N VAL K 144 28.63 -30.77 -6.46
CA VAL K 144 29.88 -30.49 -7.14
C VAL K 144 31.04 -30.72 -6.19
N GLU K 145 32.01 -31.51 -6.61
CA GLU K 145 33.25 -31.67 -5.88
C GLU K 145 34.34 -30.81 -6.52
N TYR K 146 35.04 -30.05 -5.69
CA TYR K 146 36.29 -29.40 -6.10
C TYR K 146 37.21 -29.45 -4.89
N LYS K 147 38.49 -29.17 -5.12
CA LYS K 147 39.49 -29.15 -4.06
C LYS K 147 39.71 -27.70 -3.64
N SER K 148 39.41 -27.39 -2.38
CA SER K 148 39.74 -26.07 -1.86
C SER K 148 41.25 -25.84 -1.92
N CYS K 149 41.62 -24.63 -2.37
CA CYS K 149 43.02 -24.21 -2.38
C CYS K 149 43.64 -24.19 -0.99
N ALA K 150 42.81 -24.22 0.05
CA ALA K 150 43.26 -24.15 1.43
C ALA K 150 43.20 -25.52 2.12
N GLN K 151 43.02 -26.59 1.34
CA GLN K 151 42.79 -27.92 1.92
C GLN K 151 43.93 -28.34 2.83
N ASN K 152 45.18 -28.05 2.44
CA ASN K 152 46.31 -28.46 3.27
C ASN K 152 46.51 -27.54 4.48
N TRP K 153 45.75 -26.47 4.59
CA TRP K 153 45.78 -25.62 5.77
C TRP K 153 44.59 -25.84 6.69
N ILE K 154 43.55 -26.52 6.21
CA ILE K 154 42.39 -26.81 7.03
C ILE K 154 42.53 -28.19 7.65
N TYR K 155 43.17 -29.11 6.91
CA TYR K 155 43.26 -30.50 7.35
C TYR K 155 44.70 -30.99 7.33
N GLU K 156 45.00 -31.91 8.26
CA GLU K 156 46.31 -32.55 8.30
C GLU K 156 46.49 -33.55 7.17
N MET L 5 51.41 -5.51 39.00
CA MET L 5 50.01 -5.14 39.00
C MET L 5 49.19 -6.07 38.11
N ALA L 6 47.99 -6.42 38.57
CA ALA L 6 47.14 -7.38 37.87
C ALA L 6 46.88 -6.96 36.42
N ASN L 7 46.47 -5.70 36.21
CA ASN L 7 46.17 -5.22 34.87
C ASN L 7 47.35 -5.32 33.90
N SER L 8 48.56 -5.56 34.40
CA SER L 8 49.76 -5.59 33.58
C SER L 8 50.14 -6.99 33.13
N GLU L 9 49.31 -8.00 33.44
CA GLU L 9 49.59 -9.36 33.01
C GLU L 9 49.79 -9.42 31.51
N ARG L 10 50.67 -10.32 31.06
CA ARG L 10 50.99 -10.51 29.66
C ARG L 10 50.81 -11.96 29.26
N THR L 11 50.35 -12.18 28.03
CA THR L 11 50.30 -13.52 27.48
C THR L 11 50.90 -13.53 26.08
N PHE L 12 51.31 -14.72 25.67
CA PHE L 12 51.86 -14.94 24.33
C PHE L 12 50.81 -15.62 23.45
N ILE L 13 50.48 -15.00 22.32
CA ILE L 13 49.54 -15.56 21.35
C ILE L 13 50.28 -15.70 20.03
N ALA L 14 50.24 -16.89 19.45
CA ALA L 14 50.79 -17.10 18.11
C ALA L 14 49.66 -17.43 17.13
N ILE L 15 49.62 -16.74 16.00
CA ILE L 15 48.77 -17.15 14.89
C ILE L 15 49.60 -18.12 14.06
N LYS L 16 49.12 -19.35 13.95
CA LYS L 16 49.86 -20.43 13.34
C LYS L 16 49.86 -20.30 11.81
N PRO L 17 50.67 -21.11 11.11
CA PRO L 17 50.79 -20.92 9.65
C PRO L 17 49.49 -21.08 8.90
N ASP L 18 48.54 -21.87 9.41
CA ASP L 18 47.26 -21.98 8.73
C ASP L 18 46.40 -20.74 9.00
N GLY L 19 46.59 -20.10 10.15
CA GLY L 19 45.93 -18.81 10.38
C GLY L 19 46.40 -17.74 9.42
N VAL L 20 47.72 -17.61 9.23
CA VAL L 20 48.23 -16.66 8.25
C VAL L 20 47.73 -17.01 6.87
N GLN L 21 47.79 -18.29 6.52
CA GLN L 21 47.54 -18.69 5.13
C GLN L 21 46.05 -18.57 4.77
N ARG L 22 45.16 -18.63 5.76
CA ARG L 22 43.73 -18.51 5.48
C ARG L 22 43.21 -17.10 5.68
N GLY L 23 44.09 -16.14 5.94
CA GLY L 23 43.65 -14.76 5.98
C GLY L 23 42.97 -14.34 7.27
N LEU L 24 43.42 -14.87 8.41
CA LEU L 24 42.77 -14.63 9.70
C LEU L 24 43.55 -13.68 10.59
N VAL L 25 44.65 -13.09 10.10
CA VAL L 25 45.49 -12.29 10.99
C VAL L 25 44.71 -11.10 11.51
N GLY L 26 44.11 -10.32 10.60
CA GLY L 26 43.37 -9.15 11.04
C GLY L 26 42.22 -9.49 11.97
N GLU L 27 41.40 -10.48 11.58
CA GLU L 27 40.22 -10.83 12.35
C GLU L 27 40.59 -11.29 13.76
N ILE L 28 41.72 -11.99 13.92
CA ILE L 28 42.14 -12.43 15.24
C ILE L 28 42.62 -11.25 16.07
N ILE L 29 43.39 -10.35 15.44
CA ILE L 29 43.89 -9.18 16.14
C ILE L 29 42.74 -8.28 16.54
N LYS L 30 41.76 -8.11 15.63
CA LYS L 30 40.56 -7.30 15.90
C LYS L 30 39.88 -7.76 17.18
N ARG L 31 39.79 -9.07 17.39
CA ARG L 31 39.08 -9.59 18.56
C ARG L 31 39.77 -9.22 19.87
N PHE L 32 41.08 -9.20 19.88
CA PHE L 32 41.81 -8.82 21.08
C PHE L 32 41.72 -7.32 21.34
N GLU L 33 41.86 -6.52 20.28
CA GLU L 33 41.64 -5.09 20.39
C GLU L 33 40.25 -4.77 20.93
N GLN L 34 39.21 -5.30 20.30
CA GLN L 34 37.86 -4.89 20.66
C GLN L 34 37.45 -5.39 22.04
N LYS L 35 38.14 -6.42 22.54
CA LYS L 35 37.97 -6.87 23.91
C LYS L 35 38.50 -5.84 24.89
N GLY L 36 39.51 -5.07 24.50
CA GLY L 36 40.15 -4.09 25.36
C GLY L 36 41.59 -4.42 25.75
N PHE L 37 42.16 -5.52 25.26
CA PHE L 37 43.55 -5.85 25.56
C PHE L 37 44.48 -4.98 24.73
N ARG L 38 45.71 -4.84 25.22
CA ARG L 38 46.67 -3.88 24.67
C ARG L 38 47.83 -4.62 24.03
N LEU L 39 48.10 -4.32 22.76
CA LEU L 39 49.22 -4.92 22.06
C LEU L 39 50.55 -4.41 22.63
N VAL L 40 51.44 -5.36 22.91
CA VAL L 40 52.74 -5.08 23.52
C VAL L 40 53.88 -5.54 22.61
N GLY L 41 53.66 -6.62 21.88
CA GLY L 41 54.65 -7.09 20.94
C GLY L 41 53.97 -7.71 19.74
N LEU L 42 54.68 -7.64 18.62
CA LEU L 42 54.17 -8.16 17.34
C LEU L 42 55.36 -8.37 16.43
N LYS L 43 55.57 -9.60 15.98
CA LYS L 43 56.54 -9.88 14.93
C LYS L 43 55.96 -10.93 13.98
N PHE L 44 56.64 -11.10 12.85
CA PHE L 44 56.22 -11.99 11.77
C PHE L 44 57.46 -12.75 11.33
N LEU L 45 57.47 -14.06 11.52
CA LEU L 45 58.68 -14.83 11.28
C LEU L 45 58.30 -16.27 10.98
N GLN L 46 59.20 -16.98 10.32
CA GLN L 46 59.11 -18.43 10.20
C GLN L 46 59.95 -19.02 11.32
N ALA L 47 59.30 -19.69 12.27
CA ALA L 47 59.98 -20.19 13.45
C ALA L 47 60.90 -21.36 13.10
N SER L 48 62.10 -21.35 13.68
CA SER L 48 63.02 -22.47 13.54
C SER L 48 62.52 -23.69 14.31
N GLU L 49 62.99 -24.86 13.89
CA GLU L 49 62.69 -26.07 14.65
C GLU L 49 63.27 -26.01 16.06
N ASP L 50 64.48 -25.46 16.21
CA ASP L 50 65.03 -25.32 17.56
C ASP L 50 64.11 -24.49 18.45
N LEU L 51 63.64 -23.33 17.96
CA LEU L 51 62.70 -22.53 18.75
C LEU L 51 61.48 -23.35 19.11
N LEU L 52 60.90 -24.04 18.12
CA LEU L 52 59.67 -24.79 18.30
C LEU L 52 59.84 -25.97 19.26
N LYS L 53 60.97 -26.67 19.21
CA LYS L 53 61.17 -27.75 20.18
C LYS L 53 61.20 -27.22 21.60
N GLU L 54 61.74 -26.02 21.80
CA GLU L 54 61.73 -25.40 23.12
C GLU L 54 60.35 -24.90 23.51
N HIS L 55 59.63 -24.26 22.57
CA HIS L 55 58.28 -23.82 22.84
C HIS L 55 57.39 -24.97 23.29
N TYR L 56 57.34 -26.05 22.51
CA TYR L 56 56.53 -27.22 22.82
C TYR L 56 57.28 -28.27 23.63
N THR L 57 58.20 -27.85 24.52
CA THR L 57 59.08 -28.80 25.18
C THR L 57 58.32 -29.81 26.05
N ASP L 58 57.19 -29.42 26.63
CA ASP L 58 56.44 -30.36 27.44
C ASP L 58 55.79 -31.46 26.61
N LEU L 59 55.81 -31.36 25.28
CA LEU L 59 55.17 -32.33 24.42
C LEU L 59 56.17 -33.25 23.73
N LYS L 60 57.46 -33.15 24.06
CA LYS L 60 58.52 -33.86 23.35
C LYS L 60 58.27 -35.37 23.29
N ASP L 61 57.67 -35.96 24.33
CA ASP L 61 57.45 -37.39 24.34
C ASP L 61 56.09 -37.80 23.77
N ARG L 62 55.34 -36.85 23.08
CA ARG L 62 54.04 -37.21 22.54
C ARG L 62 54.16 -37.65 21.08
N PRO L 63 53.30 -38.58 20.66
CA PRO L 63 53.40 -39.11 19.28
C PRO L 63 53.27 -38.04 18.19
N PHE L 64 52.61 -36.90 18.43
CA PHE L 64 52.47 -35.88 17.39
C PHE L 64 53.59 -34.87 17.39
N PHE L 65 54.48 -34.91 18.39
CA PHE L 65 55.43 -33.81 18.61
C PHE L 65 56.25 -33.52 17.36
N THR L 66 56.74 -34.55 16.67
CA THR L 66 57.63 -34.33 15.54
C THR L 66 56.91 -33.63 14.39
N GLY L 67 55.71 -34.10 14.05
CA GLY L 67 54.92 -33.42 13.04
C GLY L 67 54.49 -32.03 13.48
N LEU L 68 54.33 -31.82 14.78
CA LEU L 68 53.93 -30.50 15.25
C LEU L 68 55.04 -29.49 15.03
N VAL L 69 56.25 -29.83 15.48
CA VAL L 69 57.41 -28.96 15.27
C VAL L 69 57.62 -28.72 13.78
N LYS L 70 57.45 -29.77 12.97
CA LYS L 70 57.69 -29.65 11.54
C LYS L 70 56.61 -28.81 10.87
N TYR L 71 55.34 -29.08 11.18
CA TYR L 71 54.27 -28.26 10.62
C TYR L 71 54.44 -26.79 11.02
N MET L 72 54.76 -26.53 12.29
CA MET L 72 54.89 -25.14 12.74
C MET L 72 56.11 -24.45 12.15
N HIS L 73 56.99 -25.18 11.46
CA HIS L 73 58.12 -24.60 10.74
C HIS L 73 57.84 -24.41 9.25
N SER L 74 56.72 -24.94 8.75
CA SER L 74 56.46 -25.00 7.31
C SER L 74 56.04 -23.64 6.74
N GLY L 75 55.72 -22.67 7.58
CA GLY L 75 55.31 -21.37 7.11
C GLY L 75 55.47 -20.31 8.18
N PRO L 76 55.19 -19.06 7.84
CA PRO L 76 55.37 -17.98 8.82
C PRO L 76 54.25 -17.93 9.83
N VAL L 77 54.61 -17.46 11.04
CA VAL L 77 53.66 -17.29 12.14
C VAL L 77 53.70 -15.82 12.55
N VAL L 78 52.60 -15.37 13.13
CA VAL L 78 52.50 -14.04 13.71
C VAL L 78 52.61 -14.22 15.22
N ALA L 79 53.69 -13.70 15.77
CA ALA L 79 53.96 -13.77 17.20
C ALA L 79 53.54 -12.45 17.84
N MET L 80 52.82 -12.55 18.96
CA MET L 80 52.12 -11.42 19.55
C MET L 80 52.24 -11.50 21.06
N VAL L 81 52.20 -10.34 21.71
CA VAL L 81 52.10 -10.24 23.16
C VAL L 81 50.99 -9.26 23.49
N TRP L 82 50.04 -9.69 24.30
CA TRP L 82 48.88 -8.91 24.66
C TRP L 82 48.87 -8.74 26.17
N GLU L 83 48.42 -7.57 26.63
CA GLU L 83 48.45 -7.23 28.05
C GLU L 83 47.07 -6.81 28.54
N GLY L 84 46.75 -7.23 29.76
CA GLY L 84 45.49 -6.86 30.39
C GLY L 84 45.21 -7.76 31.58
N LEU L 85 44.11 -7.43 32.27
CA LEU L 85 43.66 -8.20 33.44
C LEU L 85 43.27 -9.61 33.01
N ASN L 86 43.91 -10.60 33.64
CA ASN L 86 43.64 -12.03 33.38
C ASN L 86 43.71 -12.37 31.89
N VAL L 87 44.57 -11.66 31.16
CA VAL L 87 44.64 -11.85 29.71
C VAL L 87 45.03 -13.29 29.36
N VAL L 88 45.79 -13.97 30.22
CA VAL L 88 46.15 -15.35 29.93
C VAL L 88 44.89 -16.22 29.86
N LYS L 89 44.21 -16.34 31.02
CA LYS L 89 43.01 -17.17 31.09
C LYS L 89 41.97 -16.72 30.10
N THR L 90 41.70 -15.41 30.07
CA THR L 90 40.71 -14.85 29.16
C THR L 90 41.10 -15.06 27.70
N GLY L 91 42.36 -14.80 27.37
CA GLY L 91 42.88 -15.17 26.07
C GLY L 91 42.49 -16.59 25.67
N ARG L 92 42.67 -17.55 26.57
CA ARG L 92 42.33 -18.93 26.24
C ARG L 92 40.84 -19.07 25.97
N VAL L 93 40.00 -18.45 26.81
CA VAL L 93 38.56 -18.50 26.58
C VAL L 93 38.24 -17.95 25.18
N MET L 94 38.82 -16.79 24.85
CA MET L 94 38.57 -16.21 23.54
C MET L 94 39.03 -17.16 22.44
N LEU L 95 40.18 -17.82 22.64
CA LEU L 95 40.69 -18.76 21.64
C LEU L 95 39.74 -19.93 21.42
N GLY L 96 39.15 -20.43 22.49
CA GLY L 96 38.34 -21.62 22.42
C GLY L 96 39.15 -22.83 22.86
N GLU L 97 38.44 -23.95 22.96
CA GLU L 97 39.08 -25.21 23.28
C GLU L 97 40.22 -25.51 22.31
N THR L 98 41.32 -26.04 22.87
CA THR L 98 42.50 -26.30 22.08
C THR L 98 42.17 -27.20 20.89
N ASN L 99 41.38 -28.25 21.15
CA ASN L 99 40.79 -29.11 20.14
C ASN L 99 39.61 -28.38 19.50
N PRO L 100 39.70 -28.02 18.21
CA PRO L 100 38.60 -27.28 17.56
C PRO L 100 37.26 -27.98 17.61
N ALA L 101 37.23 -29.31 17.70
CA ALA L 101 35.95 -30.01 17.76
C ALA L 101 35.14 -29.60 18.98
N ASP L 102 35.81 -29.15 20.05
CA ASP L 102 35.14 -28.73 21.27
C ASP L 102 35.05 -27.21 21.39
N SER L 103 35.59 -26.47 20.43
CA SER L 103 35.55 -25.03 20.48
C SER L 103 34.11 -24.50 20.26
N LYS L 104 33.64 -23.62 21.16
CA LYS L 104 32.29 -23.08 21.02
C LYS L 104 32.24 -21.96 20.00
N PRO L 105 31.20 -21.92 19.18
CA PRO L 105 31.01 -20.75 18.31
C PRO L 105 31.07 -19.47 19.14
N GLY L 106 31.55 -18.41 18.51
CA GLY L 106 31.94 -17.21 19.22
C GLY L 106 33.42 -17.13 19.50
N THR L 107 34.08 -18.25 19.72
CA THR L 107 35.51 -18.26 19.94
C THR L 107 36.27 -18.31 18.62
N ILE L 108 37.54 -17.90 18.68
CA ILE L 108 38.39 -17.89 17.48
C ILE L 108 38.37 -19.24 16.80
N ARG L 109 38.73 -20.31 17.53
CA ARG L 109 38.80 -21.63 16.93
C ARG L 109 37.41 -22.15 16.54
N GLY L 110 36.39 -21.83 17.33
CA GLY L 110 35.05 -22.27 17.00
C GLY L 110 34.52 -21.65 15.73
N ASP L 111 34.89 -20.40 15.47
CA ASP L 111 34.45 -19.74 14.24
C ASP L 111 35.26 -20.12 13.01
N PHE L 112 36.56 -20.44 13.16
CA PHE L 112 37.44 -20.39 12.00
C PHE L 112 38.24 -21.65 11.66
N CYS L 113 38.16 -22.74 12.43
CA CYS L 113 38.95 -23.92 12.09
C CYS L 113 38.26 -25.21 12.55
N ILE L 114 38.78 -26.34 12.07
CA ILE L 114 38.05 -27.59 12.17
C ILE L 114 38.82 -28.68 12.93
N GLN L 115 40.11 -28.86 12.64
CA GLN L 115 40.83 -30.08 13.03
C GLN L 115 42.05 -29.77 13.90
N VAL L 116 42.31 -30.67 14.85
CA VAL L 116 43.36 -30.50 15.88
C VAL L 116 44.71 -30.13 15.27
N GLY L 117 45.09 -30.76 14.16
CA GLY L 117 46.41 -30.44 13.62
C GLY L 117 46.52 -29.08 12.94
N ARG L 118 45.39 -28.36 12.79
CA ARG L 118 45.30 -27.11 12.03
C ARG L 118 44.38 -26.17 12.82
N ASN L 119 44.82 -25.74 14.00
CA ASN L 119 43.95 -25.05 14.92
C ASN L 119 44.28 -23.57 15.03
N ILE L 120 44.95 -23.05 13.99
CA ILE L 120 45.15 -21.65 13.60
C ILE L 120 45.88 -20.75 14.60
N ILE L 121 46.03 -21.18 15.85
CA ILE L 121 46.41 -20.25 16.89
C ILE L 121 46.90 -21.02 18.12
N HIS L 122 47.70 -20.34 18.94
CA HIS L 122 48.13 -20.86 20.24
C HIS L 122 48.11 -19.73 21.26
N GLY L 123 47.71 -20.06 22.47
CA GLY L 123 47.86 -19.15 23.59
C GLY L 123 48.46 -19.84 24.80
N SER L 124 49.28 -19.09 25.53
CA SER L 124 49.82 -19.56 26.80
C SER L 124 48.72 -20.10 27.70
N ASP L 125 48.99 -21.24 28.32
CA ASP L 125 48.02 -21.84 29.23
C ASP L 125 48.15 -21.36 30.67
N SER L 126 49.15 -20.55 30.99
CA SER L 126 49.38 -20.09 32.36
C SER L 126 50.21 -18.82 32.35
N VAL L 127 50.31 -18.18 33.52
CA VAL L 127 51.15 -17.00 33.65
C VAL L 127 52.63 -17.38 33.55
N LYS L 128 53.02 -18.49 34.17
CA LYS L 128 54.41 -18.94 34.08
C LYS L 128 54.79 -19.28 32.65
N SER L 129 53.92 -20.03 31.96
CA SER L 129 54.20 -20.38 30.56
C SER L 129 54.25 -19.13 29.69
N ALA L 130 53.40 -18.13 29.97
CA ALA L 130 53.42 -16.90 29.18
C ALA L 130 54.76 -16.20 29.29
N GLU L 131 55.23 -15.97 30.52
CA GLU L 131 56.54 -15.33 30.71
C GLU L 131 57.63 -16.11 29.98
N LYS L 132 57.59 -17.44 30.05
CA LYS L 132 58.58 -18.25 29.35
C LYS L 132 58.45 -18.09 27.85
N GLU L 133 57.22 -18.12 27.32
CA GLU L 133 57.04 -18.07 25.88
C GLU L 133 57.33 -16.67 25.33
N ILE L 134 56.98 -15.63 26.10
CA ILE L 134 57.30 -14.26 25.73
C ILE L 134 58.82 -14.08 25.64
N SER L 135 59.55 -14.55 26.65
CA SER L 135 61.01 -14.44 26.62
C SER L 135 61.62 -15.30 25.53
N LEU L 136 60.93 -16.34 25.08
CA LEU L 136 61.44 -17.22 24.05
C LEU L 136 61.31 -16.61 22.66
N TRP L 137 60.23 -15.89 22.39
CA TRP L 137 60.01 -15.35 21.05
C TRP L 137 60.33 -13.87 20.93
N PHE L 138 60.51 -13.16 22.05
CA PHE L 138 60.74 -11.73 21.98
C PHE L 138 61.98 -11.34 22.79
N GLN L 139 62.73 -10.42 22.26
CA GLN L 139 63.72 -9.82 23.13
C GLN L 139 63.08 -8.67 23.90
N PRO L 140 63.63 -8.30 25.07
CA PRO L 140 62.96 -7.27 25.90
C PRO L 140 62.70 -5.98 25.15
N GLU L 141 63.65 -5.54 24.31
CA GLU L 141 63.49 -4.28 23.60
C GLU L 141 62.42 -4.34 22.52
N GLU L 142 61.81 -5.50 22.25
CA GLU L 142 60.75 -5.61 21.26
C GLU L 142 59.36 -5.52 21.89
N LEU L 143 59.26 -5.41 23.20
CA LEU L 143 57.98 -5.30 23.88
C LEU L 143 57.73 -3.84 24.26
N VAL L 144 56.69 -3.25 23.70
CA VAL L 144 56.44 -1.82 23.83
C VAL L 144 55.34 -1.59 24.84
N GLU L 145 55.58 -0.67 25.76
CA GLU L 145 54.59 -0.24 26.74
C GLU L 145 54.17 1.17 26.39
N TYR L 146 52.85 1.37 26.23
CA TYR L 146 52.26 2.67 26.00
C TYR L 146 50.92 2.66 26.71
N LYS L 147 50.33 3.85 26.87
CA LYS L 147 49.11 4.03 27.66
C LYS L 147 47.92 4.17 26.71
N SER L 148 47.05 3.17 26.71
CA SER L 148 45.82 3.26 25.91
C SER L 148 45.00 4.48 26.32
N CYS L 149 44.48 5.20 25.33
CA CYS L 149 43.64 6.36 25.63
C CYS L 149 42.33 5.95 26.29
N ALA L 150 41.95 4.67 26.20
CA ALA L 150 40.75 4.14 26.82
C ALA L 150 41.01 3.48 28.17
N GLN L 151 42.23 3.59 28.70
CA GLN L 151 42.61 2.85 29.91
C GLN L 151 41.60 3.05 31.04
N ASN L 152 41.22 4.31 31.31
CA ASN L 152 40.33 4.59 32.44
C ASN L 152 38.90 4.11 32.21
N TRP L 153 38.52 3.82 30.96
CA TRP L 153 37.21 3.27 30.63
C TRP L 153 37.22 1.76 30.51
N ILE L 154 38.39 1.13 30.48
CA ILE L 154 38.46 -0.33 30.48
C ILE L 154 38.67 -0.82 31.89
N TYR L 155 39.39 -0.06 32.70
CA TYR L 155 39.69 -0.46 34.07
C TYR L 155 39.27 0.62 35.06
N GLU L 156 38.92 0.18 36.26
CA GLU L 156 38.64 1.07 37.40
C GLU L 156 39.90 1.71 37.98
C8 SCA M . -48.80 30.31 -21.83
N9 SCA M . -49.10 29.94 -20.59
C4 SCA M . -50.20 29.14 -20.66
C5 SCA M . -50.56 29.04 -21.92
N7 SCA M . -49.69 29.77 -22.66
N3 SCA M . -50.92 28.50 -19.73
C2 SCA M . -52.00 27.77 -20.07
N1 SCA M . -52.37 27.67 -21.35
C6 SCA M . -51.67 28.29 -22.28
N6 SCA M . -52.27 28.03 -23.56
C1' SCA M . -48.40 30.26 -19.38
C2' SCA M . -47.21 29.65 -19.34
O2' SCA M . -47.34 28.29 -18.80
C3' SCA M . -46.38 30.54 -18.40
O3' SCA M . -46.76 30.33 -17.17
C4' SCA M . -46.84 32.00 -18.71
O4' SCA M . -48.06 31.86 -19.21
C5' SCA M . -45.88 32.66 -19.69
O5' SCA M . -46.14 32.19 -20.96
P1 SCA M . -45.34 32.81 -22.22
O11 SCA M . -46.24 33.71 -23.04
O12 SCA M . -44.83 31.65 -23.06
O6 SCA M . -44.08 33.76 -21.62
P2 SCA M . -42.62 33.18 -21.09
O21 SCA M . -42.33 31.85 -21.73
O22 SCA M . -42.67 33.04 -19.59
O7 SCA M . -41.39 34.26 -21.56
P3 SCA M . -45.81 29.37 -16.17
O31 SCA M . -45.52 28.07 -16.88
O32 SCA M . -46.57 29.13 -14.89
O33 SCA M . -44.51 30.07 -15.87
C8 SCA N . -26.51 5.88 -40.69
N9 SCA N . -26.97 4.72 -40.22
C4 SCA N . -25.91 3.88 -40.16
C5 SCA N . -24.84 4.53 -40.59
N7 SCA N . -25.20 5.77 -40.91
N3 SCA N . -25.78 2.60 -39.78
C2 SCA N . -24.58 1.99 -39.83
N1 SCA N . -23.50 2.66 -40.26
C6 SCA N . -23.61 3.90 -40.64
N6 SCA N . -22.33 4.42 -41.07
C1' SCA N . -28.33 4.44 -39.83
C2' SCA N . -28.71 5.22 -38.82
O2' SCA N . -28.37 4.63 -37.52
C3' SCA N . -30.23 5.40 -38.99
O3' SCA N . -30.87 4.34 -38.57
C4' SCA N . -30.47 5.40 -40.55
O4' SCA N . -29.41 4.77 -41.03
C5' SCA N . -30.59 6.83 -41.05
O5' SCA N . -29.35 7.43 -40.98
P1 SCA N . -29.26 9.03 -41.27
O11 SCA N . -28.59 9.31 -42.60
O12 SCA N . -28.49 9.68 -40.14
O6 SCA N . -30.82 9.62 -41.32
P2 SCA N . -31.58 10.50 -40.13
O21 SCA N . -30.61 11.37 -39.37
O22 SCA N . -32.29 9.58 -39.17
O7 SCA N . -32.71 11.49 -40.96
P3 SCA N . -31.51 4.40 -37.03
O31 SCA N . -30.40 4.91 -36.12
O32 SCA N . -32.69 5.34 -37.04
O33 SCA N . -31.93 3.00 -36.64
C8 SCA O . -11.44 30.50 -15.73
N9 SCA O . -10.90 29.59 -14.92
C4 SCA O . -10.96 30.12 -13.66
C5 SCA O . -11.52 31.31 -13.72
N7 SCA O . -11.82 31.56 -15.02
N3 SCA O . -10.58 29.65 -12.47
C2 SCA O . -10.75 30.38 -11.35
N1 SCA O . -11.32 31.59 -11.41
C6 SCA O . -11.70 32.07 -12.58
N6 SCA O . -12.27 33.38 -12.41
C1' SCA O . -10.35 28.31 -15.27
C2' SCA O . -11.25 27.46 -15.81
O2' SCA O . -11.93 26.64 -14.78
C3' SCA O . -10.43 26.53 -16.73
O3' SCA O . -9.83 25.57 -16.05
C4' SCA O . -9.28 27.45 -17.28
O4' SCA O . -9.19 28.46 -16.44
C5' SCA O . -9.64 27.90 -18.70
O5' SCA O . -10.73 28.72 -18.67
P1 SCA O . -11.40 29.28 -20.04
O11 SCA O . -10.89 30.69 -20.33
O12 SCA O . -12.90 29.34 -19.89
O6 SCA O . -10.93 28.31 -21.33
P2 SCA O . -11.82 27.13 -22.11
O21 SCA O . -13.27 27.55 -22.27
O22 SCA O . -11.78 25.86 -21.28
O7 SCA O . -11.12 26.89 -23.65
P3 SCA O . -10.60 24.09 -15.84
O31 SCA O . -10.58 23.30 -17.12
O32 SCA O . -12.02 24.34 -15.41
O33 SCA O . -9.85 23.36 -14.74
C8 SCA P . -32.28 8.38 21.18
N9 SCA P . -32.49 9.53 20.56
C4 SCA P . -31.35 10.24 20.62
C5 SCA P . -30.44 9.52 21.26
N7 SCA P . -31.02 8.36 21.61
N3 SCA P . -31.02 11.45 20.17
C2 SCA P . -29.77 11.92 20.36
N1 SCA P . -28.85 11.19 21.00
C6 SCA P . -29.16 10.00 21.45
N6 SCA P . -28.03 9.42 22.09
C1' SCA P . -33.72 9.99 19.97
C2' SCA P . -34.02 9.34 18.84
O2' SCA P . -33.45 9.99 17.64
C3' SCA P . -35.59 9.34 18.79
O3' SCA P . -36.11 10.45 18.29
C4' SCA P . -36.02 9.27 20.30
O4' SCA P . -34.96 9.65 20.98
C5' SCA P . -36.39 7.83 20.65
O5' SCA P . -35.24 7.04 20.58
P1 SCA P . -35.29 5.52 21.15
O11 SCA P . -35.01 5.49 22.63
O12 SCA P . -34.27 4.67 20.40
O6 SCA P . -36.85 4.95 20.90
P2 SCA P . -37.47 4.49 19.44
O21 SCA P . -36.38 3.79 18.65
O22 SCA P . -37.94 5.71 18.66
O7 SCA P . -38.75 3.41 19.72
P3 SCA P . -36.38 10.53 16.63
O31 SCA P . -36.57 11.98 16.23
O32 SCA P . -37.59 9.73 16.21
O33 SCA P . -35.17 10.01 15.92
C8 SCA Q . -53.38 -13.41 -2.19
N9 SCA Q . -53.48 -12.96 -3.43
C4 SCA Q . -54.44 -12.02 -3.46
C5 SCA Q . -54.92 -11.90 -2.23
N7 SCA Q . -54.26 -12.76 -1.43
N3 SCA Q . -54.93 -11.26 -4.44
C2 SCA Q . -55.92 -10.38 -4.17
N1 SCA Q . -56.39 -10.27 -2.92
C6 SCA Q . -55.92 -11.01 -1.96
N6 SCA Q . -56.55 -10.73 -0.71
C1' SCA Q . -52.69 -13.37 -4.54
C2' SCA Q . -51.41 -13.08 -4.29
O2' SCA Q . -51.06 -11.66 -4.48
C3' SCA Q . -50.61 -14.03 -5.23
O3' SCA Q . -50.68 -13.71 -6.51
C4' SCA Q . -51.41 -15.37 -5.02
O4' SCA Q . -52.65 -15.00 -4.69
C5' SCA Q . -50.69 -16.12 -3.91
O5' SCA Q . -51.12 -15.57 -2.72
P1 SCA Q . -50.53 -16.11 -1.30
O11 SCA Q . -51.65 -16.81 -0.55
O12 SCA Q . -50.04 -14.91 -0.49
O6 SCA Q . -49.25 -17.15 -1.62
P2 SCA Q . -47.67 -16.68 -1.83
O21 SCA Q . -47.32 -15.56 -0.89
O22 SCA Q . -47.44 -16.22 -3.25
O7 SCA Q . -46.64 -18.00 -1.47
P3 SCA Q . -49.39 -12.82 -7.14
O31 SCA Q . -49.16 -11.69 -6.16
O32 SCA Q . -49.73 -12.31 -8.51
O33 SCA Q . -48.14 -13.68 -7.22
C8 SCA R . -15.81 -17.90 -0.67
N9 SCA R . -15.04 -17.12 -1.44
C4 SCA R . -14.98 -17.66 -2.67
C5 SCA R . -15.70 -18.76 -2.66
N7 SCA R . -16.22 -18.92 -1.42
N3 SCA R . -14.35 -17.26 -3.78
C2 SCA R . -14.47 -18.02 -4.90
N1 SCA R . -15.19 -19.13 -4.89
C6 SCA R . -15.81 -19.52 -3.81
N6 SCA R . -16.51 -20.75 -4.06
C1' SCA R . -14.39 -15.90 -1.07
C2' SCA R . -15.34 -15.01 -0.73
O2' SCA R . -15.94 -14.37 -1.93
C3' SCA R . -14.62 -14.05 0.29
O3' SCA R . -13.77 -13.18 -0.26
C4' SCA R . -13.69 -15.03 1.09
O4' SCA R . -13.48 -16.07 0.30
C5' SCA R . -14.35 -15.41 2.42
O5' SCA R . -15.58 -15.99 2.17
P1 SCA R . -16.32 -16.77 3.39
O11 SCA R . -15.75 -18.18 3.52
O12 SCA R . -17.82 -16.82 3.12
O6 SCA R . -15.98 -15.95 4.79
P2 SCA R . -16.75 -14.52 5.20
O21 SCA R . -18.09 -14.49 4.53
O22 SCA R . -15.92 -13.34 4.74
O7 SCA R . -16.93 -14.48 6.90
P3 SCA R . -14.28 -11.60 -0.53
O31 SCA R . -14.43 -10.80 0.77
O32 SCA R . -15.59 -11.70 -1.24
O33 SCA R . -13.22 -11.00 -1.42
C8 SCA S . 13.70 14.86 -2.94
N9 SCA S . 13.31 14.42 -1.75
C4 SCA S . 12.32 13.54 -1.94
C5 SCA S . 12.10 13.45 -3.24
N7 SCA S . 12.97 14.27 -3.88
N3 SCA S . 11.59 12.82 -1.08
C2 SCA S . 10.63 12.00 -1.52
N1 SCA S . 10.41 11.91 -2.84
C6 SCA S . 11.12 12.61 -3.69
N6 SCA S . 10.67 12.30 -5.03
C1' SCA S . 13.83 14.75 -0.47
C2' SCA S . 15.09 14.31 -0.41
O2' SCA S . 15.17 12.93 0.07
C3' SCA S . 15.79 15.24 0.59
O3' SCA S . 15.37 14.97 1.80
C4' SCA S . 15.15 16.64 0.24
O4' SCA S . 13.96 16.37 -0.29
C5' SCA S . 16.00 17.41 -0.75
O5' SCA S . 16.06 16.74 -1.96
P1 SCA S . 16.95 17.40 -3.15
O11 SCA S . 16.06 18.21 -4.07
O12 SCA S . 17.64 16.28 -3.93
O6 SCA S . 18.07 18.42 -2.47
P2 SCA S . 19.48 17.92 -1.75
O21 SCA S . 20.26 16.78 -2.75
O22 SCA S . 19.18 17.25 -0.41
O7 SCA S . 20.37 19.12 -1.55
P3 SCA S . 16.24 14.05 2.89
O31 SCA S . 17.48 14.77 3.38
O32 SCA S . 16.58 12.70 2.31
O33 SCA S . 15.30 13.84 4.06
C8 SCA T . 37.98 -8.85 -20.39
N9 SCA T . 37.54 -9.97 -19.85
C4 SCA T . 38.59 -10.78 -19.64
C5 SCA T . 39.69 -10.16 -20.07
N7 SCA T . 39.31 -8.95 -20.54
N3 SCA T . 38.71 -12.01 -19.13
C2 SCA T . 39.94 -12.59 -19.05
N1 SCA T . 41.05 -11.95 -19.47
C6 SCA T . 40.91 -10.75 -19.98
N6 SCA T . 42.21 -10.27 -20.36
C1' SCA T . 36.17 -10.27 -19.54
C2' SCA T . 35.70 -9.45 -18.59
O2' SCA T . 36.08 -9.87 -17.22
C3' SCA T . 34.17 -9.50 -18.80
O3' SCA T . 33.64 -10.62 -18.33
C4' SCA T . 34.07 -9.45 -20.36
O4' SCA T . 35.24 -9.89 -20.82
C5' SCA T . 33.85 -8.00 -20.77
O5' SCA T . 35.02 -7.31 -20.69
P1 SCA T . 35.10 -5.79 -21.24
O11 SCA T . 35.73 -5.70 -22.64
O12 SCA T . 35.97 -5.01 -20.27
O6 SCA T . 33.54 -5.20 -21.35
P2 SCA T . 32.68 -4.63 -20.05
O21 SCA T . 33.69 -4.12 -19.05
O22 SCA T . 31.84 -5.73 -19.43
O7 SCA T . 31.68 -3.34 -20.54
P3 SCA T . 33.00 -10.59 -16.76
O31 SCA T . 33.98 -9.87 -15.84
O32 SCA T . 31.70 -9.81 -16.75
O33 SCA T . 32.80 -11.99 -16.25
C8 SCA U . 51.01 16.68 5.16
N9 SCA U . 51.37 15.78 6.06
C4 SCA U . 51.12 16.32 7.28
C5 SCA U . 50.62 17.51 7.12
N7 SCA U . 50.55 17.75 5.79
N3 SCA U . 51.29 15.87 8.52
C2 SCA U . 50.96 16.63 9.59
N1 SCA U . 50.45 17.84 9.41
C6 SCA U . 50.28 18.29 8.20
N6 SCA U . 49.72 19.62 8.23
C1' SCA U . 51.92 14.49 5.78
C2' SCA U . 51.03 13.69 5.18
O2' SCA U . 50.10 13.05 6.14
C3' SCA U . 51.91 12.67 4.43
O3' SCA U . 52.52 11.79 5.22
C4' SCA U . 53.01 13.61 3.81
O4' SCA U . 53.10 14.64 4.64
C5' SCA U . 52.62 14.07 2.40
O5' SCA U . 51.65 15.05 2.46
P1 SCA U . 51.02 15.68 1.10
O11 SCA U . 51.48 17.12 0.95
O12 SCA U . 49.52 15.64 1.16
O6 SCA U . 51.60 14.80 -0.21
P2 SCA U . 50.91 13.43 -0.86
O21 SCA U . 49.42 13.63 -1.03
O22 SCA U . 51.16 12.23 0.04
O7 SCA U . 51.60 13.15 -2.40
P3 SCA U . 51.84 10.25 5.38
O31 SCA U . 52.48 9.56 6.57
O32 SCA U . 52.06 9.44 4.12
O33 SCA U . 50.38 10.36 5.69
C8 SCA V . 28.64 -5.52 41.10
N9 SCA V . 28.38 -4.37 40.49
C4 SCA V . 29.47 -3.56 40.68
C5 SCA V . 30.36 -4.22 41.40
N7 SCA V . 29.84 -5.44 41.67
N3 SCA V . 29.75 -2.32 40.29
C2 SCA V . 30.93 -1.75 40.63
N1 SCA V . 31.82 -2.42 41.36
C6 SCA V . 31.56 -3.64 41.75
N6 SCA V . 32.67 -4.17 42.52
C1' SCA V . 27.19 -4.04 39.76
C2' SCA V . 27.02 -4.82 38.66
O2' SCA V . 27.69 -4.26 37.45
C3' SCA V . 25.48 -4.88 38.45
O3' SCA V . 24.98 -3.79 37.87
C4' SCA V . 24.93 -4.92 39.92
O4' SCA V . 25.85 -4.31 40.66
C5' SCA V . 24.67 -6.38 40.33
O5' SCA V . 25.85 -7.09 40.53
P1 SCA V . 25.77 -8.66 41.01
O11 SCA V . 26.09 -8.83 42.48
O12 SCA V . 26.77 -9.47 40.19
O6 SCA V . 24.22 -9.23 40.76
P2 SCA V . 23.66 -9.90 39.34
O21 SCA V . 24.66 -10.87 38.75
O22 SCA V . 23.43 -8.81 38.32
O7 SCA V . 22.23 -10.71 39.75
P3 SCA V . 24.72 -3.79 36.21
O31 SCA V . 23.53 -4.65 35.86
O32 SCA V . 24.47 -2.37 35.75
O33 SCA V . 25.98 -4.35 35.59
C8 SCA W . 9.93 -28.79 17.19
N9 SCA W . 9.96 -28.39 15.91
C4 SCA W . 8.93 -27.54 15.72
C5 SCA W . 8.29 -27.43 16.87
N7 SCA W . 8.91 -28.20 17.79
N3 SCA W . 8.50 -26.85 14.65
C2 SCA W . 7.42 -26.06 14.75
N1 SCA W . 6.77 -25.95 15.92
C6 SCA W . 7.18 -26.62 16.98
N6 SCA W . 6.35 -26.36 18.12
C1' SCA W . 10.91 -28.76 14.89
C2' SCA W . 12.15 -28.36 15.20
O2' SCA W . 12.39 -26.96 14.82
C3' SCA W . 13.04 -29.33 14.40
O3' SCA W . 12.95 -29.08 13.12
C4' SCA W . 12.32 -30.71 14.57
O4' SCA W . 11.04 -30.39 14.72
C5' SCA W . 12.91 -31.48 15.75
O5' SCA W . 12.75 -30.79 16.92
P1 SCA W . 13.21 -31.44 18.34
O11 SCA W . 12.06 -32.14 19.03
O12 SCA W . 13.75 -30.35 19.24
O6 SCA W . 14.40 -32.57 18.01
P2 SCA W . 16.02 -32.17 17.93
O21 SCA W . 16.39 -30.87 18.96
O22 SCA W . 16.33 -31.78 16.51
O7 SCA W . 16.82 -33.37 18.37
P3 SCA W . 14.27 -28.35 12.39
O31 SCA W . 15.51 -29.20 12.56
O32 SCA W . 14.45 -27.01 13.04
O33 SCA W . 13.97 -28.21 10.91
C8 SCA X . 47.58 -31.63 20.97
N9 SCA X . 48.31 -30.77 20.24
C4 SCA X . 48.48 -31.30 19.00
C5 SCA X . 47.87 -32.47 18.98
N7 SCA X . 47.30 -32.67 20.19
N3 SCA X . 49.12 -30.85 17.92
C2 SCA X . 49.14 -31.60 16.79
N1 SCA X . 48.51 -32.78 16.76
C6 SCA X . 47.89 -33.22 17.84
N6 SCA X . 47.30 -34.52 17.58
C1' SCA X . 48.82 -29.50 20.65
C2' SCA X . 47.84 -28.64 20.97
O2' SCA X . 47.28 -27.96 19.77
C3' SCA X . 48.51 -27.65 21.96
O3' SCA X . 49.32 -26.79 21.39
C4' SCA X . 49.41 -28.62 22.80
O4' SCA X . 49.69 -29.65 22.02
C5' SCA X . 48.66 -29.02 24.06
O5' SCA X . 47.65 -29.91 23.71
P1 SCA X . 46.71 -30.51 24.89
O11 SCA X . 47.11 -31.93 25.24
O12 SCA X . 45.29 -30.47 24.37
O6 SCA X . 46.99 -29.57 26.26
P2 SCA X . 46.10 -28.22 26.65
O21 SCA X . 44.67 -28.47 26.25
O22 SCA X . 46.65 -27.02 25.92
O7 SCA X . 46.17 -27.98 28.34
P3 SCA X . 48.73 -25.29 20.94
O31 SCA X . 47.52 -25.50 20.05
O32 SCA X . 48.33 -24.45 22.15
O33 SCA X . 49.82 -24.60 20.17
#